data_5KDX
#
_entry.id   5KDX
#
_cell.length_a   99.410
_cell.length_b   133.100
_cell.length_c   103.780
_cell.angle_alpha   90.00
_cell.angle_beta   103.12
_cell.angle_gamma   90.00
#
_symmetry.space_group_name_H-M   'P 1 21 1'
#
loop_
_entity.id
_entity.type
_entity.pdbx_description
1 polymer Metallopeptidase
2 branched beta-D-galactopyranose-(1-3)-2-acetamido-2-deoxy-alpha-D-galactopyranose
3 non-polymer 'PHOSPHATE ION'
4 non-polymer 'ZINC ION'
5 non-polymer 1,2-ETHANEDIOL
6 non-polymer SERINE
7 water water
#
_entity_poly.entity_id   1
_entity_poly.type   'polypeptide(L)'
_entity_poly.pdbx_seq_one_letter_code
;MATQEEILDAALVSGDSSQLTDSHLVALRLQQQVERIRQTRTQLLDGLYQNLSQAYDPGAASMWVLPANPDNTLPFLIGD
KGRVLASLSLEAGGRGLAYGTNVLTQLSGTNAAHAPLLKRAVQWLVNGDPGAATAKDFKVSVVGVDKTAALNGLKSAGLQ
PADAACNALTDASCASTSKLLVLGNGASAASLSATVRARLQAGLPILFVHTNGWNQSSTGQQILAGLGLQEGPYGGNYWD
KDRVPSSRTRTRSVELGGAYGQDPALVQQIVDGSWRTDYDWSKCTSYVGRTTCDDVPGLSDFSKRVDVLKGALDAYNQKA
QNLFALPGTTSLRLWLLWADAVRQNIRYPMDKAADTARFQETFVADAIVGYVREAGAAQKELGSYAGQRQQSMPVSGSEE
TLTLTLPSAQGFTAIGRMAAPGKRLSIRIEDAGQASLAVGLNTQRIGSTRLWNTRQYDRPRFLKSPDIKLQANQSVALVS
PYGGLLQLVYSGATPGQTVTVKVTGAASQPFLDIQPGEDSSQAIADFIQALDADKADWLEIRSGSVEVHAKVEKVRGSID
KDYGGDVQRFIRELNEVFIDDAYTLAGFAIPNQAKTPAIQQECAARGWDCDSETLHKLPGTQHINVDQYAQCGGGCSGNP
YDQTWGLNPRGWGESHELGHNLQVNRLKVYGGRSGEISNQIFPLHKDWRVLREFGQNLDDTRVNYRNAYNLIVAGRAEAD
PLAGVYKRLWEDPGTYALNGERMAFYTQWVHYWADLKNDPLQGWDIWTLLYLHQRQVDKSDWDANKAALGYGTYAQRPGN
SGDASSTDGNDNLLLGLSWLTQRDQRPTFALWGIRTSAAAQAQVAAYGFAEQPAFFYANNRTNEYSTVKLLDMSQGSPAW
PFPLE
;
_entity_poly.pdbx_strand_id   A,B
#
loop_
_chem_comp.id
_chem_comp.type
_chem_comp.name
_chem_comp.formula
A2G D-saccharide, alpha linking 2-acetamido-2-deoxy-alpha-D-galactopyranose 'C8 H15 N O6'
EDO non-polymer 1,2-ETHANEDIOL 'C2 H6 O2'
GAL D-saccharide, beta linking beta-D-galactopyranose 'C6 H12 O6'
PO4 non-polymer 'PHOSPHATE ION' 'O4 P -3'
ZN non-polymer 'ZINC ION' 'Zn 2'
#
# COMPACT_ATOMS: atom_id res chain seq x y z
N ALA A 2 -11.31 -19.81 54.44
CA ALA A 2 -9.82 -19.69 54.35
C ALA A 2 -9.37 -18.34 54.88
N THR A 3 -8.15 -18.28 55.41
CA THR A 3 -7.62 -17.01 55.94
C THR A 3 -7.12 -16.10 54.82
N GLN A 4 -6.98 -14.83 55.15
CA GLN A 4 -6.42 -13.87 54.22
C GLN A 4 -5.03 -14.32 53.77
N GLU A 5 -4.25 -14.81 54.71
CA GLU A 5 -2.94 -15.40 54.44
C GLU A 5 -3.00 -16.49 53.36
N GLU A 6 -3.95 -17.41 53.52
CA GLU A 6 -4.11 -18.53 52.57
C GLU A 6 -4.57 -18.06 51.19
N ILE A 7 -5.40 -17.02 51.16
CA ILE A 7 -5.89 -16.48 49.89
C ILE A 7 -4.74 -15.84 49.11
N LEU A 8 -3.93 -15.06 49.82
CA LEU A 8 -2.81 -14.38 49.21
C LEU A 8 -1.81 -15.40 48.65
N ASP A 9 -1.50 -16.43 49.43
CA ASP A 9 -0.62 -17.51 48.95
C ASP A 9 -1.14 -18.08 47.64
N ALA A 10 -2.45 -18.26 47.54
CA ALA A 10 -3.05 -18.84 46.35
C ALA A 10 -2.97 -17.87 45.18
N ALA A 11 -3.44 -16.65 45.42
CA ALA A 11 -3.46 -15.60 44.40
C ALA A 11 -2.08 -15.28 43.80
N LEU A 12 -1.02 -15.41 44.59
CA LEU A 12 0.34 -15.28 44.07
C LEU A 12 0.64 -16.26 42.93
N VAL A 13 -0.05 -17.40 42.91
CA VAL A 13 0.11 -18.39 41.84
C VAL A 13 -0.92 -18.14 40.76
N SER A 14 -2.19 -18.03 41.16
CA SER A 14 -3.30 -17.98 40.19
C SER A 14 -3.63 -16.58 39.68
N GLY A 15 -3.30 -15.57 40.46
CA GLY A 15 -3.69 -14.21 40.14
C GLY A 15 -5.07 -13.81 40.62
N ASP A 16 -5.79 -14.73 41.28
CA ASP A 16 -7.18 -14.46 41.62
C ASP A 16 -7.33 -13.74 42.94
N SER A 17 -7.59 -12.45 42.85
CA SER A 17 -7.70 -11.61 44.03
C SER A 17 -9.14 -11.42 44.51
N SER A 18 -10.03 -12.29 44.08
CA SER A 18 -11.45 -12.12 44.38
C SER A 18 -11.80 -12.03 45.88
N GLN A 19 -11.06 -12.74 46.75
CA GLN A 19 -11.35 -12.74 48.20
C GLN A 19 -10.33 -11.94 49.01
N LEU A 20 -9.37 -11.35 48.33
CA LEU A 20 -8.28 -10.71 49.00
C LEU A 20 -8.66 -9.30 49.37
N THR A 21 -8.81 -9.04 50.68
CA THR A 21 -9.26 -7.72 51.21
C THR A 21 -8.25 -7.03 52.14
N ASP A 22 -7.31 -7.78 52.71
CA ASP A 22 -6.38 -7.29 53.74
C ASP A 22 -5.12 -6.72 53.08
N SER A 23 -5.19 -5.45 52.70
CA SER A 23 -4.09 -4.81 51.99
C SER A 23 -2.84 -4.59 52.87
N HIS A 24 -3.01 -4.49 54.19
CA HIS A 24 -1.85 -4.32 55.10
C HIS A 24 -1.04 -5.60 55.14
N LEU A 25 -1.73 -6.75 55.16
CA LEU A 25 -1.06 -8.04 55.06
C LEU A 25 -0.20 -8.10 53.80
N VAL A 26 -0.74 -7.67 52.65
CA VAL A 26 0.02 -7.75 51.38
C VAL A 26 1.21 -6.80 51.41
N ALA A 27 0.98 -5.62 51.96
CA ALA A 27 2.02 -4.62 52.12
C ALA A 27 3.20 -5.14 52.95
N LEU A 28 2.91 -5.86 54.04
CA LEU A 28 3.99 -6.45 54.85
C LEU A 28 4.82 -7.44 54.04
N ARG A 29 4.14 -8.29 53.24
CA ARG A 29 4.83 -9.29 52.42
C ARG A 29 5.70 -8.59 51.39
N LEU A 30 5.15 -7.55 50.79
CA LEU A 30 5.90 -6.75 49.84
C LEU A 30 7.14 -6.10 50.49
N GLN A 31 6.94 -5.57 51.71
CA GLN A 31 8.04 -4.96 52.47
C GLN A 31 9.25 -5.91 52.55
N GLN A 32 9.01 -7.17 52.92
CA GLN A 32 10.07 -8.16 53.05
C GLN A 32 10.62 -8.64 51.71
N GLN A 33 9.77 -8.72 50.70
CA GLN A 33 10.22 -9.13 49.38
C GLN A 33 11.25 -8.13 48.84
N VAL A 34 10.87 -6.85 48.87
CA VAL A 34 11.74 -5.75 48.45
C VAL A 34 13.05 -5.67 49.28
N GLU A 35 12.94 -5.97 50.58
CA GLU A 35 14.11 -5.95 51.46
C GLU A 35 15.07 -7.07 51.12
N ARG A 36 14.58 -8.27 50.78
CA ARG A 36 15.51 -9.34 50.40
C ARG A 36 16.13 -9.13 49.01
N ILE A 37 15.38 -8.56 48.08
CA ILE A 37 15.99 -8.09 46.85
C ILE A 37 17.13 -7.13 47.16
N ARG A 38 16.91 -6.17 48.06
CA ARG A 38 17.96 -5.21 48.40
C ARG A 38 19.19 -5.88 49.04
N GLN A 39 18.97 -6.80 49.98
CA GLN A 39 20.04 -7.57 50.60
C GLN A 39 20.88 -8.34 49.60
N THR A 40 20.24 -9.15 48.74
CA THR A 40 20.93 -9.90 47.69
C THR A 40 21.78 -8.99 46.85
N ARG A 41 21.17 -7.93 46.33
CA ARG A 41 21.88 -7.00 45.45
C ARG A 41 23.08 -6.34 46.11
N THR A 42 22.92 -5.90 47.36
CA THR A 42 23.96 -5.11 48.02
C THR A 42 25.14 -5.98 48.37
N GLN A 43 24.85 -7.21 48.79
CA GLN A 43 25.93 -8.13 49.11
C GLN A 43 26.72 -8.48 47.88
N LEU A 44 26.02 -8.73 46.77
CA LEU A 44 26.71 -9.00 45.51
C LEU A 44 27.60 -7.81 45.08
N LEU A 45 27.02 -6.63 44.97
CA LEU A 45 27.78 -5.47 44.50
C LEU A 45 29.02 -5.18 45.35
N ASP A 46 28.84 -5.25 46.67
CA ASP A 46 29.92 -4.99 47.62
C ASP A 46 31.07 -5.98 47.50
N GLY A 47 30.76 -7.22 47.17
CA GLY A 47 31.75 -8.25 46.91
C GLY A 47 32.45 -8.04 45.56
N LEU A 48 31.73 -7.49 44.59
CA LEU A 48 32.36 -7.14 43.32
C LEU A 48 33.29 -5.90 43.43
N TYR A 49 32.74 -4.76 43.88
CA TYR A 49 33.50 -3.51 43.85
C TYR A 49 34.69 -3.56 44.81
N GLN A 50 34.47 -4.14 45.98
CA GLN A 50 35.40 -4.01 47.12
C GLN A 50 35.83 -2.54 47.17
N ASN A 51 37.15 -2.28 47.31
CA ASN A 51 37.70 -0.95 47.18
C ASN A 51 38.44 -0.69 45.86
N LEU A 52 38.13 -1.42 44.80
CA LEU A 52 38.79 -1.19 43.51
C LEU A 52 38.19 0.04 42.84
N SER A 53 38.89 0.59 41.84
CA SER A 53 38.37 1.75 41.11
C SER A 53 37.18 1.33 40.26
N GLN A 54 36.14 2.16 40.26
CA GLN A 54 34.94 1.94 39.45
C GLN A 54 34.92 2.82 38.20
N ALA A 55 36.09 3.33 37.81
CA ALA A 55 36.17 4.16 36.62
C ALA A 55 35.74 3.32 35.43
N TYR A 56 34.69 3.78 34.75
CA TYR A 56 34.27 3.14 33.52
C TYR A 56 33.66 4.16 32.56
N ASP A 57 34.27 4.27 31.38
CA ASP A 57 33.83 5.20 30.36
C ASP A 57 33.61 4.46 29.03
N PRO A 58 32.34 4.30 28.63
CA PRO A 58 31.99 3.55 27.44
C PRO A 58 31.97 4.41 26.19
N GLY A 59 32.15 5.71 26.34
CA GLY A 59 32.06 6.63 25.21
C GLY A 59 30.63 6.86 24.75
N ALA A 60 30.51 7.77 23.80
CA ALA A 60 29.24 8.03 23.13
C ALA A 60 28.82 6.83 22.27
N ALA A 61 29.80 6.08 21.76
CA ALA A 61 29.56 4.89 20.90
C ALA A 61 29.31 3.65 21.76
N SER A 62 28.15 3.66 22.40
CA SER A 62 27.76 2.62 23.34
C SER A 62 26.28 2.72 23.59
N MET A 63 25.73 1.64 24.13
CA MET A 63 24.32 1.57 24.51
C MET A 63 24.23 1.46 26.02
N TRP A 64 23.07 1.86 26.56
CA TRP A 64 22.71 1.57 27.92
C TRP A 64 22.08 0.16 27.97
N VAL A 65 22.36 -0.55 29.06
CA VAL A 65 21.86 -1.91 29.26
C VAL A 65 21.19 -1.94 30.64
N LEU A 66 19.88 -2.14 30.64
CA LEU A 66 19.05 -1.97 31.83
C LEU A 66 18.47 -3.27 32.32
N PRO A 67 18.25 -3.39 33.63
CA PRO A 67 17.45 -4.48 34.14
C PRO A 67 16.05 -4.41 33.54
N ALA A 68 15.40 -5.56 33.44
CA ALA A 68 14.01 -5.63 33.02
C ALA A 68 13.23 -6.32 34.14
N ASN A 69 13.55 -7.57 34.41
CA ASN A 69 13.07 -8.26 35.61
C ASN A 69 13.86 -7.77 36.85
N PRO A 70 13.27 -6.90 37.68
CA PRO A 70 14.01 -6.32 38.81
C PRO A 70 14.26 -7.28 39.98
N ASP A 71 13.43 -8.29 40.15
CA ASP A 71 13.65 -9.26 41.23
C ASP A 71 14.97 -10.00 41.09
N ASN A 72 15.37 -10.34 39.87
CA ASN A 72 16.60 -11.13 39.64
C ASN A 72 17.64 -10.51 38.71
N THR A 73 17.54 -9.24 38.39
CA THR A 73 18.62 -8.55 37.68
C THR A 73 18.86 -7.22 38.35
N LEU A 74 20.03 -6.63 38.12
CA LEU A 74 20.41 -5.39 38.77
C LEU A 74 21.52 -4.66 38.01
N PRO A 75 21.65 -3.33 38.20
CA PRO A 75 22.76 -2.61 37.59
C PRO A 75 24.13 -2.96 38.18
N PHE A 76 25.18 -2.81 37.38
CA PHE A 76 26.57 -3.00 37.80
C PHE A 76 27.31 -1.68 37.75
N LEU A 77 27.14 -0.93 36.66
CA LEU A 77 27.77 0.39 36.53
C LEU A 77 26.72 1.40 36.14
N ILE A 78 26.39 2.28 37.08
CA ILE A 78 25.49 3.40 36.82
C ILE A 78 26.33 4.68 36.73
N GLY A 79 26.14 5.45 35.67
CA GLY A 79 26.96 6.64 35.44
C GLY A 79 26.52 7.82 36.29
N ASP A 80 27.34 8.86 36.37
CA ASP A 80 26.98 10.03 37.20
C ASP A 80 25.67 10.68 36.78
N LYS A 81 25.26 10.49 35.53
CA LYS A 81 23.96 10.98 35.07
C LYS A 81 22.82 9.97 35.23
N GLY A 82 23.08 8.84 35.89
CA GLY A 82 22.03 7.90 36.18
C GLY A 82 21.70 6.95 35.04
N ARG A 83 22.57 6.88 34.04
CA ARG A 83 22.41 5.92 32.97
C ARG A 83 23.04 4.58 33.35
N VAL A 84 22.31 3.50 33.12
CA VAL A 84 22.83 2.19 33.42
C VAL A 84 23.64 1.69 32.23
N LEU A 85 24.94 1.55 32.46
CA LEU A 85 25.91 1.25 31.42
C LEU A 85 26.38 -0.21 31.43
N ALA A 86 26.00 -0.95 32.45
CA ALA A 86 26.25 -2.37 32.49
C ALA A 86 25.35 -2.95 33.58
N SER A 87 24.78 -4.13 33.32
CA SER A 87 23.89 -4.79 34.27
C SER A 87 24.33 -6.22 34.56
N LEU A 88 23.94 -6.73 35.74
CA LEU A 88 24.18 -8.10 36.14
C LEU A 88 22.86 -8.89 36.07
N SER A 89 22.96 -10.21 35.84
CA SER A 89 21.77 -11.08 35.82
C SER A 89 21.91 -12.34 36.71
N LEU A 90 20.88 -12.59 37.51
CA LEU A 90 20.73 -13.82 38.30
C LEU A 90 19.52 -14.60 37.78
N GLU A 91 19.12 -14.31 36.55
CA GLU A 91 17.90 -14.88 35.95
C GLU A 91 17.99 -16.40 35.90
N ALA A 92 16.91 -17.05 36.30
CA ALA A 92 16.83 -18.49 36.29
C ALA A 92 17.94 -19.15 37.10
N GLY A 93 18.42 -18.46 38.15
CA GLY A 93 19.49 -19.00 39.01
C GLY A 93 20.90 -19.01 38.39
N GLY A 94 21.05 -18.47 37.18
CA GLY A 94 22.34 -18.47 36.54
C GLY A 94 23.13 -17.24 36.91
N ARG A 95 24.18 -16.96 36.13
CA ARG A 95 24.99 -15.75 36.32
C ARG A 95 25.36 -15.16 34.96
N GLY A 96 25.09 -13.87 34.77
CA GLY A 96 25.42 -13.19 33.54
C GLY A 96 25.79 -11.73 33.78
N LEU A 97 26.37 -11.10 32.77
CA LEU A 97 26.80 -9.73 32.87
C LEU A 97 26.82 -9.17 31.47
N ALA A 98 26.33 -7.95 31.32
CA ALA A 98 26.14 -7.35 30.03
C ALA A 98 26.67 -5.93 30.07
N TYR A 99 27.53 -5.60 29.10
CA TYR A 99 28.03 -4.23 28.93
C TYR A 99 27.47 -3.61 27.65
N GLY A 100 27.30 -2.30 27.66
CA GLY A 100 26.83 -1.59 26.47
C GLY A 100 27.87 -1.28 25.40
N THR A 101 29.08 -1.84 25.51
CA THR A 101 30.11 -1.69 24.48
C THR A 101 31.16 -2.78 24.67
N ASN A 102 32.08 -2.96 23.71
CA ASN A 102 33.04 -4.07 23.84
C ASN A 102 34.17 -3.64 24.74
N VAL A 103 33.92 -3.77 26.04
CA VAL A 103 34.89 -3.39 27.05
C VAL A 103 36.19 -4.19 26.96
N LEU A 104 36.08 -5.42 26.45
CA LEU A 104 37.24 -6.32 26.36
C LEU A 104 38.36 -5.83 25.42
N THR A 105 38.01 -4.94 24.50
CA THR A 105 38.99 -4.37 23.57
C THR A 105 39.56 -3.03 24.05
N GLN A 106 39.23 -2.64 25.28
CA GLN A 106 39.64 -1.36 25.81
C GLN A 106 40.35 -1.49 27.14
N LEU A 107 40.76 -2.71 27.49
CA LEU A 107 41.32 -2.99 28.82
C LEU A 107 42.80 -2.73 28.91
N SER A 108 43.45 -2.42 27.80
CA SER A 108 44.81 -1.88 27.87
C SER A 108 44.81 -0.46 27.32
N GLY A 109 43.63 0.13 27.11
CA GLY A 109 43.52 1.50 26.64
C GLY A 109 42.60 2.35 27.50
N THR A 110 41.49 2.77 26.91
CA THR A 110 40.56 3.71 27.54
C THR A 110 40.11 3.28 28.92
N ASN A 111 39.90 1.98 29.08
CA ASN A 111 39.37 1.43 30.30
C ASN A 111 40.38 0.49 30.94
N ALA A 112 41.66 0.84 30.82
CA ALA A 112 42.70 0.13 31.57
C ALA A 112 42.35 0.04 33.07
N ALA A 113 41.78 1.11 33.63
CA ALA A 113 41.49 1.18 35.08
C ALA A 113 40.35 0.26 35.54
N HIS A 114 39.55 -0.21 34.58
CA HIS A 114 38.48 -1.18 34.86
C HIS A 114 38.97 -2.62 35.06
N ALA A 115 40.13 -2.95 34.51
CA ALA A 115 40.65 -4.32 34.53
C ALA A 115 40.51 -5.05 35.86
N PRO A 116 41.04 -4.49 36.97
CA PRO A 116 40.84 -5.20 38.26
C PRO A 116 39.37 -5.48 38.58
N LEU A 117 38.48 -4.50 38.44
CA LEU A 117 37.05 -4.76 38.65
C LEU A 117 36.46 -5.89 37.74
N LEU A 118 36.81 -5.84 36.44
CA LEU A 118 36.41 -6.88 35.50
C LEU A 118 36.90 -8.26 35.93
N LYS A 119 38.10 -8.31 36.49
CA LYS A 119 38.63 -9.58 36.91
C LYS A 119 37.69 -10.21 37.95
N ARG A 120 37.31 -9.41 38.93
CA ARG A 120 36.43 -9.89 39.99
C ARG A 120 35.11 -10.35 39.35
N ALA A 121 34.64 -9.58 38.38
CA ALA A 121 33.37 -9.88 37.69
C ALA A 121 33.42 -11.22 36.97
N VAL A 122 34.52 -11.50 36.29
CA VAL A 122 34.70 -12.79 35.64
C VAL A 122 34.87 -13.89 36.69
N GLN A 123 35.56 -13.56 37.78
CA GLN A 123 35.74 -14.49 38.87
C GLN A 123 34.37 -14.85 39.39
N TRP A 124 33.50 -13.85 39.56
CA TRP A 124 32.10 -14.11 39.93
C TRP A 124 31.34 -14.98 38.91
N LEU A 125 31.45 -14.62 37.63
CA LEU A 125 30.76 -15.37 36.58
C LEU A 125 31.15 -16.86 36.60
N VAL A 126 32.44 -17.12 36.66
CA VAL A 126 32.92 -18.47 36.56
C VAL A 126 32.72 -19.25 37.85
N ASN A 127 32.91 -18.59 38.99
CA ASN A 127 32.94 -19.28 40.30
C ASN A 127 31.78 -19.03 41.24
N GLY A 128 30.96 -18.02 40.93
CA GLY A 128 29.91 -17.59 41.83
C GLY A 128 30.45 -16.79 43.00
N ASP A 129 31.71 -16.40 42.92
CA ASP A 129 32.35 -15.71 44.04
C ASP A 129 33.45 -14.79 43.48
N PRO A 130 33.23 -13.46 43.58
CA PRO A 130 34.12 -12.49 42.96
C PRO A 130 35.52 -12.49 43.55
N GLY A 131 35.71 -13.24 44.64
CA GLY A 131 37.01 -13.38 45.26
C GLY A 131 37.69 -14.71 44.98
N ALA A 132 37.09 -15.58 44.18
CA ALA A 132 37.72 -16.89 43.93
C ALA A 132 38.42 -16.93 42.58
N ALA A 133 39.73 -17.14 42.61
CA ALA A 133 40.53 -17.22 41.41
C ALA A 133 39.94 -18.21 40.41
N THR A 134 39.99 -17.87 39.13
CA THR A 134 39.70 -18.83 38.07
C THR A 134 40.92 -19.72 37.92
N ALA A 135 40.73 -20.94 37.43
CA ALA A 135 41.88 -21.81 37.21
C ALA A 135 42.62 -21.40 35.93
N LYS A 136 43.89 -21.74 35.84
CA LYS A 136 44.65 -21.50 34.63
C LYS A 136 44.04 -22.28 33.46
N ASP A 137 44.02 -21.65 32.30
CA ASP A 137 43.44 -22.20 31.05
C ASP A 137 41.96 -22.54 31.12
N PHE A 138 41.22 -21.82 31.95
CA PHE A 138 39.77 -22.01 31.97
C PHE A 138 39.15 -21.77 30.58
N LYS A 139 38.35 -22.74 30.12
CA LYS A 139 37.84 -22.75 28.77
C LYS A 139 36.74 -21.72 28.54
N VAL A 140 36.96 -20.86 27.55
CA VAL A 140 36.04 -19.79 27.19
C VAL A 140 35.59 -19.95 25.74
N SER A 141 34.28 -20.09 25.54
CA SER A 141 33.70 -20.09 24.19
C SER A 141 33.36 -18.66 23.81
N VAL A 142 33.78 -18.20 22.64
CA VAL A 142 33.50 -16.83 22.17
C VAL A 142 32.69 -16.88 20.88
N VAL A 143 31.49 -16.33 20.92
CA VAL A 143 30.56 -16.44 19.81
C VAL A 143 29.96 -15.09 19.43
N GLY A 144 30.10 -14.70 18.17
CA GLY A 144 29.42 -13.52 17.65
C GLY A 144 30.21 -12.24 17.82
N VAL A 145 31.50 -12.38 18.12
CA VAL A 145 32.41 -11.26 18.36
C VAL A 145 33.84 -11.81 18.21
N ASP A 146 34.85 -10.99 17.88
CA ASP A 146 36.15 -11.56 17.54
C ASP A 146 36.83 -12.30 18.70
N LYS A 147 37.24 -13.54 18.44
CA LYS A 147 37.74 -14.43 19.46
C LYS A 147 39.06 -13.98 20.06
N THR A 148 40.02 -13.72 19.22
CA THR A 148 41.37 -13.41 19.69
C THR A 148 41.44 -12.13 20.52
N ALA A 149 40.71 -11.11 20.11
CA ALA A 149 40.72 -9.85 20.83
C ALA A 149 40.04 -10.05 22.17
N ALA A 150 38.95 -10.81 22.17
CA ALA A 150 38.25 -11.09 23.41
C ALA A 150 39.17 -11.80 24.40
N LEU A 151 39.75 -12.92 23.98
CA LEU A 151 40.65 -13.65 24.85
C LEU A 151 41.85 -12.80 25.29
N ASN A 152 42.36 -11.95 24.41
CA ASN A 152 43.45 -11.08 24.79
C ASN A 152 43.04 -10.05 25.83
N GLY A 153 41.83 -9.53 25.72
CA GLY A 153 41.29 -8.59 26.69
C GLY A 153 41.26 -9.22 28.07
N LEU A 154 40.63 -10.38 28.14
CA LEU A 154 40.58 -11.12 29.40
C LEU A 154 41.99 -11.31 29.95
N LYS A 155 42.96 -11.61 29.09
CA LYS A 155 44.32 -11.80 29.53
C LYS A 155 44.89 -10.49 30.04
N SER A 156 44.55 -9.39 29.41
CA SER A 156 44.93 -8.07 29.91
C SER A 156 44.44 -7.81 31.32
N ALA A 157 43.34 -8.44 31.76
CA ALA A 157 42.80 -8.21 33.09
C ALA A 157 43.44 -9.08 34.16
N GLY A 158 44.50 -9.80 33.81
CA GLY A 158 45.14 -10.71 34.75
C GLY A 158 44.55 -12.12 34.79
N LEU A 159 43.77 -12.48 33.77
CA LEU A 159 43.16 -13.81 33.70
C LEU A 159 43.90 -14.71 32.70
N GLN A 160 43.88 -16.02 32.90
CA GLN A 160 44.52 -16.92 31.93
C GLN A 160 43.55 -17.89 31.24
N PRO A 161 42.64 -17.35 30.41
CA PRO A 161 41.70 -18.22 29.71
C PRO A 161 42.32 -19.04 28.60
N ALA A 162 41.60 -20.08 28.18
CA ALA A 162 41.94 -20.87 27.02
C ALA A 162 40.75 -20.90 26.05
N ASP A 163 41.05 -20.91 24.76
CA ASP A 163 40.03 -21.10 23.75
C ASP A 163 39.40 -22.47 23.93
N ALA A 164 38.10 -22.48 24.25
CA ALA A 164 37.34 -23.72 24.33
C ALA A 164 37.25 -24.38 22.96
N ALA A 165 37.26 -23.55 21.91
CA ALA A 165 37.31 -24.01 20.53
C ALA A 165 36.01 -24.64 20.06
N CYS A 166 34.91 -24.31 20.73
CA CYS A 166 33.59 -24.79 20.32
C CYS A 166 32.58 -23.68 20.57
N ASN A 167 31.36 -23.85 20.06
CA ASN A 167 30.29 -22.85 20.17
C ASN A 167 29.32 -23.23 21.28
N ALA A 168 29.49 -22.61 22.45
CA ALA A 168 28.67 -22.94 23.61
C ALA A 168 27.26 -22.37 23.55
N LEU A 169 27.01 -21.44 22.62
CA LEU A 169 25.64 -20.98 22.39
C LEU A 169 24.79 -22.07 21.74
N THR A 170 25.33 -22.72 20.70
CA THR A 170 24.54 -23.72 19.94
C THR A 170 24.86 -25.19 20.20
N ASP A 171 26.10 -25.50 20.62
CA ASP A 171 26.50 -26.86 20.98
C ASP A 171 26.31 -27.15 22.51
N ALA A 172 25.36 -28.04 22.84
CA ALA A 172 25.07 -28.38 24.26
C ALA A 172 26.24 -29.05 24.98
N SER A 173 27.00 -29.85 24.24
CA SER A 173 28.17 -30.50 24.78
C SER A 173 29.24 -29.45 25.11
N CYS A 174 29.40 -28.49 24.23
CA CYS A 174 30.29 -27.39 24.46
C CYS A 174 29.88 -26.57 25.69
N ALA A 175 28.59 -26.31 25.85
CA ALA A 175 28.11 -25.54 26.98
C ALA A 175 28.45 -26.19 28.31
N SER A 176 28.27 -27.51 28.38
CA SER A 176 28.48 -28.23 29.62
C SER A 176 29.95 -28.27 30.08
N THR A 177 30.90 -28.15 29.15
CA THR A 177 32.31 -28.13 29.52
C THR A 177 32.95 -26.73 29.52
N SER A 178 32.33 -25.77 28.86
CA SER A 178 32.86 -24.42 28.83
C SER A 178 32.62 -23.78 30.22
N LYS A 179 33.55 -22.95 30.66
CA LYS A 179 33.46 -22.26 31.95
C LYS A 179 32.87 -20.83 31.85
N LEU A 180 33.02 -20.20 30.68
CA LEU A 180 32.36 -18.93 30.37
C LEU A 180 32.00 -18.86 28.88
N LEU A 181 30.88 -18.19 28.55
CA LEU A 181 30.53 -17.86 27.18
C LEU A 181 30.54 -16.34 27.01
N VAL A 182 31.19 -15.88 25.96
CA VAL A 182 31.22 -14.48 25.59
C VAL A 182 30.40 -14.30 24.31
N LEU A 183 29.37 -13.45 24.36
CA LEU A 183 28.47 -13.21 23.24
C LEU A 183 28.56 -11.76 22.77
N GLY A 184 28.51 -11.58 21.46
CA GLY A 184 28.34 -10.28 20.83
C GLY A 184 27.28 -10.43 19.76
N ASN A 185 27.00 -9.35 19.03
CA ASN A 185 25.84 -9.31 18.15
C ASN A 185 25.99 -9.93 16.76
N GLY A 186 27.10 -10.63 16.52
CA GLY A 186 27.24 -11.37 15.29
C GLY A 186 26.73 -12.79 15.43
N ALA A 187 26.05 -13.11 16.53
CA ALA A 187 25.76 -14.52 16.79
C ALA A 187 24.61 -15.05 15.94
N SER A 188 24.60 -16.37 15.74
CA SER A 188 23.49 -17.04 15.08
C SER A 188 22.96 -18.18 15.97
N ALA A 189 21.63 -18.30 16.06
CA ALA A 189 20.98 -19.43 16.76
C ALA A 189 19.45 -19.44 16.60
N ALA A 190 18.89 -20.64 16.65
CA ALA A 190 17.44 -20.81 16.75
C ALA A 190 16.99 -20.24 18.07
N SER A 191 15.83 -19.55 18.08
CA SER A 191 15.18 -19.12 19.32
C SER A 191 16.18 -18.43 20.28
N LEU A 192 16.80 -17.38 19.78
CA LEU A 192 17.97 -16.82 20.44
C LEU A 192 17.74 -16.51 21.93
N SER A 193 16.64 -15.83 22.25
CA SER A 193 16.31 -15.49 23.65
C SER A 193 16.11 -16.71 24.54
N ALA A 194 15.41 -17.70 24.01
CA ALA A 194 15.11 -18.93 24.75
C ALA A 194 16.36 -19.75 24.94
N THR A 195 17.15 -19.83 23.88
CA THR A 195 18.42 -20.53 23.92
C THR A 195 19.31 -19.94 25.02
N VAL A 196 19.43 -18.61 25.04
CA VAL A 196 20.23 -17.90 26.03
C VAL A 196 19.69 -18.22 27.43
N ARG A 197 18.39 -18.13 27.59
CA ARG A 197 17.80 -18.39 28.89
C ARG A 197 18.15 -19.80 29.32
N ALA A 198 18.00 -20.78 28.44
CA ALA A 198 18.20 -22.18 28.84
C ALA A 198 19.65 -22.48 29.24
N ARG A 199 20.60 -21.84 28.55
CA ARG A 199 22.02 -22.01 28.92
C ARG A 199 22.30 -21.41 30.31
N LEU A 200 21.76 -20.22 30.52
CA LEU A 200 21.92 -19.50 31.78
C LEU A 200 21.43 -20.39 32.92
N GLN A 201 20.22 -20.85 32.76
CA GLN A 201 19.55 -21.68 33.74
C GLN A 201 20.26 -23.03 34.01
N ALA A 202 20.94 -23.59 33.02
CA ALA A 202 21.73 -24.84 33.22
C ALA A 202 23.15 -24.58 33.72
N GLY A 203 23.51 -23.32 33.91
CA GLY A 203 24.73 -22.99 34.65
C GLY A 203 25.88 -22.42 33.85
N LEU A 204 25.70 -22.29 32.53
CA LEU A 204 26.68 -21.57 31.71
C LEU A 204 26.63 -20.08 32.06
N PRO A 205 27.73 -19.55 32.61
CA PRO A 205 27.89 -18.10 32.79
C PRO A 205 28.12 -17.39 31.46
N ILE A 206 27.48 -16.23 31.29
CA ILE A 206 27.46 -15.53 30.02
C ILE A 206 27.96 -14.12 30.22
N LEU A 207 28.83 -13.67 29.34
CA LEU A 207 29.29 -12.30 29.33
C LEU A 207 28.90 -11.71 28.00
N PHE A 208 28.03 -10.70 27.98
CA PHE A 208 27.60 -10.08 26.74
C PHE A 208 28.22 -8.72 26.55
N VAL A 209 28.83 -8.47 25.37
CA VAL A 209 29.27 -7.12 24.98
C VAL A 209 28.51 -6.63 23.75
N HIS A 210 27.96 -5.43 23.83
CA HIS A 210 27.29 -4.83 22.69
C HIS A 210 28.37 -4.40 21.73
N THR A 211 28.22 -4.76 20.46
CA THR A 211 29.27 -4.55 19.44
C THR A 211 28.86 -3.57 18.32
N ASN A 212 27.82 -2.78 18.52
CA ASN A 212 27.31 -1.88 17.46
C ASN A 212 27.26 -0.41 17.92
N GLY A 213 28.12 -0.06 18.88
CA GLY A 213 28.21 1.31 19.38
C GLY A 213 26.89 1.93 19.80
N TRP A 214 26.54 3.08 19.23
CA TRP A 214 25.31 3.75 19.63
C TRP A 214 24.12 3.24 18.83
N ASN A 215 24.33 2.24 17.96
CA ASN A 215 23.21 1.63 17.23
C ASN A 215 22.55 0.56 18.06
N GLN A 216 21.26 0.38 17.86
CA GLN A 216 20.55 -0.71 18.48
C GLN A 216 20.80 -2.02 17.70
N SER A 217 20.59 -3.17 18.35
CA SER A 217 20.72 -4.47 17.69
C SER A 217 19.61 -5.38 18.16
N SER A 218 18.87 -5.98 17.23
CA SER A 218 17.84 -6.94 17.59
C SER A 218 18.46 -8.19 18.18
N THR A 219 19.57 -8.63 17.59
CA THR A 219 20.31 -9.79 18.12
C THR A 219 20.62 -9.55 19.60
N GLY A 220 21.14 -8.36 19.90
CA GLY A 220 21.46 -7.96 21.26
C GLY A 220 20.25 -7.94 22.16
N GLN A 221 19.20 -7.27 21.71
CA GLN A 221 17.94 -7.19 22.45
C GLN A 221 17.42 -8.58 22.83
N GLN A 222 17.61 -9.54 21.92
CA GLN A 222 17.15 -10.91 22.11
C GLN A 222 18.09 -11.62 23.09
N ILE A 223 19.39 -11.35 23.00
CA ILE A 223 20.33 -11.91 23.99
C ILE A 223 20.02 -11.35 25.37
N LEU A 224 19.90 -10.02 25.44
CA LEU A 224 19.57 -9.37 26.70
C LEU A 224 18.27 -9.92 27.31
N ALA A 225 17.21 -10.02 26.50
CA ALA A 225 15.94 -10.55 26.99
C ALA A 225 16.10 -11.99 27.50
N GLY A 226 17.04 -12.72 26.90
CA GLY A 226 17.45 -14.01 27.44
C GLY A 226 18.00 -13.93 28.86
N LEU A 227 18.66 -12.81 29.18
CA LEU A 227 19.26 -12.60 30.50
C LEU A 227 18.34 -11.88 31.48
N GLY A 228 17.15 -11.50 31.01
CA GLY A 228 16.25 -10.68 31.83
C GLY A 228 16.69 -9.23 31.85
N LEU A 229 17.37 -8.81 30.80
CA LEU A 229 17.83 -7.45 30.64
C LEU A 229 17.20 -6.88 29.40
N GLN A 230 17.47 -5.60 29.13
CA GLN A 230 16.95 -4.94 27.94
C GLN A 230 17.87 -3.83 27.47
N GLU A 231 17.84 -3.59 26.17
CA GLU A 231 18.63 -2.54 25.57
C GLU A 231 17.96 -1.21 25.89
N GLY A 232 18.75 -0.15 26.04
CA GLY A 232 18.22 1.19 26.29
C GLY A 232 17.58 1.81 25.05
N PRO A 233 17.09 3.06 25.16
CA PRO A 233 16.45 3.72 24.01
C PRO A 233 17.37 4.12 22.86
N TYR A 234 16.76 4.36 21.69
CA TYR A 234 17.43 4.96 20.53
C TYR A 234 18.48 6.04 20.92
N GLY A 235 19.63 5.97 20.28
CA GLY A 235 20.71 6.91 20.52
C GLY A 235 21.79 6.43 21.47
N GLY A 236 21.47 5.50 22.36
CA GLY A 236 22.47 5.04 23.29
C GLY A 236 23.04 6.20 24.09
N ASN A 237 24.34 6.14 24.33
CA ASN A 237 25.06 7.13 25.15
C ASN A 237 25.49 8.39 24.36
N TYR A 238 25.25 8.41 23.06
CA TYR A 238 25.65 9.50 22.17
C TYR A 238 25.62 10.93 22.75
N TRP A 239 24.44 11.34 23.23
CA TRP A 239 24.22 12.70 23.70
C TRP A 239 24.79 12.94 25.11
N ASP A 240 24.47 12.04 26.06
CA ASP A 240 24.89 12.22 27.45
C ASP A 240 26.34 11.87 27.70
N LYS A 241 26.86 10.85 27.01
CA LYS A 241 28.24 10.42 27.17
C LYS A 241 28.58 10.04 28.61
N ASP A 242 27.63 9.45 29.31
CA ASP A 242 27.77 9.12 30.74
C ASP A 242 28.95 8.15 31.04
N ARG A 243 29.38 8.15 32.30
CA ARG A 243 30.47 7.32 32.76
C ARG A 243 30.48 7.34 34.29
N VAL A 244 31.26 6.45 34.87
CA VAL A 244 31.47 6.44 36.31
C VAL A 244 32.85 6.97 36.56
N PRO A 245 32.98 8.01 37.40
CA PRO A 245 34.31 8.59 37.59
C PRO A 245 35.15 7.83 38.63
N SER A 246 36.47 7.95 38.52
CA SER A 246 37.42 7.44 39.54
C SER A 246 37.02 7.69 41.01
N SER A 247 36.34 8.81 41.29
CA SER A 247 35.93 9.17 42.66
C SER A 247 34.72 8.39 43.21
N ARG A 248 33.94 7.76 42.33
CA ARG A 248 32.80 6.97 42.78
C ARG A 248 33.21 6.03 43.91
N THR A 249 32.48 6.08 45.02
CA THR A 249 32.78 5.23 46.18
C THR A 249 32.07 3.88 46.11
N ARG A 250 32.63 2.93 46.82
CA ARG A 250 32.00 1.65 47.11
C ARG A 250 30.58 1.84 47.69
N THR A 251 30.47 2.65 48.71
CA THR A 251 29.21 2.82 49.45
C THR A 251 28.11 3.36 48.55
N ARG A 252 28.46 4.37 47.78
CA ARG A 252 27.54 5.04 46.87
C ARG A 252 26.95 4.09 45.80
N SER A 253 27.80 3.35 45.10
CA SER A 253 27.33 2.48 44.01
C SER A 253 26.52 1.34 44.61
N VAL A 254 26.99 0.84 45.75
CA VAL A 254 26.30 -0.26 46.41
C VAL A 254 24.88 0.20 46.71
N GLU A 255 24.78 1.43 47.19
CA GLU A 255 23.52 2.00 47.58
C GLU A 255 22.59 2.23 46.35
N LEU A 256 23.13 2.78 45.26
CA LEU A 256 22.35 3.03 44.06
C LEU A 256 21.81 1.73 43.48
N GLY A 257 22.67 0.70 43.44
CA GLY A 257 22.30 -0.61 42.95
C GLY A 257 21.15 -1.22 43.72
N GLY A 258 21.16 -1.10 45.04
CA GLY A 258 20.08 -1.70 45.84
C GLY A 258 18.76 -1.00 45.64
N ALA A 259 18.84 0.31 45.39
CA ALA A 259 17.69 1.21 45.29
C ALA A 259 17.12 1.33 43.88
N TYR A 260 17.85 0.89 42.87
CA TYR A 260 17.46 1.15 41.49
C TYR A 260 16.15 0.46 41.15
N GLY A 261 15.18 1.25 40.67
CA GLY A 261 13.88 0.73 40.30
C GLY A 261 13.07 0.17 41.46
N GLN A 262 13.41 0.55 42.69
CA GLN A 262 12.72 0.05 43.86
C GLN A 262 12.41 1.19 44.77
N ASP A 263 11.29 1.07 45.48
CA ASP A 263 10.81 2.17 46.32
C ASP A 263 10.42 1.66 47.70
N PRO A 264 11.43 1.34 48.53
CA PRO A 264 11.14 0.86 49.87
C PRO A 264 10.52 1.93 50.76
N ALA A 265 10.87 3.19 50.52
CA ALA A 265 10.24 4.25 51.28
C ALA A 265 8.72 4.30 50.98
N LEU A 266 8.33 4.20 49.72
CA LEU A 266 6.87 4.14 49.39
C LEU A 266 6.19 2.92 50.01
N VAL A 267 6.88 1.78 50.05
CA VAL A 267 6.29 0.58 50.66
C VAL A 267 6.14 0.81 52.16
N GLN A 268 7.16 1.38 52.81
CA GLN A 268 7.04 1.68 54.24
C GLN A 268 5.84 2.57 54.54
N GLN A 269 5.67 3.62 53.74
CA GLN A 269 4.57 4.56 53.90
C GLN A 269 3.22 3.86 53.84
N ILE A 270 3.11 2.86 52.95
CA ILE A 270 1.87 2.10 52.83
C ILE A 270 1.66 1.34 54.13
N VAL A 271 2.73 0.69 54.58
CA VAL A 271 2.67 -0.17 55.76
C VAL A 271 2.24 0.61 57.00
N ASP A 272 2.93 1.69 57.28
CA ASP A 272 2.69 2.48 58.48
C ASP A 272 1.49 3.38 58.32
N GLY A 273 1.04 3.60 57.09
CA GLY A 273 -0.03 4.56 56.80
C GLY A 273 0.43 5.99 57.00
N SER A 274 1.73 6.24 56.83
CA SER A 274 2.31 7.52 57.18
C SER A 274 2.14 8.53 56.04
N TRP A 275 0.91 8.73 55.62
CA TRP A 275 0.62 9.63 54.51
C TRP A 275 0.83 11.10 54.92
N ARG A 276 1.23 11.93 53.96
CA ARG A 276 1.54 13.31 54.24
C ARG A 276 0.29 14.16 54.59
N THR A 277 0.32 14.76 55.78
CA THR A 277 -0.79 15.55 56.29
C THR A 277 -0.61 17.04 56.09
N ASP A 278 0.52 17.47 55.55
CA ASP A 278 0.78 18.91 55.47
C ASP A 278 1.07 19.42 54.08
N TYR A 279 0.58 18.75 53.03
CA TYR A 279 0.73 19.29 51.67
C TYR A 279 0.12 20.70 51.63
N ASP A 280 0.80 21.65 50.99
CA ASP A 280 0.29 23.03 50.89
C ASP A 280 -0.65 23.26 49.70
N TRP A 281 -1.94 22.99 49.90
CA TRP A 281 -2.91 23.01 48.80
C TRP A 281 -3.16 24.41 48.25
N SER A 282 -2.86 25.45 49.02
CA SER A 282 -3.02 26.82 48.56
C SER A 282 -2.25 27.06 47.26
N LYS A 283 -1.27 26.21 46.95
CA LYS A 283 -0.53 26.32 45.69
C LYS A 283 -1.20 25.65 44.49
N CYS A 284 -2.29 24.94 44.70
CA CYS A 284 -3.06 24.46 43.55
C CYS A 284 -3.61 25.68 42.82
N THR A 285 -3.87 25.50 41.54
CA THR A 285 -4.48 26.55 40.77
C THR A 285 -5.64 25.94 40.00
N SER A 286 -6.44 26.84 39.44
CA SER A 286 -7.69 26.49 38.83
C SER A 286 -7.83 27.18 37.46
N TYR A 287 -8.29 26.43 36.46
CA TYR A 287 -8.43 26.93 35.11
C TYR A 287 -9.71 26.38 34.50
N VAL A 288 -10.69 27.26 34.33
CA VAL A 288 -12.02 26.94 33.78
C VAL A 288 -12.67 25.80 34.55
N GLY A 289 -12.68 25.94 35.88
CA GLY A 289 -13.29 24.94 36.76
C GLY A 289 -12.44 23.72 37.14
N ARG A 290 -11.28 23.56 36.51
CA ARG A 290 -10.46 22.39 36.74
C ARG A 290 -9.24 22.71 37.65
N THR A 291 -9.24 22.18 38.87
CA THR A 291 -8.09 22.37 39.76
C THR A 291 -6.94 21.44 39.39
N THR A 292 -5.71 21.97 39.28
CA THR A 292 -4.49 21.14 39.31
C THR A 292 -3.49 21.64 40.34
N CYS A 293 -2.54 20.80 40.70
CA CYS A 293 -1.64 21.09 41.82
C CYS A 293 -0.16 20.82 41.53
N ASP A 294 0.28 21.08 40.29
CA ASP A 294 1.65 20.76 39.90
C ASP A 294 2.71 21.40 40.81
N ASP A 295 2.38 22.54 41.42
CA ASP A 295 3.38 23.36 42.15
C ASP A 295 3.25 23.26 43.67
N VAL A 296 2.50 22.28 44.16
CA VAL A 296 2.46 22.00 45.57
C VAL A 296 3.76 21.27 45.88
N PRO A 297 4.61 21.86 46.75
CA PRO A 297 5.92 21.25 47.03
C PRO A 297 5.82 19.79 47.42
N GLY A 298 6.68 18.98 46.81
CA GLY A 298 6.70 17.56 47.04
C GLY A 298 5.77 16.72 46.17
N LEU A 299 4.72 17.33 45.63
CA LEU A 299 3.65 16.53 45.02
C LEU A 299 4.09 15.82 43.77
N SER A 300 4.82 16.51 42.92
CA SER A 300 5.28 15.92 41.67
C SER A 300 6.29 14.78 41.84
N ASP A 301 7.15 14.89 42.86
CA ASP A 301 8.12 13.83 43.14
C ASP A 301 7.41 12.59 43.59
N PHE A 302 6.39 12.76 44.44
CA PHE A 302 5.55 11.66 44.84
C PHE A 302 4.90 11.01 43.63
N SER A 303 4.23 11.83 42.83
CA SER A 303 3.49 11.32 41.67
C SER A 303 4.39 10.70 40.66
N LYS A 304 5.60 11.21 40.54
CA LYS A 304 6.52 10.62 39.55
C LYS A 304 7.03 9.26 40.01
N ARG A 305 7.15 9.04 41.33
CA ARG A 305 7.50 7.72 41.86
C ARG A 305 6.36 6.72 41.66
N VAL A 306 5.13 7.19 41.75
CA VAL A 306 4.02 6.34 41.42
C VAL A 306 3.99 5.99 39.91
N ASP A 307 4.31 6.96 39.05
CA ASP A 307 4.42 6.71 37.59
C ASP A 307 5.40 5.59 37.25
N VAL A 308 6.45 5.41 38.06
CA VAL A 308 7.43 4.35 37.82
C VAL A 308 6.73 3.00 37.86
N LEU A 309 5.95 2.77 38.92
CA LEU A 309 5.25 1.50 39.14
C LEU A 309 4.20 1.24 38.09
N LYS A 310 3.56 2.31 37.64
CA LYS A 310 2.53 2.22 36.60
C LYS A 310 3.17 1.81 35.27
N GLY A 311 4.22 2.54 34.88
CA GLY A 311 5.01 2.19 33.70
C GLY A 311 5.49 0.76 33.77
N ALA A 312 5.97 0.35 34.93
CA ALA A 312 6.47 -1.03 35.09
C ALA A 312 5.41 -2.08 34.76
N LEU A 313 4.25 -1.97 35.37
CA LEU A 313 3.18 -2.92 35.13
C LEU A 313 2.50 -2.72 33.76
N ASP A 314 2.42 -1.49 33.28
CA ASP A 314 1.78 -1.24 31.98
C ASP A 314 2.59 -1.76 30.79
N ALA A 315 3.88 -1.96 30.99
CA ALA A 315 4.70 -2.60 29.99
C ALA A 315 4.17 -4.02 29.77
N TYR A 316 3.78 -4.70 30.85
CA TYR A 316 3.18 -6.03 30.74
C TYR A 316 1.79 -5.99 30.09
N ASN A 317 0.98 -4.99 30.46
CA ASN A 317 -0.33 -4.82 29.84
C ASN A 317 -0.21 -4.58 28.32
N GLN A 318 0.71 -3.70 27.93
CA GLN A 318 0.89 -3.37 26.53
C GLN A 318 1.30 -4.53 25.65
N LYS A 319 2.02 -5.48 26.23
CA LYS A 319 2.50 -6.61 25.46
C LYS A 319 1.65 -7.86 25.67
N ALA A 320 0.49 -7.69 26.28
CA ALA A 320 -0.48 -8.78 26.52
C ALA A 320 0.12 -9.91 27.31
N GLN A 321 1.03 -9.58 28.23
CA GLN A 321 1.71 -10.58 29.06
C GLN A 321 1.01 -10.74 30.40
N ASN A 322 0.71 -11.99 30.75
CA ASN A 322 0.14 -12.32 32.05
C ASN A 322 1.26 -12.47 33.08
N LEU A 323 1.27 -11.53 34.03
CA LEU A 323 2.31 -11.42 35.01
C LEU A 323 2.48 -12.69 35.85
N PHE A 324 1.35 -13.32 36.19
CA PHE A 324 1.35 -14.51 37.03
C PHE A 324 1.80 -15.77 36.27
N ALA A 325 2.11 -15.65 35.00
CA ALA A 325 2.58 -16.77 34.22
C ALA A 325 4.06 -16.65 33.92
N LEU A 326 4.67 -15.56 34.36
CA LEU A 326 6.05 -15.23 34.04
C LEU A 326 6.89 -15.29 35.29
N PRO A 327 7.93 -16.14 35.28
CA PRO A 327 8.57 -16.43 36.55
C PRO A 327 9.46 -15.27 37.01
N GLY A 328 9.75 -15.21 38.30
CA GLY A 328 10.55 -14.13 38.85
C GLY A 328 9.87 -12.76 38.88
N THR A 329 8.55 -12.73 39.03
CA THR A 329 7.81 -11.45 39.04
C THR A 329 7.10 -11.15 40.39
N THR A 330 7.57 -11.80 41.46
CA THR A 330 6.95 -11.76 42.78
C THR A 330 6.72 -10.35 43.35
N SER A 331 7.69 -9.43 43.20
CA SER A 331 7.49 -8.02 43.68
C SER A 331 6.28 -7.36 43.02
N LEU A 332 6.22 -7.51 41.70
CA LEU A 332 5.21 -6.86 40.90
C LEU A 332 3.88 -7.57 41.14
N ARG A 333 3.89 -8.89 41.23
CA ARG A 333 2.69 -9.63 41.67
C ARG A 333 2.12 -9.04 42.99
N LEU A 334 3.02 -8.79 43.96
CA LEU A 334 2.61 -8.26 45.27
C LEU A 334 2.09 -6.84 45.21
N TRP A 335 2.69 -5.99 44.37
CA TRP A 335 2.14 -4.65 44.12
C TRP A 335 0.71 -4.76 43.55
N LEU A 336 0.55 -5.68 42.61
CA LEU A 336 -0.71 -5.86 41.92
C LEU A 336 -1.78 -6.38 42.85
N LEU A 337 -1.46 -7.40 43.63
CA LEU A 337 -2.42 -7.95 44.57
C LEU A 337 -2.70 -6.95 45.69
N TRP A 338 -1.71 -6.15 46.06
CA TRP A 338 -1.97 -5.12 47.05
C TRP A 338 -3.04 -4.16 46.48
N ALA A 339 -2.78 -3.68 45.28
CA ALA A 339 -3.67 -2.71 44.64
C ALA A 339 -5.09 -3.25 44.48
N ASP A 340 -5.24 -4.53 44.12
CA ASP A 340 -6.56 -5.14 44.01
C ASP A 340 -7.21 -5.19 45.40
N ALA A 341 -6.41 -5.40 46.45
CA ALA A 341 -7.00 -5.44 47.80
C ALA A 341 -7.44 -4.04 48.26
N VAL A 342 -6.67 -3.03 47.90
CA VAL A 342 -7.09 -1.66 48.18
C VAL A 342 -8.45 -1.34 47.53
N ARG A 343 -8.61 -1.74 46.26
CA ARG A 343 -9.88 -1.58 45.53
C ARG A 343 -11.09 -2.22 46.21
N GLN A 344 -10.86 -3.23 47.03
CA GLN A 344 -11.93 -3.84 47.79
C GLN A 344 -12.54 -2.88 48.80
N ASN A 345 -11.72 -1.96 49.32
CA ASN A 345 -12.08 -1.06 50.40
C ASN A 345 -12.37 0.40 50.01
N ILE A 346 -12.06 0.80 48.76
CA ILE A 346 -12.17 2.20 48.36
C ILE A 346 -13.60 2.73 48.57
N ARG A 347 -13.70 3.98 48.99
CA ARG A 347 -15.00 4.61 49.10
C ARG A 347 -14.94 6.06 48.62
N TYR A 348 -16.03 6.51 48.00
CA TYR A 348 -16.05 7.82 47.34
C TYR A 348 -17.16 8.66 47.95
N PRO A 349 -17.02 9.98 47.92
CA PRO A 349 -15.89 10.68 47.32
C PRO A 349 -14.82 10.96 48.33
N MET A 350 -13.62 11.26 47.86
CA MET A 350 -12.49 11.63 48.72
C MET A 350 -12.07 13.05 48.44
N ASP A 351 -11.45 13.70 49.43
CA ASP A 351 -10.92 15.07 49.29
C ASP A 351 -9.45 15.06 49.67
N LYS A 352 -8.66 15.84 48.94
CA LYS A 352 -7.24 15.96 49.21
C LYS A 352 -6.87 16.47 50.62
N ALA A 353 -7.73 17.30 51.21
CA ALA A 353 -7.49 17.79 52.56
C ALA A 353 -8.11 16.91 53.65
N ALA A 354 -9.39 16.58 53.49
CA ALA A 354 -10.15 15.93 54.54
C ALA A 354 -9.84 14.45 54.70
N ASP A 355 -9.30 13.83 53.65
CA ASP A 355 -9.12 12.38 53.65
C ASP A 355 -7.69 12.04 53.19
N THR A 356 -6.67 12.62 53.83
CA THR A 356 -5.29 12.47 53.37
C THR A 356 -4.86 11.01 53.18
N ALA A 357 -5.18 10.16 54.14
CA ALA A 357 -4.74 8.76 54.11
C ALA A 357 -5.37 8.01 52.96
N ARG A 358 -6.68 8.08 52.86
CA ARG A 358 -7.40 7.34 51.83
C ARG A 358 -7.10 7.90 50.42
N PHE A 359 -7.08 9.22 50.30
CA PHE A 359 -6.75 9.87 49.04
C PHE A 359 -5.41 9.36 48.49
N GLN A 360 -4.36 9.49 49.28
CA GLN A 360 -3.00 9.16 48.82
C GLN A 360 -2.79 7.66 48.59
N GLU A 361 -3.28 6.80 49.45
CA GLU A 361 -3.18 5.35 49.17
C GLU A 361 -3.93 4.98 47.89
N THR A 362 -5.13 5.52 47.73
CA THR A 362 -5.95 5.23 46.53
C THR A 362 -5.25 5.73 45.26
N PHE A 363 -4.65 6.92 45.37
CA PHE A 363 -3.83 7.52 44.33
C PHE A 363 -2.80 6.52 43.82
N VAL A 364 -2.13 5.86 44.76
CA VAL A 364 -1.11 4.89 44.40
C VAL A 364 -1.80 3.69 43.77
N ALA A 365 -2.84 3.18 44.43
CA ALA A 365 -3.52 1.97 43.95
C ALA A 365 -4.14 2.06 42.53
N ASP A 366 -4.62 3.26 42.18
CA ASP A 366 -5.26 3.51 40.88
C ASP A 366 -4.29 3.29 39.75
N ALA A 367 -3.02 3.49 40.05
CA ALA A 367 -1.97 3.50 39.05
C ALA A 367 -1.47 2.10 38.76
N ILE A 368 -1.96 1.13 39.53
CA ILE A 368 -1.47 -0.25 39.46
C ILE A 368 -2.62 -1.19 39.14
N VAL A 369 -2.82 -1.47 37.85
CA VAL A 369 -3.89 -2.37 37.42
C VAL A 369 -3.36 -3.27 36.35
N GLY A 370 -3.56 -4.57 36.55
CA GLY A 370 -3.02 -5.59 35.65
C GLY A 370 -4.22 -6.23 34.98
N TYR A 371 -4.38 -6.01 33.69
CA TYR A 371 -5.57 -6.43 32.97
C TYR A 371 -5.46 -7.83 32.37
N VAL A 372 -4.23 -8.29 32.12
CA VAL A 372 -4.02 -9.56 31.42
C VAL A 372 -3.95 -10.70 32.42
N ARG A 373 -5.06 -11.43 32.57
CA ARG A 373 -5.14 -12.50 33.55
C ARG A 373 -6.41 -13.34 33.46
N GLU A 374 -6.32 -14.49 34.13
CA GLU A 374 -7.37 -15.50 34.08
C GLU A 374 -8.42 -15.23 35.17
N ALA A 375 -8.02 -14.46 36.17
CA ALA A 375 -8.89 -14.24 37.30
C ALA A 375 -8.47 -12.99 38.06
N GLY A 376 -9.41 -12.38 38.76
CA GLY A 376 -9.14 -11.17 39.50
C GLY A 376 -10.41 -10.63 40.12
N ALA A 377 -10.29 -9.48 40.76
CA ALA A 377 -11.41 -8.94 41.53
C ALA A 377 -11.95 -7.66 40.94
N ALA A 378 -13.24 -7.43 41.18
CA ALA A 378 -13.88 -6.19 40.82
C ALA A 378 -13.65 -5.16 41.91
N GLN A 379 -13.33 -3.92 41.54
CA GLN A 379 -13.41 -2.82 42.51
C GLN A 379 -14.87 -2.74 42.97
N LYS A 380 -15.05 -2.57 44.27
CA LYS A 380 -16.37 -2.64 44.89
C LYS A 380 -17.24 -1.40 44.56
N GLU A 381 -16.67 -0.21 44.72
CA GLU A 381 -17.39 1.05 44.44
C GLU A 381 -16.82 1.72 43.19
N LEU A 382 -17.70 2.04 42.23
CA LEU A 382 -17.31 2.73 41.01
C LEU A 382 -17.72 4.21 40.97
N GLY A 383 -18.31 4.70 42.07
CA GLY A 383 -18.60 6.12 42.24
C GLY A 383 -19.29 6.82 41.08
N SER A 384 -18.63 7.86 40.57
CA SER A 384 -19.13 8.70 39.49
C SER A 384 -18.98 8.08 38.08
N TYR A 385 -18.31 6.93 37.98
CA TYR A 385 -18.13 6.25 36.69
C TYR A 385 -19.36 5.40 36.39
N ALA A 386 -19.70 4.54 37.32
CA ALA A 386 -20.74 3.55 37.12
C ALA A 386 -21.23 3.05 38.46
N GLY A 387 -22.11 2.05 38.42
CA GLY A 387 -22.74 1.56 39.62
C GLY A 387 -23.11 0.09 39.51
N GLN A 388 -24.30 -0.20 40.00
CA GLN A 388 -24.73 -1.54 40.35
C GLN A 388 -25.13 -2.25 39.06
N ARG A 389 -25.70 -1.48 38.12
CA ARG A 389 -25.99 -2.03 36.79
C ARG A 389 -24.75 -2.59 36.11
N GLN A 390 -23.65 -1.85 36.16
CA GLN A 390 -22.43 -2.28 35.51
C GLN A 390 -21.91 -3.52 36.20
N GLN A 391 -22.01 -3.54 37.52
CA GLN A 391 -21.49 -4.64 38.31
C GLN A 391 -22.21 -5.93 37.95
N SER A 392 -23.47 -5.83 37.53
CA SER A 392 -24.33 -7.01 37.38
C SER A 392 -24.67 -7.39 35.94
N MET A 393 -24.10 -6.70 34.95
CA MET A 393 -24.35 -7.05 33.57
C MET A 393 -24.11 -8.54 33.32
N PRO A 394 -25.09 -9.24 32.73
CA PRO A 394 -24.82 -10.63 32.38
C PRO A 394 -23.81 -10.72 31.23
N VAL A 395 -23.09 -11.84 31.17
CA VAL A 395 -22.01 -12.01 30.19
C VAL A 395 -22.24 -13.23 29.31
N SER A 396 -21.76 -13.19 28.07
CA SER A 396 -21.96 -14.33 27.18
C SER A 396 -21.01 -15.47 27.53
N GLY A 397 -21.58 -16.62 27.88
CA GLY A 397 -20.79 -17.81 28.15
C GLY A 397 -20.26 -18.39 26.86
N SER A 398 -21.00 -18.20 25.75
CA SER A 398 -20.60 -18.70 24.44
C SER A 398 -19.89 -17.63 23.64
N GLU A 399 -19.16 -18.07 22.62
CA GLU A 399 -18.35 -17.18 21.82
C GLU A 399 -19.20 -16.34 20.89
N GLU A 400 -18.84 -15.06 20.74
CA GLU A 400 -19.61 -14.15 19.86
C GLU A 400 -18.71 -13.61 18.75
N THR A 401 -19.23 -13.58 17.53
CA THR A 401 -18.43 -13.19 16.36
C THR A 401 -18.92 -11.85 15.80
N LEU A 402 -18.01 -10.88 15.70
CA LEU A 402 -18.34 -9.53 15.25
C LEU A 402 -17.47 -9.13 14.09
N THR A 403 -18.04 -8.38 13.14
CA THR A 403 -17.30 -7.88 12.00
C THR A 403 -17.29 -6.35 12.11
N LEU A 404 -16.12 -5.74 11.94
CA LEU A 404 -15.99 -4.28 12.08
C LEU A 404 -15.31 -3.65 10.87
N THR A 405 -15.71 -2.44 10.50
CA THR A 405 -15.09 -1.73 9.38
C THR A 405 -14.17 -0.63 9.90
N LEU A 406 -12.95 -0.55 9.40
CA LEU A 406 -12.03 0.51 9.77
C LEU A 406 -12.10 1.59 8.70
N PRO A 407 -12.64 2.78 9.02
CA PRO A 407 -12.85 3.79 7.98
C PRO A 407 -11.60 4.55 7.55
N SER A 408 -10.55 4.50 8.37
CA SER A 408 -9.29 5.12 7.99
C SER A 408 -8.15 4.16 8.34
N ALA A 409 -6.92 4.57 8.08
CA ALA A 409 -5.76 3.71 8.32
C ALA A 409 -5.39 3.60 9.79
N GLN A 410 -5.77 4.60 10.59
CA GLN A 410 -5.33 4.67 11.97
C GLN A 410 -6.44 5.16 12.90
N GLY A 411 -6.52 4.58 14.09
CA GLY A 411 -7.46 5.05 15.11
C GLY A 411 -8.00 3.95 15.99
N PHE A 412 -9.20 4.18 16.54
CA PHE A 412 -9.91 3.15 17.25
C PHE A 412 -11.41 3.21 16.97
N THR A 413 -12.06 2.06 17.07
CA THR A 413 -13.49 1.95 16.85
C THR A 413 -14.06 1.04 17.88
N ALA A 414 -15.34 1.20 18.21
CA ALA A 414 -15.96 0.48 19.30
C ALA A 414 -16.30 -0.95 18.87
N ILE A 415 -15.99 -1.93 19.70
CA ILE A 415 -16.24 -3.31 19.29
C ILE A 415 -17.73 -3.64 19.41
N GLY A 416 -18.37 -3.03 20.39
CA GLY A 416 -19.79 -3.25 20.66
C GLY A 416 -20.08 -4.18 21.83
N ARG A 417 -19.11 -4.37 22.71
CA ARG A 417 -19.25 -5.28 23.85
C ARG A 417 -18.52 -4.67 25.00
N MET A 418 -18.79 -5.19 26.21
CA MET A 418 -18.13 -4.72 27.44
C MET A 418 -17.46 -5.84 28.22
N ALA A 419 -16.38 -5.47 28.89
CA ALA A 419 -15.85 -6.28 29.98
C ALA A 419 -16.69 -6.02 31.22
N ALA A 420 -17.12 -7.07 31.92
CA ALA A 420 -17.81 -6.87 33.20
C ALA A 420 -16.81 -6.82 34.37
N PRO A 421 -17.05 -5.96 35.38
CA PRO A 421 -16.10 -5.87 36.47
C PRO A 421 -15.76 -7.24 37.07
N GLY A 422 -14.46 -7.54 37.20
CA GLY A 422 -14.02 -8.78 37.83
C GLY A 422 -14.41 -10.08 37.14
N LYS A 423 -14.67 -10.03 35.84
CA LYS A 423 -15.06 -11.23 35.11
C LYS A 423 -14.26 -11.38 33.82
N ARG A 424 -13.66 -12.56 33.72
CA ARG A 424 -12.80 -12.95 32.61
C ARG A 424 -13.54 -12.89 31.27
N LEU A 425 -12.93 -12.20 30.32
CA LEU A 425 -13.32 -12.34 28.94
C LEU A 425 -12.08 -12.77 28.21
N SER A 426 -12.30 -13.34 27.04
CA SER A 426 -11.21 -13.77 26.20
C SER A 426 -11.48 -13.20 24.82
N ILE A 427 -10.42 -12.76 24.15
CA ILE A 427 -10.60 -12.08 22.87
C ILE A 427 -9.51 -12.40 21.87
N ARG A 428 -9.89 -12.48 20.59
CA ARG A 428 -8.95 -12.64 19.48
C ARG A 428 -9.54 -12.03 18.22
N ILE A 429 -8.66 -11.63 17.32
CA ILE A 429 -9.09 -11.02 16.09
C ILE A 429 -8.58 -11.85 14.94
N GLU A 430 -9.34 -11.87 13.84
CA GLU A 430 -8.97 -12.64 12.65
C GLU A 430 -9.22 -11.80 11.43
N ASP A 431 -8.67 -12.29 10.30
CA ASP A 431 -8.90 -11.71 8.99
C ASP A 431 -8.52 -10.25 8.94
N ALA A 432 -7.35 -9.95 9.48
CA ALA A 432 -6.92 -8.59 9.70
C ALA A 432 -6.12 -7.98 8.54
N GLY A 433 -5.75 -8.79 7.56
CA GLY A 433 -4.92 -8.30 6.46
C GLY A 433 -3.64 -7.76 7.05
N GLN A 434 -3.32 -6.50 6.78
CA GLN A 434 -2.03 -5.93 7.17
C GLN A 434 -2.11 -5.07 8.42
N ALA A 435 -3.31 -4.97 8.98
CA ALA A 435 -3.55 -4.04 10.06
C ALA A 435 -2.90 -4.48 11.37
N SER A 436 -2.28 -3.52 12.04
CA SER A 436 -1.70 -3.76 13.36
C SER A 436 -2.74 -3.39 14.40
N LEU A 437 -2.91 -4.26 15.40
CA LEU A 437 -4.10 -4.26 16.23
C LEU A 437 -3.81 -4.39 17.69
N ALA A 438 -4.61 -3.70 18.50
CA ALA A 438 -4.61 -3.86 19.94
C ALA A 438 -6.04 -3.78 20.42
N VAL A 439 -6.25 -4.18 21.67
CA VAL A 439 -7.54 -4.02 22.33
C VAL A 439 -7.35 -3.09 23.53
N GLY A 440 -8.35 -2.27 23.79
CA GLY A 440 -8.32 -1.47 24.99
C GLY A 440 -9.71 -1.23 25.54
N LEU A 441 -9.76 -0.71 26.76
CA LEU A 441 -11.00 -0.52 27.46
C LEU A 441 -11.20 0.95 27.80
N ASN A 442 -12.42 1.44 27.54
CA ASN A 442 -12.83 2.79 27.85
C ASN A 442 -12.16 3.94 27.08
N THR A 443 -12.81 5.11 27.16
CA THR A 443 -12.44 6.31 26.38
C THR A 443 -12.22 7.56 27.20
N GLN A 444 -12.35 7.50 28.53
CA GLN A 444 -12.07 8.69 29.38
C GLN A 444 -10.65 9.20 29.17
N ARG A 445 -10.51 10.53 29.19
CA ARG A 445 -9.23 11.20 29.16
C ARG A 445 -8.82 11.55 30.59
N ILE A 446 -7.53 11.59 30.86
CA ILE A 446 -6.98 11.71 32.24
C ILE A 446 -7.56 12.83 33.11
N GLY A 447 -7.82 13.99 32.52
CA GLY A 447 -8.35 15.14 33.27
C GLY A 447 -9.79 14.95 33.69
N SER A 448 -10.43 13.91 33.16
CA SER A 448 -11.78 13.54 33.48
C SER A 448 -12.00 13.11 34.93
N THR A 449 -10.94 12.75 35.64
CA THR A 449 -11.03 12.49 37.07
C THR A 449 -10.51 13.72 37.75
N ARG A 450 -11.39 14.41 38.48
CA ARG A 450 -11.09 15.72 39.02
C ARG A 450 -10.55 15.59 40.43
N LEU A 451 -9.65 14.64 40.64
CA LEU A 451 -9.20 14.30 41.99
C LEU A 451 -8.65 15.49 42.79
N TRP A 452 -8.19 16.55 42.12
CA TRP A 452 -7.70 17.77 42.80
C TRP A 452 -8.82 18.76 43.11
N ASN A 453 -9.97 18.61 42.45
CA ASN A 453 -11.11 19.43 42.82
C ASN A 453 -11.67 18.98 44.15
N THR A 454 -12.09 19.96 44.95
CA THR A 454 -12.55 19.70 46.29
C THR A 454 -13.65 18.68 46.34
N ARG A 455 -13.36 17.59 47.03
CA ARG A 455 -14.27 16.50 47.25
C ARG A 455 -14.71 15.79 45.95
N GLN A 456 -13.86 15.81 44.92
CA GLN A 456 -14.19 15.24 43.58
C GLN A 456 -13.32 14.06 43.12
N TYR A 457 -12.49 13.48 44.00
CA TYR A 457 -11.86 12.17 43.73
C TYR A 457 -12.96 11.14 43.95
N ASP A 458 -13.75 10.90 42.90
CA ASP A 458 -14.95 10.07 43.02
C ASP A 458 -15.03 8.99 41.93
N ARG A 459 -13.88 8.68 41.37
CA ARG A 459 -13.75 7.66 40.34
C ARG A 459 -12.27 7.37 40.15
N PRO A 460 -11.94 6.26 39.46
CA PRO A 460 -10.52 5.93 39.30
C PRO A 460 -9.78 6.89 38.36
N ARG A 461 -8.49 7.05 38.59
CA ARG A 461 -7.69 7.98 37.81
C ARG A 461 -7.57 7.53 36.36
N PHE A 462 -7.51 6.22 36.16
CA PHE A 462 -7.13 5.68 34.88
C PHE A 462 -8.20 4.73 34.35
N LEU A 463 -9.37 5.29 34.04
CA LEU A 463 -10.47 4.47 33.53
C LEU A 463 -10.13 3.92 32.14
N LYS A 464 -9.36 4.65 31.36
CA LYS A 464 -8.88 4.12 30.09
C LYS A 464 -7.67 3.24 30.32
N SER A 465 -7.78 1.98 29.93
CA SER A 465 -6.69 1.03 30.04
C SER A 465 -5.58 1.38 29.05
N PRO A 466 -4.40 0.79 29.24
CA PRO A 466 -3.39 0.83 28.19
C PRO A 466 -3.87 0.07 26.95
N ASP A 467 -3.28 0.35 25.78
CA ASP A 467 -3.55 -0.43 24.57
C ASP A 467 -2.84 -1.77 24.70
N ILE A 468 -3.59 -2.87 24.63
CA ILE A 468 -3.03 -4.22 24.79
C ILE A 468 -2.87 -4.83 23.42
N LYS A 469 -1.61 -4.99 23.00
CA LYS A 469 -1.27 -5.49 21.67
C LYS A 469 -1.82 -6.89 21.43
N LEU A 470 -2.47 -7.11 20.29
CA LEU A 470 -2.95 -8.44 19.91
C LEU A 470 -2.19 -8.98 18.68
N GLN A 471 -2.15 -10.32 18.57
CA GLN A 471 -1.60 -11.03 17.42
C GLN A 471 -2.74 -11.60 16.59
N ALA A 472 -2.53 -11.64 15.28
CA ALA A 472 -3.44 -12.34 14.40
C ALA A 472 -3.67 -13.72 14.97
N ASN A 473 -4.93 -14.05 15.20
CA ASN A 473 -5.34 -15.41 15.57
C ASN A 473 -4.83 -15.90 16.92
N GLN A 474 -4.60 -14.98 17.86
CA GLN A 474 -4.11 -15.36 19.19
C GLN A 474 -5.01 -14.77 20.28
N SER A 475 -5.45 -15.65 21.18
CA SER A 475 -6.38 -15.30 22.22
C SER A 475 -5.67 -14.62 23.37
N VAL A 476 -6.37 -13.66 23.97
CA VAL A 476 -5.89 -13.00 25.18
C VAL A 476 -7.04 -12.95 26.17
N ALA A 477 -6.73 -13.31 27.40
CA ALA A 477 -7.68 -13.31 28.51
C ALA A 477 -7.50 -12.07 29.38
N LEU A 478 -8.61 -11.36 29.60
CA LEU A 478 -8.62 -10.09 30.32
C LEU A 478 -9.52 -10.10 31.56
N VAL A 479 -9.05 -9.47 32.64
CA VAL A 479 -9.92 -9.10 33.74
C VAL A 479 -9.72 -7.63 34.17
N SER A 480 -10.80 -6.85 34.03
CA SER A 480 -10.88 -5.47 34.43
C SER A 480 -11.58 -5.33 35.78
N PRO A 481 -11.02 -4.52 36.69
CA PRO A 481 -11.71 -4.27 37.94
C PRO A 481 -12.88 -3.29 37.82
N TYR A 482 -12.93 -2.53 36.72
CA TYR A 482 -13.93 -1.48 36.56
C TYR A 482 -15.04 -1.85 35.59
N GLY A 483 -14.80 -2.88 34.77
CA GLY A 483 -15.62 -3.09 33.59
C GLY A 483 -15.29 -1.99 32.62
N GLY A 484 -15.67 -2.15 31.35
CA GLY A 484 -15.41 -1.11 30.38
C GLY A 484 -15.86 -1.44 28.97
N LEU A 485 -15.99 -0.38 28.18
CA LEU A 485 -16.40 -0.47 26.79
C LEU A 485 -15.21 -0.89 25.96
N LEU A 486 -15.38 -1.97 25.20
CA LEU A 486 -14.29 -2.54 24.45
C LEU A 486 -14.03 -1.81 23.13
N GLN A 487 -12.74 -1.50 22.89
CA GLN A 487 -12.28 -0.75 21.71
C GLN A 487 -11.23 -1.54 20.94
N LEU A 488 -11.41 -1.58 19.61
CA LEU A 488 -10.37 -2.08 18.74
C LEU A 488 -9.55 -0.91 18.24
N VAL A 489 -8.29 -0.93 18.68
CA VAL A 489 -7.29 0.06 18.31
C VAL A 489 -6.45 -0.48 17.13
N TYR A 490 -6.27 0.32 16.08
CA TYR A 490 -5.64 -0.15 14.82
C TYR A 490 -4.68 0.87 14.20
N SER A 491 -3.72 0.37 13.44
CA SER A 491 -2.89 1.22 12.56
C SER A 491 -2.37 0.40 11.40
N GLY A 492 -1.99 1.06 10.31
CA GLY A 492 -1.56 0.37 9.10
C GLY A 492 -2.70 -0.32 8.34
N ALA A 493 -3.91 0.18 8.51
CA ALA A 493 -5.07 -0.49 7.96
C ALA A 493 -5.39 0.13 6.61
N THR A 494 -6.31 -0.53 5.89
CA THR A 494 -6.75 -0.06 4.59
C THR A 494 -8.16 0.51 4.71
N PRO A 495 -8.32 1.81 4.39
CA PRO A 495 -9.65 2.38 4.53
C PRO A 495 -10.68 1.46 3.92
N GLY A 496 -11.69 1.09 4.70
CA GLY A 496 -12.81 0.28 4.21
C GLY A 496 -12.66 -1.20 4.47
N GLN A 497 -11.47 -1.64 4.87
CA GLN A 497 -11.28 -3.04 5.24
C GLN A 497 -12.14 -3.41 6.45
N THR A 498 -12.38 -4.70 6.60
CA THR A 498 -13.02 -5.25 7.79
C THR A 498 -12.02 -5.98 8.66
N VAL A 499 -12.42 -6.19 9.91
CA VAL A 499 -11.72 -7.08 10.84
C VAL A 499 -12.80 -7.91 11.53
N THR A 500 -12.46 -9.13 11.90
CA THR A 500 -13.37 -10.04 12.59
C THR A 500 -12.91 -10.19 14.05
N VAL A 501 -13.84 -9.98 14.98
CA VAL A 501 -13.54 -10.09 16.41
C VAL A 501 -14.36 -11.22 17.03
N LYS A 502 -13.66 -12.13 17.71
CA LYS A 502 -14.26 -13.23 18.44
C LYS A 502 -14.03 -13.01 19.93
N VAL A 503 -15.13 -12.93 20.68
CA VAL A 503 -15.04 -12.66 22.10
C VAL A 503 -16.02 -13.54 22.90
N THR A 504 -15.52 -14.02 24.05
CA THR A 504 -16.23 -14.92 24.96
C THR A 504 -16.17 -14.27 26.32
N GLY A 505 -17.29 -14.26 27.04
CA GLY A 505 -17.34 -13.76 28.39
C GLY A 505 -17.65 -12.27 28.54
N ALA A 506 -18.06 -11.59 27.45
CA ALA A 506 -18.35 -10.15 27.50
C ALA A 506 -19.84 -9.87 27.61
N ALA A 507 -20.15 -8.63 27.99
CA ALA A 507 -21.52 -8.19 28.22
C ALA A 507 -21.93 -7.33 27.07
N SER A 508 -23.22 -7.06 26.96
CA SER A 508 -23.75 -6.31 25.83
C SER A 508 -24.37 -5.03 26.25
N GLN A 509 -23.63 -3.95 26.16
CA GLN A 509 -24.20 -2.64 26.43
C GLN A 509 -25.22 -2.27 25.32
N PRO A 510 -26.24 -1.47 25.65
CA PRO A 510 -27.05 -0.95 24.56
C PRO A 510 -26.15 -0.26 23.50
N PHE A 511 -26.34 -0.60 22.23
CA PHE A 511 -25.41 -0.22 21.18
C PHE A 511 -26.14 0.08 19.88
N LEU A 512 -26.13 1.33 19.44
CA LEU A 512 -26.81 1.69 18.21
C LEU A 512 -25.83 1.71 17.05
N ASP A 513 -25.95 0.72 16.17
CA ASP A 513 -24.99 0.48 15.09
C ASP A 513 -25.67 0.76 13.78
N ILE A 514 -25.56 1.99 13.31
CA ILE A 514 -26.19 2.38 12.07
C ILE A 514 -25.41 1.75 10.93
N GLN A 515 -26.12 1.08 10.02
CA GLN A 515 -25.46 0.45 8.89
C GLN A 515 -25.48 1.40 7.68
N PRO A 516 -24.28 1.71 7.12
CA PRO A 516 -24.12 2.62 5.97
C PRO A 516 -25.09 2.37 4.82
N GLY A 517 -25.85 3.41 4.49
CA GLY A 517 -26.81 3.36 3.40
C GLY A 517 -28.13 2.69 3.74
N GLU A 518 -28.03 1.53 4.40
CA GLU A 518 -29.16 0.61 4.55
C GLU A 518 -30.18 1.07 5.58
N ASP A 519 -31.37 0.46 5.50
CA ASP A 519 -32.45 0.65 6.46
C ASP A 519 -32.00 0.13 7.81
N SER A 520 -31.89 1.02 8.79
CA SER A 520 -31.48 0.66 10.14
C SER A 520 -32.68 0.76 11.08
N SER A 521 -33.79 0.21 10.63
CA SER A 521 -35.02 0.24 11.40
C SER A 521 -34.90 -0.79 12.52
N GLN A 522 -34.35 -1.94 12.17
CA GLN A 522 -34.14 -3.05 13.09
C GLN A 522 -33.17 -2.70 14.23
N ALA A 523 -32.10 -2.04 13.86
CA ALA A 523 -31.09 -1.65 14.81
C ALA A 523 -31.63 -0.62 15.79
N ILE A 524 -32.46 0.30 15.32
CA ILE A 524 -33.00 1.34 16.20
C ILE A 524 -33.89 0.76 17.29
N ALA A 525 -34.73 -0.20 16.93
CA ALA A 525 -35.67 -0.73 17.89
C ALA A 525 -34.97 -1.67 18.86
N ASP A 526 -33.94 -2.36 18.38
CA ASP A 526 -33.10 -3.17 19.26
C ASP A 526 -32.44 -2.30 20.32
N PHE A 527 -32.01 -1.13 19.89
CA PHE A 527 -31.35 -0.21 20.77
C PHE A 527 -32.29 0.28 21.83
N ILE A 528 -33.47 0.69 21.41
CA ILE A 528 -34.49 1.16 22.33
C ILE A 528 -34.81 0.08 23.33
N GLN A 529 -35.03 -1.13 22.85
CA GLN A 529 -35.31 -2.25 23.73
C GLN A 529 -34.20 -2.44 24.77
N ALA A 530 -32.95 -2.37 24.32
CA ALA A 530 -31.82 -2.49 25.24
C ALA A 530 -31.83 -1.35 26.27
N LEU A 531 -32.06 -0.14 25.79
CA LEU A 531 -32.17 1.05 26.62
C LEU A 531 -33.28 0.92 27.66
N ASP A 532 -34.47 0.57 27.18
CA ASP A 532 -35.63 0.29 28.03
C ASP A 532 -35.32 -0.80 29.04
N ALA A 533 -34.49 -1.78 28.70
CA ALA A 533 -34.15 -2.87 29.64
C ALA A 533 -33.28 -2.41 30.80
N ASP A 534 -32.55 -1.31 30.58
CA ASP A 534 -31.91 -0.57 31.66
C ASP A 534 -30.91 -1.37 32.49
N LYS A 535 -30.08 -2.17 31.82
CA LYS A 535 -29.10 -3.01 32.50
C LYS A 535 -27.70 -2.43 32.50
N ALA A 536 -27.53 -1.24 31.93
CA ALA A 536 -26.19 -0.70 31.71
C ALA A 536 -26.07 0.75 32.17
N ASP A 537 -24.87 1.10 32.60
CA ASP A 537 -24.54 2.46 33.01
C ASP A 537 -23.95 3.24 31.82
N TRP A 538 -23.54 2.52 30.77
CA TRP A 538 -22.87 3.07 29.60
C TRP A 538 -23.52 2.54 28.31
N LEU A 539 -23.55 3.37 27.28
CA LEU A 539 -23.96 2.94 25.95
C LEU A 539 -23.05 3.54 24.91
N GLU A 540 -23.17 3.04 23.68
CA GLU A 540 -22.43 3.56 22.55
C GLU A 540 -23.29 3.66 21.30
N ILE A 541 -22.90 4.62 20.47
CA ILE A 541 -23.55 4.83 19.19
C ILE A 541 -22.51 4.95 18.08
N ARG A 542 -22.75 4.24 16.99
CA ARG A 542 -21.96 4.37 15.78
C ARG A 542 -22.89 4.81 14.66
N SER A 543 -22.61 6.00 14.11
CA SER A 543 -23.37 6.51 12.97
C SER A 543 -22.45 7.36 12.10
N GLY A 544 -22.25 6.90 10.87
CA GLY A 544 -21.38 7.60 9.93
C GLY A 544 -19.97 7.52 10.45
N SER A 545 -19.26 8.65 10.38
CA SER A 545 -17.92 8.75 10.96
C SER A 545 -17.91 9.25 12.42
N VAL A 546 -19.04 9.13 13.12
CA VAL A 546 -19.14 9.58 14.51
C VAL A 546 -19.45 8.40 15.43
N GLU A 547 -18.73 8.37 16.56
CA GLU A 547 -18.93 7.39 17.59
C GLU A 547 -19.10 8.11 18.93
N VAL A 548 -20.13 7.73 19.67
CA VAL A 548 -20.47 8.36 20.91
C VAL A 548 -20.30 7.33 21.99
N HIS A 549 -19.52 7.68 23.01
CA HIS A 549 -19.31 6.83 24.19
C HIS A 549 -19.92 7.57 25.38
N ALA A 550 -21.07 7.09 25.84
CA ALA A 550 -21.96 7.90 26.66
C ALA A 550 -22.42 7.25 27.95
N LYS A 551 -22.41 8.04 29.01
CA LYS A 551 -23.04 7.66 30.27
C LYS A 551 -24.56 7.65 30.08
N VAL A 552 -25.16 6.51 30.30
CA VAL A 552 -26.56 6.31 29.93
C VAL A 552 -27.47 7.43 30.44
N GLU A 553 -27.45 7.69 31.74
CA GLU A 553 -28.36 8.70 32.32
C GLU A 553 -28.20 10.11 31.73
N LYS A 554 -27.01 10.47 31.27
CA LYS A 554 -26.85 11.75 30.57
C LYS A 554 -27.64 11.78 29.26
N VAL A 555 -27.67 10.64 28.58
CA VAL A 555 -28.40 10.58 27.32
C VAL A 555 -29.91 10.62 27.57
N ARG A 556 -30.36 9.87 28.58
CA ARG A 556 -31.76 9.91 28.99
C ARG A 556 -32.13 11.33 29.36
N GLY A 557 -31.28 12.01 30.10
CA GLY A 557 -31.54 13.38 30.53
C GLY A 557 -31.77 14.30 29.35
N SER A 558 -30.99 14.12 28.27
CA SER A 558 -31.12 14.91 27.05
C SER A 558 -32.37 14.56 26.24
N ILE A 559 -32.67 13.27 26.14
CA ILE A 559 -33.89 12.83 25.47
C ILE A 559 -35.10 13.46 26.17
N ASP A 560 -35.03 13.57 27.51
CA ASP A 560 -36.14 14.06 28.32
C ASP A 560 -36.32 15.56 28.28
N LYS A 561 -35.22 16.28 28.40
CA LYS A 561 -35.25 17.73 28.37
C LYS A 561 -35.50 18.28 26.98
N ASP A 562 -34.74 17.82 25.99
CA ASP A 562 -34.84 18.40 24.64
C ASP A 562 -35.88 17.71 23.76
N TYR A 563 -36.23 16.45 24.04
CA TYR A 563 -37.13 15.73 23.15
C TYR A 563 -38.39 15.19 23.83
N GLY A 564 -38.67 15.67 25.04
CA GLY A 564 -39.81 15.18 25.81
C GLY A 564 -39.92 13.65 25.92
N GLY A 565 -38.79 12.94 25.96
CA GLY A 565 -38.79 11.47 26.03
C GLY A 565 -38.93 10.76 24.68
N ASP A 566 -39.12 11.51 23.58
CA ASP A 566 -39.25 10.93 22.25
C ASP A 566 -37.88 10.45 21.72
N VAL A 567 -37.56 9.18 22.02
CA VAL A 567 -36.29 8.57 21.67
C VAL A 567 -36.10 8.52 20.16
N GLN A 568 -37.17 8.23 19.42
CA GLN A 568 -37.10 8.05 17.97
C GLN A 568 -36.67 9.32 17.23
N ARG A 569 -37.27 10.43 17.63
CA ARG A 569 -36.94 11.71 17.06
C ARG A 569 -35.52 12.09 17.44
N PHE A 570 -35.13 11.83 18.69
CA PHE A 570 -33.76 12.10 19.13
C PHE A 570 -32.75 11.41 18.22
N ILE A 571 -32.96 10.11 18.00
CA ILE A 571 -32.08 9.35 17.14
C ILE A 571 -32.06 9.86 15.69
N ARG A 572 -33.23 10.04 15.09
CA ARG A 572 -33.32 10.59 13.72
C ARG A 572 -32.57 11.89 13.61
N GLU A 573 -32.79 12.77 14.58
CA GLU A 573 -32.20 14.10 14.50
C GLU A 573 -30.69 14.04 14.72
N LEU A 574 -30.25 13.12 15.56
CA LEU A 574 -28.81 12.87 15.72
C LEU A 574 -28.20 12.46 14.39
N ASN A 575 -28.84 11.52 13.70
CA ASN A 575 -28.34 11.07 12.41
C ASN A 575 -28.46 12.11 11.30
N GLU A 576 -29.59 12.80 11.21
CA GLU A 576 -29.87 13.73 10.12
C GLU A 576 -29.46 15.19 10.39
N VAL A 577 -29.91 15.78 11.50
CA VAL A 577 -29.72 17.22 11.71
C VAL A 577 -28.31 17.56 12.21
N PHE A 578 -27.70 16.64 12.93
CA PHE A 578 -26.33 16.82 13.44
C PHE A 578 -25.35 16.21 12.46
N ILE A 579 -25.40 14.88 12.30
CA ILE A 579 -24.33 14.15 11.65
C ILE A 579 -24.37 14.32 10.14
N ASP A 580 -25.41 13.82 9.50
CA ASP A 580 -25.52 13.98 8.04
C ASP A 580 -25.43 15.44 7.61
N ASP A 581 -25.97 16.35 8.41
CA ASP A 581 -25.93 17.78 8.04
C ASP A 581 -24.49 18.25 7.82
N ALA A 582 -23.61 17.93 8.77
CA ALA A 582 -22.22 18.34 8.70
C ALA A 582 -21.49 17.70 7.55
N TYR A 583 -21.56 16.38 7.47
CA TYR A 583 -20.80 15.67 6.46
C TYR A 583 -21.35 15.92 5.03
N THR A 584 -22.66 16.12 4.91
CA THR A 584 -23.22 16.56 3.65
C THR A 584 -22.75 17.97 3.26
N LEU A 585 -22.62 18.87 4.24
CA LEU A 585 -22.15 20.24 3.95
C LEU A 585 -20.70 20.25 3.44
N ALA A 586 -19.88 19.32 3.95
CA ALA A 586 -18.49 19.20 3.53
C ALA A 586 -18.28 18.39 2.25
N GLY A 587 -19.37 17.95 1.60
CA GLY A 587 -19.27 17.29 0.30
C GLY A 587 -18.68 15.88 0.29
N PHE A 588 -18.74 15.16 1.40
CA PHE A 588 -18.14 13.83 1.43
C PHE A 588 -18.97 12.82 0.59
N ALA A 589 -18.35 11.71 0.17
CA ALA A 589 -19.06 10.59 -0.47
C ALA A 589 -19.73 9.67 0.55
N ILE A 590 -20.99 9.94 0.82
CA ILE A 590 -21.76 9.17 1.76
C ILE A 590 -22.54 8.10 1.01
N PRO A 591 -22.36 6.83 1.39
CA PRO A 591 -23.00 5.71 0.73
C PRO A 591 -24.50 5.83 0.56
N ASN A 592 -24.92 5.43 -0.64
CA ASN A 592 -26.32 5.34 -1.05
C ASN A 592 -27.08 6.65 -0.88
N GLN A 593 -26.37 7.75 -1.13
CA GLN A 593 -26.85 9.10 -0.90
C GLN A 593 -26.18 10.01 -1.90
N ALA A 594 -26.91 10.40 -2.92
CA ALA A 594 -26.34 11.23 -3.98
C ALA A 594 -26.24 12.70 -3.54
N LYS A 595 -25.51 13.48 -4.33
CA LYS A 595 -25.42 14.92 -4.11
C LYS A 595 -26.72 15.57 -4.55
N THR A 596 -26.98 16.77 -4.05
CA THR A 596 -28.18 17.51 -4.46
C THR A 596 -28.07 17.89 -5.95
N PRO A 597 -29.21 18.16 -6.60
CA PRO A 597 -29.16 18.46 -8.02
C PRO A 597 -28.25 19.65 -8.34
N ALA A 598 -28.38 20.74 -7.58
CA ALA A 598 -27.61 21.94 -7.86
C ALA A 598 -26.11 21.68 -7.74
N ILE A 599 -25.70 20.88 -6.76
CA ILE A 599 -24.27 20.56 -6.63
C ILE A 599 -23.80 19.65 -7.76
N GLN A 600 -24.55 18.61 -8.04
CA GLN A 600 -24.27 17.68 -9.15
C GLN A 600 -24.03 18.41 -10.46
N GLN A 601 -24.91 19.37 -10.72
CA GLN A 601 -24.89 20.12 -11.96
C GLN A 601 -23.74 21.10 -12.00
N GLU A 602 -23.37 21.68 -10.86
CA GLU A 602 -22.19 22.55 -10.84
C GLU A 602 -20.91 21.76 -11.08
N CYS A 603 -20.80 20.60 -10.45
CA CYS A 603 -19.65 19.70 -10.68
C CYS A 603 -19.58 19.24 -12.14
N ALA A 604 -20.73 19.04 -12.75
CA ALA A 604 -20.81 18.66 -14.16
C ALA A 604 -20.27 19.78 -15.06
N ALA A 605 -20.85 20.97 -14.96
CA ALA A 605 -20.35 22.14 -15.70
C ALA A 605 -18.85 22.44 -15.44
N ARG A 606 -18.40 22.23 -14.20
CA ARG A 606 -16.99 22.40 -13.79
C ARG A 606 -16.08 21.24 -14.30
N GLY A 607 -16.71 20.16 -14.77
CA GLY A 607 -16.00 18.91 -15.11
C GLY A 607 -15.08 18.43 -13.99
N TRP A 608 -15.61 18.36 -12.77
CA TRP A 608 -14.83 17.88 -11.62
C TRP A 608 -15.23 16.47 -11.23
N ASP A 609 -14.27 15.78 -10.60
CA ASP A 609 -14.53 14.56 -9.82
C ASP A 609 -15.10 14.99 -8.48
N CYS A 610 -16.40 14.80 -8.32
CA CYS A 610 -17.11 15.16 -7.09
C CYS A 610 -17.60 13.99 -6.25
N ASP A 611 -17.39 12.76 -6.73
CA ASP A 611 -17.94 11.57 -6.05
C ASP A 611 -16.97 10.44 -5.79
N SER A 612 -15.72 10.53 -6.23
CA SER A 612 -14.84 9.38 -6.06
C SER A 612 -14.51 9.19 -4.59
N GLU A 613 -14.20 7.95 -4.24
CA GLU A 613 -13.78 7.61 -2.89
C GLU A 613 -12.34 8.03 -2.68
N THR A 614 -11.53 7.91 -3.72
CA THR A 614 -10.16 8.35 -3.65
C THR A 614 -10.07 9.76 -3.06
N LEU A 615 -10.84 10.70 -3.60
CA LEU A 615 -10.72 12.08 -3.15
C LEU A 615 -11.67 12.44 -2.01
N HIS A 616 -12.87 11.88 -1.99
CA HIS A 616 -13.92 12.39 -1.09
C HIS A 616 -14.48 11.38 -0.07
N LYS A 617 -13.75 10.31 0.20
CA LYS A 617 -14.26 9.34 1.15
C LYS A 617 -14.41 9.97 2.51
N LEU A 618 -15.36 9.42 3.27
CA LEU A 618 -15.60 9.89 4.63
C LEU A 618 -14.29 9.81 5.42
N PRO A 619 -14.05 10.81 6.27
CA PRO A 619 -12.82 10.79 7.07
C PRO A 619 -12.88 9.87 8.27
N GLY A 620 -11.72 9.73 8.92
CA GLY A 620 -11.60 9.00 10.17
C GLY A 620 -12.66 9.30 11.21
N THR A 621 -12.84 8.35 12.11
CA THR A 621 -13.86 8.43 13.13
C THR A 621 -13.61 9.68 13.97
N GLN A 622 -14.66 10.42 14.27
CA GLN A 622 -14.60 11.41 15.35
C GLN A 622 -15.37 10.89 16.54
N HIS A 623 -14.69 10.79 17.67
CA HIS A 623 -15.27 10.25 18.90
C HIS A 623 -15.81 11.36 19.79
N ILE A 624 -16.87 11.03 20.53
CA ILE A 624 -17.51 11.96 21.45
C ILE A 624 -17.76 11.26 22.77
N ASN A 625 -17.26 11.87 23.85
CA ASN A 625 -17.52 11.40 25.19
C ASN A 625 -18.62 12.21 25.86
N VAL A 626 -19.52 11.51 26.54
CA VAL A 626 -20.60 12.13 27.29
C VAL A 626 -20.60 11.47 28.65
N ASP A 627 -20.36 12.27 29.67
CA ASP A 627 -19.93 11.79 30.99
C ASP A 627 -20.15 12.93 32.01
N GLN A 628 -19.95 12.65 33.29
CA GLN A 628 -20.09 13.66 34.32
C GLN A 628 -18.98 14.69 34.33
N TYR A 629 -17.81 14.29 33.85
CA TYR A 629 -16.68 15.19 33.74
C TYR A 629 -16.06 15.16 32.37
N ALA A 630 -15.31 16.22 32.08
CA ALA A 630 -14.54 16.35 30.88
C ALA A 630 -13.08 16.58 31.24
N GLN A 631 -12.22 16.40 30.24
CA GLN A 631 -10.79 16.60 30.34
C GLN A 631 -10.45 18.03 30.73
N CYS A 632 -11.25 18.99 30.25
CA CYS A 632 -11.03 20.39 30.55
C CYS A 632 -12.38 21.08 30.48
N GLY A 633 -12.57 22.06 31.37
CA GLY A 633 -13.87 22.74 31.49
C GLY A 633 -15.01 21.76 31.70
N GLY A 634 -16.22 22.15 31.30
CA GLY A 634 -17.36 21.24 31.19
C GLY A 634 -17.54 20.70 29.79
N GLY A 635 -16.65 21.11 28.89
CA GLY A 635 -16.58 20.58 27.52
C GLY A 635 -15.21 20.86 26.93
N CYS A 636 -14.62 19.87 26.28
CA CYS A 636 -13.20 19.96 25.90
C CYS A 636 -12.90 19.41 24.49
N SER A 637 -12.26 20.23 23.66
CA SER A 637 -11.85 19.85 22.28
C SER A 637 -10.95 18.61 22.21
N GLY A 638 -10.98 17.91 21.09
CA GLY A 638 -10.13 16.72 20.88
C GLY A 638 -10.80 15.59 20.10
N ASN A 639 -10.20 14.40 20.20
CA ASN A 639 -10.80 13.21 19.69
C ASN A 639 -10.47 12.08 20.62
N PRO A 640 -11.38 11.70 21.52
CA PRO A 640 -12.75 12.25 21.58
C PRO A 640 -12.78 13.68 22.06
N TYR A 641 -13.80 14.40 21.62
CA TYR A 641 -14.20 15.60 22.34
C TYR A 641 -15.20 15.23 23.47
N ASP A 642 -15.11 15.97 24.57
CA ASP A 642 -15.81 15.65 25.79
C ASP A 642 -17.01 16.59 26.02
N GLN A 643 -18.16 16.02 26.39
CA GLN A 643 -19.31 16.84 26.79
C GLN A 643 -19.79 16.37 28.14
N THR A 644 -20.27 17.33 28.97
CA THR A 644 -20.83 17.02 30.29
C THR A 644 -22.32 17.33 30.41
N TRP A 645 -22.90 18.04 29.45
CA TRP A 645 -24.32 18.42 29.55
C TRP A 645 -25.27 17.31 29.07
N GLY A 646 -24.74 16.31 28.37
CA GLY A 646 -25.55 15.33 27.67
C GLY A 646 -25.20 15.38 26.19
N LEU A 647 -26.19 15.09 25.36
CA LEU A 647 -26.02 15.13 23.90
C LEU A 647 -27.29 15.62 23.21
N ASN A 648 -27.20 16.80 22.59
CA ASN A 648 -28.27 17.47 21.90
C ASN A 648 -27.96 17.55 20.39
N PRO A 649 -28.77 16.87 19.57
CA PRO A 649 -28.51 16.97 18.15
C PRO A 649 -28.57 18.40 17.55
N ARG A 650 -29.32 19.30 18.20
CA ARG A 650 -29.40 20.68 17.76
C ARG A 650 -28.43 21.57 18.50
N GLY A 651 -27.52 20.96 19.26
CA GLY A 651 -26.60 21.70 20.09
C GLY A 651 -25.54 22.40 19.30
N TRP A 652 -25.20 23.59 19.77
CA TRP A 652 -24.14 24.40 19.18
C TRP A 652 -22.76 23.78 19.43
N GLY A 653 -22.52 23.34 20.64
CA GLY A 653 -21.24 22.73 21.02
C GLY A 653 -20.95 21.52 20.16
N GLU A 654 -21.97 20.69 20.01
CA GLU A 654 -21.83 19.43 19.29
C GLU A 654 -21.22 19.63 17.91
N SER A 655 -21.75 20.61 17.18
CA SER A 655 -21.39 20.89 15.79
C SER A 655 -20.18 21.80 15.64
N HIS A 656 -20.02 22.73 16.58
CA HIS A 656 -18.78 23.51 16.71
C HIS A 656 -17.55 22.59 16.77
N GLU A 657 -17.57 21.67 17.72
CA GLU A 657 -16.48 20.70 17.86
C GLU A 657 -16.38 19.75 16.65
N LEU A 658 -17.52 19.31 16.12
CA LEU A 658 -17.48 18.43 14.96
C LEU A 658 -16.73 19.20 13.88
N GLY A 659 -17.11 20.48 13.72
CA GLY A 659 -16.44 21.39 12.80
C GLY A 659 -14.92 21.40 12.87
N HIS A 660 -14.34 21.35 14.07
CA HIS A 660 -12.88 21.31 14.19
C HIS A 660 -12.25 20.13 13.46
N ASN A 661 -12.84 18.95 13.58
CA ASN A 661 -12.41 17.78 12.81
C ASN A 661 -12.45 18.00 11.29
N LEU A 662 -13.37 18.85 10.83
CA LEU A 662 -13.59 19.03 9.41
C LEU A 662 -12.96 20.29 8.85
N GLN A 663 -12.27 21.03 9.68
CA GLN A 663 -11.48 22.18 9.21
C GLN A 663 -10.35 21.74 8.27
N VAL A 664 -9.98 22.63 7.35
CA VAL A 664 -8.84 22.37 6.44
C VAL A 664 -8.14 23.71 6.25
N ASN A 665 -6.82 23.70 6.26
CA ASN A 665 -6.07 24.96 6.25
C ASN A 665 -6.31 25.87 5.05
N ARG A 666 -6.65 25.29 3.91
CA ARG A 666 -6.82 26.08 2.69
C ARG A 666 -8.12 26.90 2.64
N LEU A 667 -8.97 26.73 3.67
CA LEU A 667 -10.18 27.49 3.85
C LEU A 667 -10.19 28.33 5.17
N LYS A 668 -8.99 28.56 5.71
CA LYS A 668 -8.79 29.40 6.88
C LYS A 668 -8.25 30.76 6.46
N VAL A 669 -8.89 31.81 6.92
CA VAL A 669 -8.39 33.16 6.69
C VAL A 669 -7.31 33.48 7.71
N TYR A 670 -6.13 33.82 7.22
CA TYR A 670 -4.98 34.11 8.07
C TYR A 670 -4.73 32.99 9.07
N GLY A 671 -4.76 31.73 8.61
CA GLY A 671 -4.38 30.62 9.44
C GLY A 671 -5.15 30.51 10.77
N GLY A 672 -4.42 30.52 11.87
CA GLY A 672 -5.00 30.42 13.22
C GLY A 672 -5.97 31.52 13.63
N ARG A 673 -5.93 32.65 12.93
CA ARG A 673 -6.91 33.69 13.15
C ARG A 673 -8.30 33.19 12.88
N SER A 674 -8.43 32.17 12.03
CA SER A 674 -9.70 31.51 11.75
C SER A 674 -9.83 30.15 12.42
N GLY A 675 -8.99 29.88 13.41
CA GLY A 675 -8.99 28.60 14.13
C GLY A 675 -10.31 28.26 14.80
N GLU A 676 -11.03 29.29 15.22
CA GLU A 676 -12.33 29.15 15.87
C GLU A 676 -13.39 29.82 15.02
N ILE A 677 -13.11 29.99 13.73
CA ILE A 677 -14.06 30.60 12.80
C ILE A 677 -14.46 29.65 11.70
N SER A 678 -13.50 29.04 11.02
CA SER A 678 -13.80 28.26 9.83
C SER A 678 -14.60 26.99 10.17
N ASN A 679 -14.51 26.54 11.43
CA ASN A 679 -15.37 25.44 11.90
C ASN A 679 -16.83 25.83 12.13
N GLN A 680 -17.11 27.11 12.26
CA GLN A 680 -18.44 27.61 12.62
C GLN A 680 -19.45 27.53 11.49
N ILE A 681 -19.00 27.28 10.27
CA ILE A 681 -19.95 27.05 9.18
C ILE A 681 -20.88 25.85 9.47
N PHE A 682 -20.39 24.87 10.22
CA PHE A 682 -21.21 23.70 10.57
C PHE A 682 -22.33 24.00 11.59
N PRO A 683 -22.04 24.68 12.71
CA PRO A 683 -23.14 25.02 13.60
C PRO A 683 -24.10 26.03 13.00
N LEU A 684 -23.54 27.00 12.28
CA LEU A 684 -24.31 27.97 11.53
C LEU A 684 -25.26 27.34 10.51
N HIS A 685 -24.78 26.40 9.70
CA HIS A 685 -25.68 25.73 8.74
C HIS A 685 -26.85 25.05 9.46
N LYS A 686 -26.56 24.32 10.53
CA LYS A 686 -27.59 23.60 11.27
C LYS A 686 -28.71 24.51 11.80
N ASP A 687 -28.32 25.62 12.43
CA ASP A 687 -29.29 26.58 12.96
C ASP A 687 -30.16 27.22 11.87
N TRP A 688 -29.57 27.47 10.70
CA TRP A 688 -30.29 28.02 9.57
C TRP A 688 -31.34 27.01 9.07
N ARG A 689 -30.90 25.77 8.89
CA ARG A 689 -31.81 24.65 8.61
C ARG A 689 -32.86 24.45 9.70
N VAL A 690 -32.44 24.52 10.95
CA VAL A 690 -33.37 24.26 12.03
C VAL A 690 -34.51 25.30 12.09
N LEU A 691 -34.18 26.57 11.86
CA LEU A 691 -35.20 27.58 11.86
C LEU A 691 -36.20 27.30 10.74
N ARG A 692 -35.72 26.99 9.55
CA ARG A 692 -36.62 26.74 8.42
C ARG A 692 -37.53 25.52 8.62
N GLU A 693 -36.96 24.37 8.95
CA GLU A 693 -37.75 23.13 9.00
C GLU A 693 -38.59 23.03 10.26
N PHE A 694 -38.05 23.52 11.38
CA PHE A 694 -38.64 23.24 12.69
C PHE A 694 -39.26 24.47 13.33
N GLY A 695 -38.53 25.57 13.36
CA GLY A 695 -39.05 26.85 13.86
C GLY A 695 -38.31 27.41 15.06
N GLN A 696 -37.56 26.55 15.75
CA GLN A 696 -36.70 27.01 16.85
C GLN A 696 -35.68 27.96 16.28
N ASN A 697 -35.36 28.98 17.05
CA ASN A 697 -34.42 29.99 16.64
C ASN A 697 -33.22 29.96 17.56
N LEU A 698 -32.22 29.17 17.20
CA LEU A 698 -31.08 28.88 18.06
C LEU A 698 -29.89 29.75 17.76
N ASP A 699 -29.29 30.31 18.80
CA ASP A 699 -28.04 31.09 18.68
C ASP A 699 -28.09 32.12 17.55
N ASP A 700 -29.15 32.92 17.59
CA ASP A 700 -29.47 33.87 16.53
C ASP A 700 -28.65 35.17 16.56
N THR A 701 -27.70 35.32 17.48
CA THR A 701 -26.87 36.53 17.56
C THR A 701 -25.34 36.28 17.39
N ARG A 702 -24.98 35.08 16.97
CA ARG A 702 -23.58 34.73 16.81
C ARG A 702 -22.86 35.59 15.77
N VAL A 703 -23.51 35.84 14.63
CA VAL A 703 -22.83 36.48 13.52
C VAL A 703 -23.05 37.99 13.59
N ASN A 704 -21.98 38.70 13.98
CA ASN A 704 -22.01 40.15 14.22
C ASN A 704 -21.69 40.97 12.96
N TYR A 705 -22.67 41.00 12.06
CA TYR A 705 -22.61 41.80 10.84
C TYR A 705 -22.40 43.30 11.19
N ARG A 706 -23.11 43.80 12.20
CA ARG A 706 -23.12 45.22 12.53
C ARG A 706 -21.72 45.70 12.91
N ASN A 707 -21.04 44.96 13.77
CA ASN A 707 -19.76 45.46 14.26
C ASN A 707 -18.60 45.10 13.35
N ALA A 708 -18.76 44.05 12.57
CA ALA A 708 -17.85 43.78 11.49
C ALA A 708 -17.86 44.98 10.58
N TYR A 709 -19.06 45.47 10.27
CA TYR A 709 -19.22 46.64 9.39
C TYR A 709 -18.49 47.85 9.95
N ASN A 710 -18.72 48.13 11.23
CA ASN A 710 -18.07 49.27 11.88
C ASN A 710 -16.56 49.22 11.71
N LEU A 711 -15.98 48.05 11.88
CA LEU A 711 -14.57 47.88 11.75
C LEU A 711 -14.11 48.03 10.29
N ILE A 712 -14.93 47.58 9.35
CA ILE A 712 -14.57 47.66 7.94
C ILE A 712 -14.60 49.12 7.52
N VAL A 713 -15.71 49.80 7.80
CA VAL A 713 -15.84 51.19 7.47
C VAL A 713 -14.65 52.00 7.98
N ALA A 714 -14.24 51.78 9.24
CA ALA A 714 -13.16 52.58 9.82
C ALA A 714 -11.74 52.19 9.35
N GLY A 715 -11.49 50.91 9.09
CA GLY A 715 -10.18 50.49 8.60
C GLY A 715 -9.96 50.96 7.18
N ARG A 716 -11.08 51.18 6.50
CA ARG A 716 -11.10 51.56 5.13
C ARG A 716 -10.66 53.00 4.87
N ALA A 717 -10.82 53.89 5.85
CA ALA A 717 -10.46 55.30 5.63
C ALA A 717 -8.96 55.52 5.78
N GLU A 718 -8.24 54.50 6.24
CA GLU A 718 -6.79 54.59 6.35
C GLU A 718 -6.13 54.71 4.97
N ALA A 719 -4.89 55.17 5.00
CA ALA A 719 -4.11 55.35 3.79
C ALA A 719 -3.97 54.01 3.09
N ASP A 720 -3.63 52.96 3.84
CA ASP A 720 -3.64 51.59 3.29
C ASP A 720 -4.90 50.91 3.81
N PRO A 721 -5.97 50.90 3.00
CA PRO A 721 -7.27 50.37 3.47
C PRO A 721 -7.25 48.88 3.80
N LEU A 722 -6.45 48.12 3.08
CA LEU A 722 -6.26 46.70 3.36
C LEU A 722 -5.75 46.54 4.80
N ALA A 723 -4.60 47.12 5.06
CA ALA A 723 -3.94 47.04 6.36
C ALA A 723 -4.84 47.59 7.45
N GLY A 724 -5.57 48.66 7.16
CA GLY A 724 -6.43 49.30 8.14
C GLY A 724 -7.45 48.32 8.68
N VAL A 725 -8.13 47.62 7.76
CA VAL A 725 -9.10 46.59 8.13
C VAL A 725 -8.39 45.41 8.77
N TYR A 726 -7.27 44.97 8.20
CA TYR A 726 -6.47 43.92 8.84
C TYR A 726 -6.22 44.22 10.33
N LYS A 727 -5.71 45.40 10.64
CA LYS A 727 -5.43 45.79 12.04
C LYS A 727 -6.65 45.57 12.94
N ARG A 728 -7.81 46.01 12.47
CA ARG A 728 -9.00 46.03 13.29
C ARG A 728 -9.75 44.70 13.33
N LEU A 729 -9.41 43.77 12.46
CA LEU A 729 -10.22 42.56 12.37
C LEU A 729 -9.43 41.28 12.67
N TRP A 730 -8.29 41.10 12.00
CA TRP A 730 -7.58 39.82 12.03
C TRP A 730 -6.30 39.86 12.80
N GLU A 731 -5.83 41.06 13.11
CA GLU A 731 -4.58 41.19 13.86
C GLU A 731 -4.61 40.49 15.21
N ASP A 732 -5.63 40.77 16.04
CA ASP A 732 -5.69 40.24 17.41
C ASP A 732 -5.50 38.73 17.45
N PRO A 733 -4.46 38.25 18.16
CA PRO A 733 -4.13 36.83 18.14
C PRO A 733 -4.89 35.98 19.16
N GLY A 734 -5.66 36.61 20.04
CA GLY A 734 -6.42 35.86 21.06
C GLY A 734 -7.25 34.74 20.48
N THR A 735 -7.34 33.64 21.23
CA THR A 735 -8.00 32.40 20.79
C THR A 735 -9.45 32.58 20.30
N TYR A 736 -10.21 33.49 20.89
CA TYR A 736 -11.61 33.73 20.49
C TYR A 736 -11.84 35.18 20.09
N ALA A 737 -10.77 35.92 19.79
CA ALA A 737 -10.91 37.33 19.44
C ALA A 737 -11.81 37.54 18.23
N LEU A 738 -12.67 38.54 18.33
CA LEU A 738 -13.52 39.00 17.26
C LEU A 738 -14.24 37.86 16.55
N ASN A 739 -14.74 36.93 17.35
CA ASN A 739 -15.26 35.69 16.83
C ASN A 739 -16.49 36.00 15.97
N GLY A 740 -17.45 36.72 16.50
CA GLY A 740 -18.66 37.02 15.74
C GLY A 740 -18.40 37.87 14.50
N GLU A 741 -17.46 38.78 14.60
CA GLU A 741 -17.15 39.66 13.50
C GLU A 741 -16.50 38.89 12.35
N ARG A 742 -15.56 38.02 12.67
CA ARG A 742 -14.90 37.21 11.64
C ARG A 742 -15.87 36.23 10.98
N MET A 743 -16.85 35.75 11.73
CA MET A 743 -17.80 34.82 11.15
C MET A 743 -18.59 35.44 10.00
N ALA A 744 -18.75 36.76 10.06
CA ALA A 744 -19.57 37.47 9.11
C ALA A 744 -18.94 37.42 7.75
N PHE A 745 -17.62 37.31 7.68
CA PHE A 745 -16.96 37.06 6.38
C PHE A 745 -17.42 35.76 5.74
N TYR A 746 -17.47 34.71 6.54
CA TYR A 746 -17.79 33.43 6.01
C TYR A 746 -19.20 33.34 5.45
N THR A 747 -20.16 34.04 6.07
CA THR A 747 -21.54 34.05 5.56
C THR A 747 -21.77 34.96 4.35
N GLN A 748 -20.85 35.88 4.09
CA GLN A 748 -21.00 36.78 2.93
C GLN A 748 -21.26 35.98 1.66
N TRP A 749 -20.47 34.92 1.52
CA TRP A 749 -20.46 34.06 0.33
C TRP A 749 -21.72 33.21 0.26
N VAL A 750 -22.34 32.98 1.41
CA VAL A 750 -23.62 32.28 1.44
C VAL A 750 -24.70 33.16 0.81
N HIS A 751 -24.78 34.41 1.26
CA HIS A 751 -25.77 35.34 0.73
C HIS A 751 -25.48 35.64 -0.75
N TYR A 752 -24.20 35.81 -1.09
CA TYR A 752 -23.79 36.03 -2.48
C TYR A 752 -24.24 34.89 -3.41
N TRP A 753 -23.93 33.66 -3.03
CA TRP A 753 -24.20 32.51 -3.88
C TRP A 753 -25.68 32.40 -4.14
N ALA A 754 -26.48 32.67 -3.11
CA ALA A 754 -27.94 32.59 -3.21
C ALA A 754 -28.47 33.58 -4.23
N ASP A 755 -27.97 34.80 -4.20
CA ASP A 755 -28.37 35.81 -5.18
C ASP A 755 -27.93 35.39 -6.57
N LEU A 756 -26.74 34.82 -6.67
CA LEU A 756 -26.19 34.38 -7.94
C LEU A 756 -26.99 33.21 -8.54
N LYS A 757 -27.42 32.29 -7.69
CA LYS A 757 -28.25 31.18 -8.12
C LYS A 757 -29.73 31.54 -8.10
N ASN A 758 -30.04 32.75 -7.64
CA ASN A 758 -31.40 33.22 -7.45
C ASN A 758 -32.31 32.23 -6.71
N ASP A 759 -31.76 31.62 -5.67
CA ASP A 759 -32.49 30.64 -4.89
C ASP A 759 -31.96 30.61 -3.46
N PRO A 760 -32.73 31.14 -2.50
CA PRO A 760 -32.25 31.16 -1.11
C PRO A 760 -31.85 29.80 -0.55
N LEU A 761 -32.46 28.71 -1.03
CA LEU A 761 -32.13 27.36 -0.53
C LEU A 761 -30.73 26.89 -0.95
N GLN A 762 -30.11 27.54 -1.93
CA GLN A 762 -28.83 27.09 -2.47
C GLN A 762 -27.61 27.74 -1.82
N GLY A 763 -27.82 28.76 -0.99
CA GLY A 763 -26.73 29.61 -0.48
C GLY A 763 -25.51 28.87 0.05
N TRP A 764 -25.77 27.87 0.88
CA TRP A 764 -24.68 27.17 1.56
C TRP A 764 -23.93 26.26 0.64
N ASP A 765 -24.48 26.00 -0.54
CA ASP A 765 -23.82 25.14 -1.51
C ASP A 765 -22.43 25.67 -1.86
N ILE A 766 -22.22 26.99 -1.78
CA ILE A 766 -20.94 27.58 -2.08
C ILE A 766 -19.83 26.94 -1.26
N TRP A 767 -20.12 26.66 0.03
CA TRP A 767 -19.10 26.09 0.93
C TRP A 767 -18.87 24.64 0.61
N THR A 768 -19.94 23.94 0.22
CA THR A 768 -19.85 22.55 -0.21
C THR A 768 -19.01 22.46 -1.49
N LEU A 769 -19.20 23.40 -2.41
CA LEU A 769 -18.35 23.43 -3.63
C LEU A 769 -16.88 23.72 -3.31
N LEU A 770 -16.61 24.59 -2.33
CA LEU A 770 -15.24 24.89 -1.93
C LEU A 770 -14.54 23.70 -1.27
N TYR A 771 -15.27 22.97 -0.42
CA TYR A 771 -14.70 21.77 0.17
C TYR A 771 -14.31 20.75 -0.90
N LEU A 772 -15.18 20.55 -1.89
CA LEU A 772 -14.94 19.60 -3.00
C LEU A 772 -13.75 20.04 -3.87
N HIS A 773 -13.75 21.33 -4.21
CA HIS A 773 -12.62 21.94 -4.89
C HIS A 773 -11.33 21.72 -4.10
N GLN A 774 -11.35 21.99 -2.79
CA GLN A 774 -10.12 21.96 -1.97
C GLN A 774 -9.54 20.54 -1.86
N ARG A 775 -10.38 19.52 -1.74
CA ARG A 775 -9.85 18.14 -1.71
C ARG A 775 -9.21 17.77 -3.06
N GLN A 776 -9.75 18.30 -4.16
CA GLN A 776 -9.12 18.10 -5.46
C GLN A 776 -7.77 18.80 -5.48
N VAL A 777 -7.74 20.05 -5.01
CA VAL A 777 -6.50 20.81 -4.93
C VAL A 777 -5.50 20.09 -4.06
N ASP A 778 -5.97 19.53 -2.95
CA ASP A 778 -5.09 18.85 -1.98
C ASP A 778 -4.41 17.58 -2.49
N LYS A 779 -5.14 16.75 -3.23
CA LYS A 779 -4.67 15.40 -3.56
C LYS A 779 -4.80 14.92 -5.00
N SER A 780 -5.49 15.66 -5.86
CA SER A 780 -5.49 15.30 -7.29
C SER A 780 -4.07 15.39 -7.86
N ASP A 781 -3.80 14.55 -8.85
CA ASP A 781 -2.57 14.67 -9.60
C ASP A 781 -2.52 16.10 -10.11
N TRP A 782 -1.43 16.78 -9.84
CA TRP A 782 -1.40 18.20 -10.03
C TRP A 782 -1.40 18.54 -11.52
N ASP A 783 -0.44 18.02 -12.26
CA ASP A 783 -0.33 18.33 -13.67
C ASP A 783 -1.63 18.03 -14.41
N ALA A 784 -2.28 16.92 -14.05
CA ALA A 784 -3.48 16.49 -14.76
C ALA A 784 -4.73 17.31 -14.47
N ASN A 785 -4.80 17.91 -13.28
CA ASN A 785 -6.06 18.48 -12.79
C ASN A 785 -6.04 19.98 -12.57
N LYS A 786 -4.86 20.59 -12.60
CA LYS A 786 -4.74 21.98 -12.22
C LYS A 786 -5.55 22.91 -13.11
N ALA A 787 -5.69 22.57 -14.39
CA ALA A 787 -6.40 23.46 -15.32
C ALA A 787 -7.89 23.55 -14.93
N ALA A 788 -8.50 22.40 -14.63
CA ALA A 788 -9.88 22.32 -14.15
C ALA A 788 -10.17 23.02 -12.81
N LEU A 789 -9.15 23.18 -11.99
CA LEU A 789 -9.27 23.78 -10.66
C LEU A 789 -8.88 25.26 -10.58
N GLY A 790 -8.71 25.90 -11.73
CA GLY A 790 -8.30 27.31 -11.77
C GLY A 790 -6.90 27.57 -11.24
N TYR A 791 -6.02 26.57 -11.35
CA TYR A 791 -4.63 26.70 -10.92
C TYR A 791 -3.64 26.41 -12.06
N GLY A 792 -4.03 26.70 -13.28
CA GLY A 792 -3.16 26.43 -14.45
C GLY A 792 -1.77 27.08 -14.45
N THR A 793 -1.66 28.28 -13.90
CA THR A 793 -0.39 28.96 -13.86
C THR A 793 0.56 28.43 -12.80
N TYR A 794 0.13 27.49 -11.96
CA TYR A 794 1.01 26.99 -10.87
C TYR A 794 1.82 25.77 -11.32
N ALA A 795 3.15 25.91 -11.32
CA ALA A 795 4.02 24.78 -11.63
C ALA A 795 3.81 23.61 -10.66
N GLN A 796 3.66 23.96 -9.38
CA GLN A 796 3.47 23.02 -8.28
C GLN A 796 2.19 23.29 -7.46
N ARG A 797 1.66 22.23 -6.85
CA ARG A 797 0.63 22.35 -5.83
C ARG A 797 0.94 23.47 -4.82
N PRO A 798 -0.07 24.26 -4.44
CA PRO A 798 0.20 25.23 -3.39
C PRO A 798 0.43 24.58 -2.03
N GLY A 799 0.99 25.36 -1.11
CA GLY A 799 1.17 24.96 0.27
C GLY A 799 -0.12 24.89 1.07
N ASN A 800 0.00 24.28 2.23
CA ASN A 800 -1.12 24.03 3.10
C ASN A 800 -0.79 24.51 4.50
N SER A 801 0.03 25.55 4.60
CA SER A 801 0.37 26.12 5.90
C SER A 801 -0.86 26.64 6.60
N GLY A 802 -0.92 26.35 7.90
CA GLY A 802 -1.95 26.88 8.79
C GLY A 802 -1.47 28.08 9.61
N ASP A 803 -0.40 28.70 9.16
CA ASP A 803 0.26 29.77 9.91
C ASP A 803 -0.44 31.12 9.68
N ALA A 804 -0.59 31.90 10.74
CA ALA A 804 -1.26 33.21 10.65
C ALA A 804 -0.64 34.17 9.65
N SER A 805 0.65 34.03 9.44
CA SER A 805 1.38 34.89 8.52
C SER A 805 1.52 34.26 7.11
N SER A 806 0.82 33.15 6.87
CA SER A 806 0.83 32.55 5.55
C SER A 806 -0.35 33.06 4.77
N THR A 807 -0.17 33.17 3.47
CA THR A 807 -1.26 33.45 2.58
C THR A 807 -1.78 32.17 1.90
N ASP A 808 -1.39 30.98 2.37
CA ASP A 808 -1.89 29.72 1.80
C ASP A 808 -3.41 29.56 1.89
N GLY A 809 -4.01 30.00 3.01
CA GLY A 809 -5.44 29.96 3.14
C GLY A 809 -6.14 31.08 2.38
N ASN A 810 -5.66 32.30 2.57
CA ASN A 810 -6.23 33.41 1.84
C ASN A 810 -6.22 33.20 0.34
N ASP A 811 -5.12 32.67 -0.18
CA ASP A 811 -4.96 32.51 -1.63
C ASP A 811 -6.00 31.59 -2.20
N ASN A 812 -6.06 30.37 -1.65
CA ASN A 812 -7.05 29.39 -2.10
C ASN A 812 -8.49 29.84 -1.97
N LEU A 813 -8.77 30.62 -0.93
CA LEU A 813 -10.11 31.20 -0.79
C LEU A 813 -10.38 32.16 -1.95
N LEU A 814 -9.41 33.01 -2.28
CA LEU A 814 -9.60 33.97 -3.37
C LEU A 814 -9.74 33.25 -4.69
N LEU A 815 -8.93 32.20 -4.89
CA LEU A 815 -8.94 31.50 -6.16
C LEU A 815 -10.21 30.71 -6.32
N GLY A 816 -10.62 30.02 -5.25
CA GLY A 816 -11.78 29.13 -5.31
C GLY A 816 -13.06 29.92 -5.51
N LEU A 817 -13.24 30.95 -4.69
CA LEU A 817 -14.43 31.78 -4.79
C LEU A 817 -14.50 32.51 -6.15
N SER A 818 -13.38 33.07 -6.61
CA SER A 818 -13.34 33.68 -7.92
C SER A 818 -13.69 32.67 -9.05
N TRP A 819 -13.06 31.49 -9.00
CA TRP A 819 -13.29 30.43 -9.99
C TRP A 819 -14.73 29.94 -10.03
N LEU A 820 -15.33 29.73 -8.86
CA LEU A 820 -16.71 29.23 -8.78
C LEU A 820 -17.75 30.28 -9.14
N THR A 821 -17.53 31.51 -8.69
CA THR A 821 -18.44 32.61 -8.96
C THR A 821 -18.23 33.18 -10.37
N GLN A 822 -17.05 32.94 -10.92
CA GLN A 822 -16.65 33.52 -12.21
C GLN A 822 -16.58 35.05 -12.18
N ARG A 823 -16.09 35.60 -11.08
CA ARG A 823 -15.85 37.03 -10.97
C ARG A 823 -14.57 37.25 -10.19
N ASP A 824 -13.85 38.31 -10.51
CA ASP A 824 -12.63 38.63 -9.81
C ASP A 824 -13.03 39.27 -8.46
N GLN A 825 -12.77 38.55 -7.36
CA GLN A 825 -13.26 38.93 -6.02
C GLN A 825 -12.24 39.70 -5.20
N ARG A 826 -11.16 40.16 -5.81
CA ARG A 826 -10.16 40.87 -5.02
C ARG A 826 -10.67 42.12 -4.30
N PRO A 827 -11.58 42.89 -4.92
CA PRO A 827 -12.11 44.07 -4.21
C PRO A 827 -12.73 43.74 -2.86
N THR A 828 -13.59 42.72 -2.81
CA THR A 828 -14.22 42.32 -1.56
C THR A 828 -13.19 41.68 -0.61
N PHE A 829 -12.18 40.97 -1.12
CA PHE A 829 -11.13 40.46 -0.22
C PHE A 829 -10.34 41.61 0.41
N ALA A 830 -9.98 42.60 -0.39
CA ALA A 830 -9.30 43.80 0.14
C ALA A 830 -10.16 44.53 1.15
N LEU A 831 -11.44 44.67 0.87
CA LEU A 831 -12.39 45.30 1.78
C LEU A 831 -12.37 44.64 3.14
N TRP A 832 -12.05 43.35 3.19
CA TRP A 832 -12.01 42.62 4.48
C TRP A 832 -10.60 42.54 5.06
N GLY A 833 -9.65 43.22 4.45
CA GLY A 833 -8.29 43.24 5.00
C GLY A 833 -7.50 41.96 4.80
N ILE A 834 -7.85 41.20 3.77
CA ILE A 834 -7.25 39.89 3.50
C ILE A 834 -6.26 39.95 2.34
N ARG A 835 -4.97 39.78 2.62
CA ARG A 835 -3.98 39.86 1.57
C ARG A 835 -3.71 38.50 0.95
N THR A 836 -3.23 38.54 -0.28
CA THR A 836 -2.99 37.37 -1.11
C THR A 836 -1.67 37.53 -1.80
N SER A 837 -1.09 36.40 -2.18
CA SER A 837 0.24 36.38 -2.78
C SER A 837 0.18 36.88 -4.23
N ALA A 838 1.35 37.08 -4.83
CA ALA A 838 1.42 37.56 -6.21
C ALA A 838 0.95 36.48 -7.17
N ALA A 839 1.44 35.27 -6.95
CA ALA A 839 1.03 34.14 -7.75
C ALA A 839 -0.48 34.09 -7.84
N ALA A 840 -1.16 34.17 -6.69
CA ALA A 840 -2.62 34.08 -6.64
C ALA A 840 -3.29 35.25 -7.34
N GLN A 841 -2.79 36.44 -7.10
CA GLN A 841 -3.24 37.61 -7.84
C GLN A 841 -3.16 37.38 -9.34
N ALA A 842 -1.99 36.97 -9.83
CA ALA A 842 -1.77 36.76 -11.27
C ALA A 842 -2.70 35.69 -11.83
N GLN A 843 -2.90 34.62 -11.06
CA GLN A 843 -3.82 33.58 -11.45
C GLN A 843 -5.25 34.10 -11.61
N VAL A 844 -5.72 34.96 -10.72
CA VAL A 844 -7.09 35.47 -10.85
C VAL A 844 -7.21 36.28 -12.15
N ALA A 845 -6.21 37.13 -12.38
CA ALA A 845 -6.14 37.94 -13.62
C ALA A 845 -6.33 37.01 -14.80
N ALA A 846 -5.61 35.90 -14.80
CA ALA A 846 -5.62 34.98 -15.93
C ALA A 846 -6.99 34.40 -16.22
N TYR A 847 -7.88 34.35 -15.23
CA TYR A 847 -9.25 33.87 -15.46
C TYR A 847 -10.01 34.78 -16.44
N GLY A 848 -9.68 36.08 -16.40
CA GLY A 848 -10.26 37.08 -17.28
C GLY A 848 -11.74 37.32 -17.01
N PHE A 849 -12.09 37.36 -15.73
CA PHE A 849 -13.47 37.54 -15.30
C PHE A 849 -13.70 39.04 -15.07
N ALA A 850 -14.92 39.49 -15.27
CA ALA A 850 -15.27 40.85 -14.87
C ALA A 850 -15.09 40.92 -13.35
N GLU A 851 -14.53 42.03 -12.91
CA GLU A 851 -14.38 42.30 -11.52
C GLU A 851 -15.75 42.36 -10.85
N GLN A 852 -15.86 41.76 -9.66
CA GLN A 852 -17.00 42.00 -8.77
C GLN A 852 -16.62 43.15 -7.85
N PRO A 853 -17.35 44.29 -7.93
CA PRO A 853 -16.95 45.40 -7.08
C PRO A 853 -17.28 45.10 -5.63
N ALA A 854 -16.53 45.69 -4.72
CA ALA A 854 -16.70 45.43 -3.30
C ALA A 854 -18.16 45.56 -2.86
N PHE A 855 -18.61 44.57 -2.08
CA PHE A 855 -19.95 44.51 -1.55
C PHE A 855 -19.94 44.05 -0.08
N PHE A 856 -21.09 44.16 0.59
CA PHE A 856 -21.25 43.73 1.98
C PHE A 856 -22.73 43.37 2.23
N TYR A 857 -22.96 42.14 2.73
CA TYR A 857 -24.28 41.71 3.12
C TYR A 857 -24.47 41.98 4.61
N ALA A 858 -25.48 42.79 4.90
CA ALA A 858 -25.80 43.20 6.26
C ALA A 858 -27.08 42.52 6.71
N ASN A 859 -27.07 42.09 7.98
CA ASN A 859 -28.28 41.59 8.61
C ASN A 859 -28.28 41.88 10.10
N ASN A 860 -29.49 41.94 10.68
CA ASN A 860 -29.66 42.10 12.12
C ASN A 860 -29.99 40.80 12.85
N ARG A 861 -30.03 39.69 12.11
CA ARG A 861 -30.18 38.34 12.69
C ARG A 861 -29.20 37.35 12.04
N THR A 862 -28.80 36.32 12.78
CA THR A 862 -27.94 35.26 12.26
C THR A 862 -28.70 34.23 11.39
N ASN A 863 -29.82 33.70 11.86
CA ASN A 863 -30.44 32.56 11.20
C ASN A 863 -31.45 32.84 10.10
N GLU A 864 -31.92 34.09 9.99
CA GLU A 864 -33.03 34.44 9.08
C GLU A 864 -32.56 35.37 7.96
N TYR A 865 -32.35 34.79 6.77
CA TYR A 865 -31.77 35.53 5.66
C TYR A 865 -32.75 36.41 4.87
N SER A 866 -34.05 36.27 5.09
CA SER A 866 -35.02 37.02 4.29
C SER A 866 -34.79 38.52 4.38
N THR A 867 -34.24 38.98 5.51
CA THR A 867 -34.05 40.40 5.77
C THR A 867 -32.70 40.94 5.38
N VAL A 868 -31.81 40.08 4.87
CA VAL A 868 -30.46 40.51 4.53
C VAL A 868 -30.48 41.63 3.48
N LYS A 869 -29.56 42.56 3.58
CA LYS A 869 -29.51 43.70 2.68
C LYS A 869 -28.14 43.82 2.04
N LEU A 870 -28.13 44.11 0.74
CA LEU A 870 -26.89 44.20 -0.03
C LEU A 870 -26.42 45.65 -0.10
N LEU A 871 -25.21 45.89 0.36
CA LEU A 871 -24.58 47.20 0.23
C LEU A 871 -23.55 47.20 -0.89
N ASP A 872 -23.52 48.28 -1.65
CA ASP A 872 -22.49 48.53 -2.66
C ASP A 872 -21.43 49.33 -1.97
N MET A 873 -20.22 48.78 -1.88
CA MET A 873 -19.12 49.38 -1.15
C MET A 873 -18.01 49.91 -2.08
N SER A 874 -18.24 49.87 -3.39
CA SER A 874 -17.26 50.34 -4.36
C SER A 874 -17.02 51.86 -4.30
N GLN A 875 -18.08 52.65 -4.07
CA GLN A 875 -18.03 54.12 -4.15
C GLN A 875 -17.87 54.88 -2.83
N GLY A 876 -17.77 54.18 -1.71
CA GLY A 876 -17.88 54.81 -0.39
C GLY A 876 -18.67 53.88 0.51
N SER A 877 -18.91 54.27 1.75
CA SER A 877 -19.44 53.35 2.77
C SER A 877 -20.85 53.74 3.23
N PRO A 878 -21.90 53.06 2.72
CA PRO A 878 -23.23 53.48 3.15
C PRO A 878 -23.50 53.33 4.64
N ALA A 879 -24.63 53.88 5.05
CA ALA A 879 -25.02 53.85 6.46
C ALA A 879 -25.42 52.42 6.77
N TRP A 880 -25.26 52.02 8.02
CA TRP A 880 -25.73 50.70 8.43
C TRP A 880 -27.23 50.71 8.18
N PRO A 881 -27.74 49.72 7.41
CA PRO A 881 -29.14 49.84 6.95
C PRO A 881 -30.27 49.29 7.85
N PHE A 882 -30.02 49.05 9.14
CA PHE A 882 -31.09 48.67 10.08
C PHE A 882 -31.10 49.68 11.24
N PRO A 883 -32.28 50.10 11.71
CA PRO A 883 -32.28 51.10 12.78
C PRO A 883 -31.74 50.56 14.11
N LEU A 884 -31.10 51.43 14.87
CA LEU A 884 -30.81 51.17 16.28
C LEU A 884 -32.02 51.73 17.08
N GLU A 885 -32.24 51.33 18.33
CA GLU A 885 -31.34 50.52 19.13
C GLU A 885 -31.91 49.12 19.39
N ALA B 2 -31.17 -6.55 -50.76
CA ALA B 2 -30.36 -5.32 -50.48
C ALA B 2 -28.95 -5.49 -51.03
N THR B 3 -28.43 -4.48 -51.72
CA THR B 3 -27.13 -4.61 -52.38
C THR B 3 -25.98 -4.40 -51.39
N GLN B 4 -24.79 -4.76 -51.83
CA GLN B 4 -23.60 -4.59 -51.03
C GLN B 4 -23.38 -3.09 -50.78
N GLU B 5 -23.40 -2.31 -51.85
CA GLU B 5 -23.44 -0.85 -51.75
C GLU B 5 -24.25 -0.37 -50.52
N GLU B 6 -25.51 -0.76 -50.46
CA GLU B 6 -26.41 -0.30 -49.41
C GLU B 6 -25.93 -0.75 -48.04
N ILE B 7 -25.56 -2.02 -47.96
CA ILE B 7 -25.08 -2.62 -46.72
C ILE B 7 -23.82 -1.88 -46.26
N LEU B 8 -22.93 -1.55 -47.19
CA LEU B 8 -21.72 -0.81 -46.84
C LEU B 8 -22.07 0.58 -46.33
N ASP B 9 -22.94 1.29 -47.03
CA ASP B 9 -23.36 2.61 -46.55
C ASP B 9 -24.00 2.54 -45.15
N ALA B 10 -24.71 1.45 -44.85
CA ALA B 10 -25.34 1.29 -43.54
C ALA B 10 -24.31 0.92 -42.49
N ALA B 11 -23.38 0.05 -42.84
CA ALA B 11 -22.33 -0.36 -41.92
C ALA B 11 -21.40 0.79 -41.55
N LEU B 12 -21.26 1.75 -42.45
CA LEU B 12 -20.40 2.88 -42.15
C LEU B 12 -20.89 3.67 -40.95
N VAL B 13 -22.21 3.67 -40.73
CA VAL B 13 -22.81 4.37 -39.58
C VAL B 13 -22.90 3.44 -38.37
N SER B 14 -23.30 2.19 -38.59
CA SER B 14 -23.62 1.28 -37.49
C SER B 14 -22.45 0.41 -37.04
N GLY B 15 -21.57 0.05 -37.97
CA GLY B 15 -20.48 -0.87 -37.64
C GLY B 15 -20.84 -2.33 -37.81
N ASP B 16 -22.04 -2.59 -38.31
CA ASP B 16 -22.50 -3.94 -38.48
C ASP B 16 -22.14 -4.45 -39.86
N SER B 17 -21.03 -5.18 -39.92
CA SER B 17 -20.55 -5.76 -41.15
C SER B 17 -21.09 -7.16 -41.44
N SER B 18 -22.20 -7.52 -40.80
CA SER B 18 -22.73 -8.88 -40.87
C SER B 18 -23.01 -9.46 -42.28
N GLN B 19 -23.61 -8.67 -43.17
CA GLN B 19 -24.01 -9.16 -44.51
C GLN B 19 -22.98 -8.82 -45.58
N LEU B 20 -21.91 -8.16 -45.16
CA LEU B 20 -21.00 -7.49 -46.06
C LEU B 20 -19.90 -8.43 -46.50
N THR B 21 -19.87 -8.77 -47.78
CA THR B 21 -18.92 -9.75 -48.31
C THR B 21 -18.00 -9.24 -49.44
N ASP B 22 -18.37 -8.12 -50.05
CA ASP B 22 -17.69 -7.60 -51.24
C ASP B 22 -16.50 -6.72 -50.83
N SER B 23 -15.36 -7.33 -50.57
CA SER B 23 -14.24 -6.58 -50.04
C SER B 23 -13.67 -5.60 -51.06
N HIS B 24 -13.75 -5.95 -52.36
CA HIS B 24 -13.27 -5.11 -53.47
C HIS B 24 -14.00 -3.75 -53.52
N LEU B 25 -15.33 -3.80 -53.42
CA LEU B 25 -16.12 -2.59 -53.39
C LEU B 25 -15.69 -1.69 -52.22
N VAL B 26 -15.40 -2.28 -51.07
CA VAL B 26 -15.00 -1.49 -49.89
C VAL B 26 -13.64 -0.86 -50.14
N ALA B 27 -12.76 -1.64 -50.77
CA ALA B 27 -11.43 -1.17 -51.14
C ALA B 27 -11.46 0.04 -52.07
N LEU B 28 -12.40 0.05 -53.01
CA LEU B 28 -12.55 1.17 -53.95
C LEU B 28 -13.00 2.39 -53.17
N ARG B 29 -13.87 2.17 -52.19
CA ARG B 29 -14.34 3.27 -51.40
C ARG B 29 -13.19 3.82 -50.59
N LEU B 30 -12.37 2.93 -50.05
CA LEU B 30 -11.19 3.33 -49.30
C LEU B 30 -10.19 4.10 -50.16
N GLN B 31 -10.02 3.62 -51.39
CA GLN B 31 -9.16 4.26 -52.36
C GLN B 31 -9.51 5.76 -52.52
N GLN B 32 -10.79 6.06 -52.69
CA GLN B 32 -11.19 7.44 -52.89
C GLN B 32 -11.08 8.26 -51.62
N GLN B 33 -11.40 7.65 -50.49
CA GLN B 33 -11.28 8.34 -49.23
C GLN B 33 -9.83 8.75 -48.93
N VAL B 34 -8.89 7.84 -49.17
CA VAL B 34 -7.48 8.17 -48.99
C VAL B 34 -7.04 9.24 -49.98
N GLU B 35 -7.54 9.17 -51.22
CA GLU B 35 -7.18 10.16 -52.24
C GLU B 35 -7.75 11.52 -51.88
N ARG B 36 -8.96 11.55 -51.33
CA ARG B 36 -9.57 12.79 -50.84
C ARG B 36 -8.69 13.47 -49.80
N ILE B 37 -8.25 12.68 -48.83
CA ILE B 37 -7.41 13.19 -47.78
C ILE B 37 -6.14 13.77 -48.38
N ARG B 38 -5.46 12.96 -49.21
CA ARG B 38 -4.25 13.43 -49.89
C ARG B 38 -4.45 14.78 -50.62
N GLN B 39 -5.54 14.94 -51.35
CA GLN B 39 -5.77 16.19 -52.07
C GLN B 39 -5.90 17.38 -51.13
N THR B 40 -6.70 17.23 -50.09
CA THR B 40 -6.92 18.33 -49.15
C THR B 40 -5.62 18.76 -48.50
N ARG B 41 -4.90 17.78 -47.97
CA ARG B 41 -3.61 18.03 -47.33
C ARG B 41 -2.65 18.79 -48.24
N THR B 42 -2.49 18.31 -49.47
CA THR B 42 -1.46 18.84 -50.37
C THR B 42 -1.77 20.25 -50.84
N GLN B 43 -3.03 20.53 -51.12
CA GLN B 43 -3.38 21.86 -51.56
C GLN B 43 -3.21 22.87 -50.44
N LEU B 44 -3.61 22.51 -49.22
CA LEU B 44 -3.40 23.38 -48.07
C LEU B 44 -1.93 23.63 -47.80
N LEU B 45 -1.14 22.55 -47.78
CA LEU B 45 0.30 22.66 -47.56
C LEU B 45 1.04 23.48 -48.61
N ASP B 46 0.71 23.23 -49.87
CA ASP B 46 1.31 24.00 -50.96
C ASP B 46 1.02 25.51 -50.85
N GLY B 47 -0.19 25.87 -50.44
CA GLY B 47 -0.53 27.27 -50.30
C GLY B 47 0.17 27.92 -49.11
N LEU B 48 0.38 27.14 -48.05
CA LEU B 48 1.14 27.63 -46.89
C LEU B 48 2.59 27.88 -47.27
N TYR B 49 3.27 26.85 -47.76
CA TYR B 49 4.72 26.92 -47.95
C TYR B 49 5.13 27.85 -49.09
N GLN B 50 4.35 27.86 -50.16
CA GLN B 50 4.78 28.53 -51.42
C GLN B 50 6.29 28.23 -51.64
N ASN B 51 7.08 29.23 -52.00
CA ASN B 51 8.53 29.09 -52.11
C ASN B 51 9.28 29.70 -50.93
N LEU B 52 8.62 29.89 -49.79
CA LEU B 52 9.30 30.47 -48.64
C LEU B 52 10.20 29.43 -48.00
N SER B 53 11.09 29.91 -47.14
CA SER B 53 11.99 29.04 -46.41
C SER B 53 11.20 28.27 -45.37
N GLN B 54 11.52 26.97 -45.25
CA GLN B 54 10.86 26.07 -44.31
C GLN B 54 11.77 25.77 -43.12
N ALA B 55 12.81 26.57 -42.95
CA ALA B 55 13.73 26.41 -41.81
C ALA B 55 12.99 26.55 -40.49
N TYR B 56 13.05 25.51 -39.68
CA TYR B 56 12.50 25.51 -38.35
C TYR B 56 13.36 24.61 -37.47
N ASP B 57 13.97 25.21 -36.45
CA ASP B 57 14.78 24.45 -35.50
C ASP B 57 14.28 24.76 -34.09
N PRO B 58 13.55 23.80 -33.48
CA PRO B 58 12.96 24.00 -32.15
C PRO B 58 13.88 23.59 -31.00
N GLY B 59 15.05 23.04 -31.32
CA GLY B 59 16.03 22.67 -30.31
C GLY B 59 15.69 21.34 -29.66
N ALA B 60 16.52 20.96 -28.70
CA ALA B 60 16.31 19.75 -27.93
C ALA B 60 15.17 19.94 -26.94
N ALA B 61 14.98 21.18 -26.49
CA ALA B 61 13.98 21.49 -25.48
C ALA B 61 12.65 21.81 -26.16
N SER B 62 12.02 20.74 -26.65
CA SER B 62 10.76 20.83 -27.36
C SER B 62 10.11 19.45 -27.42
N MET B 63 8.84 19.41 -27.79
CA MET B 63 8.09 18.17 -27.91
C MET B 63 7.75 18.00 -29.36
N TRP B 64 7.60 16.75 -29.79
CA TRP B 64 6.97 16.46 -31.06
C TRP B 64 5.46 16.57 -30.87
N VAL B 65 4.78 16.94 -31.95
CA VAL B 65 3.33 17.14 -31.96
C VAL B 65 2.75 16.53 -33.23
N LEU B 66 1.96 15.47 -33.04
CA LEU B 66 1.54 14.56 -34.10
C LEU B 66 0.04 14.61 -34.36
N PRO B 67 -0.37 14.25 -35.57
CA PRO B 67 -1.77 14.01 -35.84
C PRO B 67 -2.27 12.79 -35.08
N ALA B 68 -3.51 12.89 -34.58
CA ALA B 68 -4.18 11.80 -33.87
C ALA B 68 -5.27 11.26 -34.76
N ASN B 69 -6.14 12.16 -35.22
CA ASN B 69 -7.16 11.85 -36.20
C ASN B 69 -6.62 12.19 -37.61
N PRO B 70 -6.21 11.17 -38.39
CA PRO B 70 -5.56 11.47 -39.67
C PRO B 70 -6.48 11.94 -40.81
N ASP B 71 -7.80 11.81 -40.64
CA ASP B 71 -8.71 12.31 -41.67
C ASP B 71 -8.77 13.86 -41.69
N ASN B 72 -8.68 14.51 -40.54
CA ASN B 72 -8.81 15.99 -40.47
C ASN B 72 -7.70 16.71 -39.73
N THR B 73 -6.57 16.05 -39.55
CA THR B 73 -5.37 16.73 -39.10
C THR B 73 -4.25 16.27 -39.99
N LEU B 74 -3.13 16.98 -39.95
CA LEU B 74 -1.96 16.66 -40.78
C LEU B 74 -0.70 17.35 -40.26
N PRO B 75 0.49 16.88 -40.68
CA PRO B 75 1.74 17.55 -40.30
C PRO B 75 1.92 18.90 -40.99
N PHE B 76 2.65 19.80 -40.34
CA PHE B 76 3.08 21.06 -40.90
C PHE B 76 4.60 21.12 -41.08
N LEU B 77 5.34 20.75 -40.06
CA LEU B 77 6.80 20.72 -40.14
C LEU B 77 7.33 19.38 -39.68
N ILE B 78 7.77 18.55 -40.63
CA ILE B 78 8.36 17.22 -40.35
C ILE B 78 9.86 17.39 -40.57
N GLY B 79 10.68 16.99 -39.61
CA GLY B 79 12.14 17.19 -39.71
C GLY B 79 12.83 16.17 -40.60
N ASP B 80 14.12 16.35 -40.86
CA ASP B 80 14.86 15.37 -41.69
C ASP B 80 14.84 13.95 -41.09
N LYS B 81 14.73 13.82 -39.77
CA LYS B 81 14.65 12.50 -39.15
C LYS B 81 13.24 11.94 -39.01
N GLY B 82 12.25 12.61 -39.60
CA GLY B 82 10.88 12.11 -39.63
C GLY B 82 10.03 12.46 -38.41
N ARG B 83 10.56 13.34 -37.55
CA ARG B 83 9.81 13.76 -36.37
C ARG B 83 8.90 14.92 -36.75
N VAL B 84 7.68 14.90 -36.22
CA VAL B 84 6.70 15.91 -36.55
C VAL B 84 6.83 17.00 -35.50
N LEU B 85 7.26 18.18 -35.94
CA LEU B 85 7.58 19.23 -35.00
C LEU B 85 6.46 20.27 -34.89
N ALA B 86 5.48 20.21 -35.79
CA ALA B 86 4.28 21.02 -35.66
C ALA B 86 3.18 20.41 -36.53
N SER B 87 1.93 20.51 -36.11
CA SER B 87 0.81 19.95 -36.91
C SER B 87 -0.36 20.92 -37.09
N LEU B 88 -1.16 20.67 -38.13
CA LEU B 88 -2.35 21.45 -38.44
C LEU B 88 -3.62 20.68 -38.11
N SER B 89 -4.70 21.40 -37.77
CA SER B 89 -6.00 20.81 -37.50
C SER B 89 -7.12 21.41 -38.34
N LEU B 90 -7.93 20.54 -38.96
CA LEU B 90 -9.17 20.92 -39.63
C LEU B 90 -10.32 20.26 -38.89
N GLU B 91 -10.07 19.82 -37.66
CA GLU B 91 -11.07 19.08 -36.87
C GLU B 91 -12.35 19.88 -36.72
N ALA B 92 -13.47 19.19 -36.92
CA ALA B 92 -14.79 19.80 -36.79
C ALA B 92 -15.03 21.01 -37.73
N GLY B 93 -14.34 21.06 -38.87
CA GLY B 93 -14.47 22.17 -39.80
C GLY B 93 -13.78 23.46 -39.33
N GLY B 94 -12.95 23.38 -38.29
CA GLY B 94 -12.24 24.54 -37.78
C GLY B 94 -10.82 24.60 -38.28
N ARG B 95 -10.06 25.56 -37.74
CA ARG B 95 -8.67 25.78 -38.12
C ARG B 95 -7.76 25.92 -36.91
N GLY B 96 -6.70 25.11 -36.86
CA GLY B 96 -5.78 25.11 -35.75
C GLY B 96 -4.35 24.76 -36.15
N LEU B 97 -3.41 25.19 -35.31
CA LEU B 97 -2.00 24.98 -35.56
C LEU B 97 -1.29 24.80 -34.24
N ALA B 98 -0.45 23.77 -34.13
CA ALA B 98 0.23 23.46 -32.89
C ALA B 98 1.72 23.25 -33.11
N TYR B 99 2.54 23.94 -32.32
CA TYR B 99 3.99 23.80 -32.36
C TYR B 99 4.51 23.10 -31.11
N GLY B 100 5.62 22.40 -31.21
CA GLY B 100 6.25 21.73 -30.06
C GLY B 100 7.13 22.61 -29.16
N THR B 101 7.14 23.93 -29.39
CA THR B 101 7.83 24.91 -28.53
C THR B 101 7.26 26.32 -28.72
N ASN B 102 7.67 27.28 -27.89
CA ASN B 102 7.15 28.65 -28.04
C ASN B 102 7.88 29.36 -29.16
N VAL B 103 7.46 29.03 -30.38
CA VAL B 103 8.05 29.61 -31.59
C VAL B 103 7.89 31.12 -31.64
N LEU B 104 6.83 31.63 -31.03
CA LEU B 104 6.59 33.09 -31.02
C LEU B 104 7.72 33.88 -30.32
N THR B 105 8.29 33.32 -29.27
CA THR B 105 9.40 34.03 -28.60
C THR B 105 10.72 33.94 -29.35
N GLN B 106 10.76 33.20 -30.46
CA GLN B 106 12.02 32.87 -31.16
C GLN B 106 12.12 33.49 -32.55
N LEU B 107 11.10 34.24 -32.95
CA LEU B 107 11.04 34.82 -34.30
C LEU B 107 12.04 35.94 -34.52
N SER B 108 12.50 36.57 -33.45
CA SER B 108 13.54 37.59 -33.56
C SER B 108 14.92 36.99 -33.35
N GLY B 109 15.02 35.67 -33.21
CA GLY B 109 16.29 35.01 -32.91
C GLY B 109 16.53 33.73 -33.67
N THR B 110 16.54 32.61 -32.96
CA THR B 110 16.83 31.30 -33.56
C THR B 110 15.98 30.93 -34.77
N ASN B 111 14.70 31.27 -34.73
CA ASN B 111 13.81 30.96 -35.83
C ASN B 111 13.34 32.21 -36.58
N ALA B 112 14.27 33.14 -36.77
CA ALA B 112 13.99 34.32 -37.60
C ALA B 112 13.62 33.88 -39.01
N ALA B 113 14.28 32.83 -39.49
CA ALA B 113 14.02 32.33 -40.84
C ALA B 113 12.55 31.93 -41.05
N HIS B 114 11.87 31.56 -39.96
CA HIS B 114 10.50 31.06 -40.00
C HIS B 114 9.39 32.10 -40.15
N ALA B 115 9.71 33.36 -39.90
CA ALA B 115 8.69 34.40 -39.79
C ALA B 115 7.76 34.52 -41.00
N PRO B 116 8.32 34.59 -42.22
CA PRO B 116 7.43 34.69 -43.37
C PRO B 116 6.48 33.50 -43.45
N LEU B 117 6.97 32.28 -43.23
CA LEU B 117 6.09 31.11 -43.26
C LEU B 117 5.02 31.19 -42.17
N LEU B 118 5.41 31.61 -40.96
CA LEU B 118 4.45 31.73 -39.86
C LEU B 118 3.36 32.76 -40.17
N LYS B 119 3.74 33.86 -40.80
CA LYS B 119 2.78 34.87 -41.21
C LYS B 119 1.67 34.24 -42.08
N ARG B 120 2.06 33.40 -43.04
CA ARG B 120 1.07 32.71 -43.89
C ARG B 120 0.18 31.81 -43.06
N ALA B 121 0.78 31.18 -42.05
CA ALA B 121 0.04 30.22 -41.25
C ALA B 121 -1.01 30.96 -40.43
N VAL B 122 -0.66 32.13 -39.93
CA VAL B 122 -1.58 32.97 -39.18
C VAL B 122 -2.65 33.56 -40.12
N GLN B 123 -2.24 33.96 -41.31
CA GLN B 123 -3.17 34.46 -42.30
C GLN B 123 -4.20 33.34 -42.58
N TRP B 124 -3.71 32.10 -42.70
CA TRP B 124 -4.60 30.97 -42.87
C TRP B 124 -5.50 30.78 -41.65
N LEU B 125 -4.92 30.81 -40.46
CA LEU B 125 -5.73 30.68 -39.25
C LEU B 125 -6.86 31.70 -39.22
N VAL B 126 -6.53 32.96 -39.44
CA VAL B 126 -7.47 34.03 -39.23
C VAL B 126 -8.47 34.13 -40.37
N ASN B 127 -8.01 33.96 -41.61
CA ASN B 127 -8.87 34.14 -42.80
C ASN B 127 -9.26 32.88 -43.54
N GLY B 128 -8.68 31.75 -43.19
CA GLY B 128 -8.92 30.51 -43.94
C GLY B 128 -8.19 30.42 -45.29
N ASP B 129 -7.27 31.35 -45.54
CA ASP B 129 -6.58 31.45 -46.83
C ASP B 129 -5.20 32.03 -46.53
N PRO B 130 -4.12 31.24 -46.72
CA PRO B 130 -2.78 31.68 -46.29
C PRO B 130 -2.21 32.87 -47.05
N GLY B 131 -2.89 33.29 -48.11
CA GLY B 131 -2.48 34.45 -48.91
C GLY B 131 -3.30 35.70 -48.61
N ALA B 132 -4.26 35.61 -47.70
CA ALA B 132 -5.12 36.75 -47.40
C ALA B 132 -4.65 37.52 -46.16
N ALA B 133 -4.39 38.81 -46.33
CA ALA B 133 -3.83 39.61 -45.26
C ALA B 133 -4.80 39.75 -44.10
N THR B 134 -4.27 39.71 -42.89
CA THR B 134 -5.03 40.10 -41.71
C THR B 134 -5.29 41.61 -41.76
N ALA B 135 -6.33 42.07 -41.08
CA ALA B 135 -6.56 43.49 -40.92
C ALA B 135 -5.66 44.05 -39.84
N LYS B 136 -5.24 45.29 -40.01
CA LYS B 136 -4.53 46.02 -38.96
C LYS B 136 -5.30 45.98 -37.61
N ASP B 137 -4.56 45.73 -36.53
CA ASP B 137 -5.13 45.62 -35.17
C ASP B 137 -6.10 44.46 -34.95
N PHE B 138 -5.98 43.39 -35.72
CA PHE B 138 -6.81 42.22 -35.47
C PHE B 138 -6.63 41.69 -34.03
N LYS B 139 -7.76 41.32 -33.44
CA LYS B 139 -7.83 41.03 -32.01
C LYS B 139 -7.37 39.60 -31.69
N VAL B 140 -6.33 39.50 -30.87
CA VAL B 140 -5.78 38.21 -30.46
C VAL B 140 -5.91 37.99 -28.94
N SER B 141 -6.51 36.87 -28.55
CA SER B 141 -6.59 36.50 -27.14
C SER B 141 -5.39 35.61 -26.84
N VAL B 142 -4.65 35.90 -25.77
CA VAL B 142 -3.55 35.01 -25.35
C VAL B 142 -3.83 34.41 -23.97
N VAL B 143 -3.84 33.08 -23.88
CA VAL B 143 -4.20 32.39 -22.66
C VAL B 143 -3.18 31.29 -22.33
N GLY B 144 -2.61 31.35 -21.14
CA GLY B 144 -1.73 30.29 -20.65
C GLY B 144 -0.28 30.40 -21.08
N VAL B 145 0.08 31.59 -21.54
CA VAL B 145 1.43 31.90 -22.01
C VAL B 145 1.57 33.44 -21.99
N ASP B 146 2.79 33.98 -21.87
CA ASP B 146 2.92 35.45 -21.72
C ASP B 146 2.34 36.24 -22.91
N LYS B 147 1.32 37.05 -22.63
CA LYS B 147 0.65 37.90 -23.62
C LYS B 147 1.60 38.83 -24.41
N THR B 148 2.35 39.64 -23.69
CA THR B 148 3.19 40.65 -24.30
C THR B 148 4.21 40.05 -25.29
N ALA B 149 4.90 39.01 -24.87
CA ALA B 149 5.94 38.41 -25.69
C ALA B 149 5.31 37.65 -26.85
N ALA B 150 4.13 37.08 -26.64
CA ALA B 150 3.40 36.41 -27.71
C ALA B 150 3.01 37.41 -28.79
N LEU B 151 2.44 38.54 -28.41
CA LEU B 151 2.04 39.55 -29.39
C LEU B 151 3.25 40.20 -30.09
N ASN B 152 4.33 40.40 -29.37
CA ASN B 152 5.55 40.88 -30.00
C ASN B 152 6.22 39.88 -30.94
N GLY B 153 5.99 38.59 -30.69
CA GLY B 153 6.42 37.57 -31.64
C GLY B 153 5.70 37.78 -32.96
N LEU B 154 4.38 37.85 -32.88
CA LEU B 154 3.54 38.05 -34.06
C LEU B 154 3.96 39.29 -34.83
N LYS B 155 4.31 40.36 -34.10
CA LYS B 155 4.72 41.61 -34.73
C LYS B 155 6.01 41.46 -35.45
N SER B 156 6.96 40.74 -34.84
CA SER B 156 8.20 40.33 -35.51
C SER B 156 7.98 39.57 -36.82
N ALA B 157 6.83 38.95 -37.02
CA ALA B 157 6.55 38.25 -38.28
C ALA B 157 5.86 39.12 -39.32
N GLY B 158 5.77 40.42 -39.07
CA GLY B 158 5.15 41.34 -40.01
C GLY B 158 3.64 41.39 -39.89
N LEU B 159 3.10 41.07 -38.71
CA LEU B 159 1.68 41.17 -38.44
C LEU B 159 1.44 42.34 -37.52
N GLN B 160 0.19 42.82 -37.46
CA GLN B 160 -0.19 43.89 -36.51
C GLN B 160 -1.34 43.50 -35.60
N PRO B 161 -1.10 42.57 -34.68
CA PRO B 161 -2.18 42.17 -33.77
C PRO B 161 -2.50 43.28 -32.78
N ALA B 162 -3.67 43.18 -32.16
CA ALA B 162 -3.96 43.92 -30.94
C ALA B 162 -4.48 42.93 -29.91
N ASP B 163 -4.32 43.30 -28.65
CA ASP B 163 -4.73 42.51 -27.53
C ASP B 163 -6.24 42.49 -27.44
N ALA B 164 -6.81 41.30 -27.48
CA ALA B 164 -8.25 41.13 -27.28
C ALA B 164 -8.64 41.56 -25.88
N ALA B 165 -7.73 41.35 -24.92
CA ALA B 165 -7.93 41.71 -23.51
C ALA B 165 -9.14 41.02 -22.90
N CYS B 166 -9.35 39.78 -23.31
CA CYS B 166 -10.40 38.93 -22.73
C CYS B 166 -9.92 37.48 -22.94
N ASN B 167 -10.47 36.54 -22.19
CA ASN B 167 -10.09 35.13 -22.30
C ASN B 167 -11.00 34.37 -23.27
N ALA B 168 -10.50 34.13 -24.48
CA ALA B 168 -11.30 33.51 -25.54
C ALA B 168 -11.50 31.99 -25.35
N LEU B 169 -10.70 31.37 -24.47
CA LEU B 169 -10.90 29.97 -24.10
C LEU B 169 -12.16 29.74 -23.21
N THR B 170 -12.36 30.61 -22.24
CA THR B 170 -13.46 30.45 -21.28
C THR B 170 -14.63 31.41 -21.46
N ASP B 171 -14.42 32.54 -22.14
CA ASP B 171 -15.47 33.55 -22.36
C ASP B 171 -16.04 33.41 -23.78
N ALA B 172 -17.21 32.77 -23.88
CA ALA B 172 -17.97 32.64 -25.15
C ALA B 172 -18.03 33.93 -25.97
N SER B 173 -18.27 35.05 -25.29
CA SER B 173 -18.38 36.33 -25.95
C SER B 173 -17.03 36.81 -26.50
N CYS B 174 -15.97 36.56 -25.74
CA CYS B 174 -14.64 36.88 -26.19
C CYS B 174 -14.28 36.05 -27.40
N ALA B 175 -14.73 34.80 -27.40
CA ALA B 175 -14.44 33.87 -28.50
C ALA B 175 -15.08 34.34 -29.80
N SER B 176 -16.33 34.79 -29.72
CA SER B 176 -17.02 35.24 -30.93
C SER B 176 -16.45 36.51 -31.57
N THR B 177 -15.73 37.36 -30.83
CA THR B 177 -15.14 38.59 -31.43
C THR B 177 -13.62 38.56 -31.66
N SER B 178 -12.92 37.61 -31.03
CA SER B 178 -11.50 37.50 -31.24
C SER B 178 -11.25 36.83 -32.60
N LYS B 179 -10.20 37.25 -33.28
CA LYS B 179 -9.85 36.70 -34.58
C LYS B 179 -8.86 35.52 -34.47
N LEU B 180 -8.11 35.47 -33.37
CA LEU B 180 -7.23 34.34 -33.10
C LEU B 180 -7.16 34.14 -31.60
N LEU B 181 -6.85 32.90 -31.19
CA LEU B 181 -6.58 32.54 -29.79
C LEU B 181 -5.25 31.83 -29.71
N VAL B 182 -4.36 32.33 -28.86
CA VAL B 182 -3.06 31.69 -28.62
C VAL B 182 -3.10 31.02 -27.26
N LEU B 183 -2.73 29.73 -27.23
CA LEU B 183 -2.79 28.92 -26.01
C LEU B 183 -1.42 28.38 -25.65
N GLY B 184 -1.10 28.34 -24.36
CA GLY B 184 0.06 27.60 -23.88
C GLY B 184 -0.36 26.84 -22.64
N ASN B 185 0.57 26.16 -21.98
CA ASN B 185 0.17 25.18 -20.94
C ASN B 185 -0.16 25.73 -19.54
N GLY B 186 -0.13 27.05 -19.37
CA GLY B 186 -0.53 27.65 -18.12
C GLY B 186 -2.02 27.85 -18.09
N ALA B 187 -2.75 27.37 -19.09
CA ALA B 187 -4.18 27.70 -19.20
C ALA B 187 -5.03 27.03 -18.12
N SER B 188 -6.14 27.69 -17.80
CA SER B 188 -7.17 27.12 -16.92
C SER B 188 -8.55 27.03 -17.60
N ALA B 189 -9.25 25.91 -17.44
CA ALA B 189 -10.62 25.79 -17.98
C ALA B 189 -11.31 24.52 -17.53
N ALA B 190 -12.63 24.63 -17.41
CA ALA B 190 -13.46 23.44 -17.23
C ALA B 190 -13.44 22.60 -18.50
N SER B 191 -13.40 21.27 -18.33
CA SER B 191 -13.42 20.31 -19.45
C SER B 191 -12.52 20.74 -20.61
N LEU B 192 -11.23 20.88 -20.34
CA LEU B 192 -10.29 21.48 -21.31
C LEU B 192 -10.44 20.98 -22.78
N SER B 193 -10.29 19.67 -23.01
CA SER B 193 -10.42 19.11 -24.36
C SER B 193 -11.74 19.47 -25.04
N ALA B 194 -12.85 19.37 -24.32
CA ALA B 194 -14.16 19.53 -24.95
C ALA B 194 -14.39 21.00 -25.25
N THR B 195 -13.92 21.86 -24.35
CA THR B 195 -14.03 23.30 -24.54
C THR B 195 -13.24 23.77 -25.76
N VAL B 196 -12.02 23.23 -25.93
CA VAL B 196 -11.20 23.55 -27.08
C VAL B 196 -11.87 23.11 -28.36
N ARG B 197 -12.45 21.92 -28.34
CA ARG B 197 -13.09 21.38 -29.52
C ARG B 197 -14.31 22.21 -29.88
N ALA B 198 -15.02 22.70 -28.88
CA ALA B 198 -16.23 23.48 -29.16
C ALA B 198 -15.89 24.88 -29.66
N ARG B 199 -14.79 25.44 -29.18
CA ARG B 199 -14.34 26.73 -29.72
C ARG B 199 -13.92 26.59 -31.18
N LEU B 200 -13.20 25.51 -31.47
CA LEU B 200 -12.69 25.23 -32.80
C LEU B 200 -13.82 25.06 -33.79
N GLN B 201 -14.76 24.22 -33.42
CA GLN B 201 -15.93 23.92 -34.23
C GLN B 201 -16.77 25.19 -34.52
N ALA B 202 -16.78 26.16 -33.62
CA ALA B 202 -17.58 27.38 -33.81
C ALA B 202 -16.82 28.49 -34.55
N GLY B 203 -15.59 28.17 -34.96
CA GLY B 203 -14.82 29.05 -35.84
C GLY B 203 -13.78 29.93 -35.16
N LEU B 204 -13.49 29.70 -33.88
CA LEU B 204 -12.33 30.40 -33.28
C LEU B 204 -11.07 29.68 -33.76
N PRO B 205 -10.21 30.38 -34.50
CA PRO B 205 -8.95 29.78 -34.89
C PRO B 205 -7.97 29.72 -33.72
N ILE B 206 -7.29 28.58 -33.57
CA ILE B 206 -6.43 28.33 -32.41
C ILE B 206 -4.98 28.10 -32.80
N LEU B 207 -4.08 28.68 -32.00
CA LEU B 207 -2.65 28.52 -32.17
C LEU B 207 -2.04 28.09 -30.83
N PHE B 208 -1.58 26.84 -30.76
CA PHE B 208 -1.00 26.29 -29.54
C PHE B 208 0.50 26.23 -29.63
N VAL B 209 1.16 26.70 -28.58
CA VAL B 209 2.61 26.57 -28.43
C VAL B 209 2.87 25.78 -27.16
N HIS B 210 3.74 24.78 -27.25
CA HIS B 210 4.05 23.97 -26.10
C HIS B 210 5.05 24.77 -25.31
N THR B 211 4.73 25.02 -24.04
CA THR B 211 5.53 25.90 -23.17
C THR B 211 6.45 25.21 -22.16
N ASN B 212 6.66 23.89 -22.25
CA ASN B 212 7.46 23.15 -21.24
C ASN B 212 8.68 22.39 -21.79
N GLY B 213 9.25 22.91 -22.89
CA GLY B 213 10.44 22.33 -23.49
C GLY B 213 10.30 20.84 -23.77
N TRP B 214 11.26 20.06 -23.30
CA TRP B 214 11.26 18.64 -23.54
C TRP B 214 10.34 17.90 -22.58
N ASN B 215 9.76 18.57 -21.57
CA ASN B 215 8.83 17.90 -20.64
C ASN B 215 7.45 17.76 -21.23
N GLN B 216 6.77 16.68 -20.89
CA GLN B 216 5.38 16.49 -21.28
C GLN B 216 4.46 17.44 -20.47
N SER B 217 3.26 17.71 -20.96
CA SER B 217 2.32 18.52 -20.19
C SER B 217 0.95 17.96 -20.35
N SER B 218 0.33 17.55 -19.26
CA SER B 218 -1.03 17.07 -19.32
C SER B 218 -2.00 18.12 -19.88
N THR B 219 -1.84 19.37 -19.50
CA THR B 219 -2.68 20.43 -20.04
C THR B 219 -2.52 20.50 -21.55
N GLY B 220 -1.28 20.35 -22.03
CA GLY B 220 -1.02 20.37 -23.47
C GLY B 220 -1.68 19.20 -24.16
N GLN B 221 -1.56 18.02 -23.56
CA GLN B 221 -2.14 16.81 -24.15
C GLN B 221 -3.66 16.97 -24.27
N GLN B 222 -4.26 17.64 -23.28
CA GLN B 222 -5.68 17.88 -23.29
C GLN B 222 -6.05 18.93 -24.35
N ILE B 223 -5.22 19.95 -24.54
CA ILE B 223 -5.52 20.93 -25.59
C ILE B 223 -5.40 20.25 -26.96
N LEU B 224 -4.32 19.49 -27.11
CA LEU B 224 -4.08 18.81 -28.36
C LEU B 224 -5.21 17.84 -28.72
N ALA B 225 -5.68 17.08 -27.76
CA ALA B 225 -6.84 16.21 -28.02
C ALA B 225 -8.07 17.01 -28.52
N GLY B 226 -8.26 18.21 -27.98
CA GLY B 226 -9.32 19.08 -28.47
C GLY B 226 -9.16 19.41 -29.94
N LEU B 227 -7.91 19.44 -30.42
CA LEU B 227 -7.59 19.72 -31.83
C LEU B 227 -7.49 18.47 -32.69
N GLY B 228 -7.63 17.29 -32.07
CA GLY B 228 -7.45 16.01 -32.77
C GLY B 228 -5.98 15.66 -32.95
N LEU B 229 -5.13 16.26 -32.11
CA LEU B 229 -3.69 16.06 -32.15
C LEU B 229 -3.20 15.41 -30.87
N GLN B 230 -1.92 15.08 -30.84
CA GLN B 230 -1.35 14.48 -29.65
C GLN B 230 0.10 14.87 -29.47
N GLU B 231 0.53 14.81 -28.22
CA GLU B 231 1.92 15.02 -27.83
C GLU B 231 2.75 13.80 -28.25
N GLY B 232 3.98 14.01 -28.69
CA GLY B 232 4.90 12.89 -28.95
C GLY B 232 5.28 12.17 -27.65
N PRO B 233 6.16 11.15 -27.75
CA PRO B 233 6.62 10.38 -26.58
C PRO B 233 7.52 11.12 -25.59
N TYR B 234 7.66 10.52 -24.40
CA TYR B 234 8.58 10.99 -23.37
C TYR B 234 9.96 11.28 -23.97
N GLY B 235 10.56 12.38 -23.53
CA GLY B 235 11.81 12.85 -24.09
C GLY B 235 11.72 14.00 -25.06
N GLY B 236 10.64 14.10 -25.82
CA GLY B 236 10.53 15.16 -26.81
C GLY B 236 11.66 15.07 -27.83
N ASN B 237 12.15 16.22 -28.26
CA ASN B 237 13.22 16.29 -29.25
C ASN B 237 14.63 16.24 -28.62
N TYR B 238 14.72 15.83 -27.36
CA TYR B 238 15.96 15.89 -26.59
C TYR B 238 17.18 15.14 -27.22
N TRP B 239 16.95 13.90 -27.66
CA TRP B 239 18.00 13.08 -28.25
C TRP B 239 18.19 13.35 -29.75
N ASP B 240 17.11 13.26 -30.52
CA ASP B 240 17.18 13.43 -31.97
C ASP B 240 17.50 14.86 -32.39
N LYS B 241 17.04 15.83 -31.62
CA LYS B 241 17.30 17.24 -31.93
C LYS B 241 16.83 17.62 -33.33
N ASP B 242 15.84 16.89 -33.86
CA ASP B 242 15.39 17.06 -35.25
C ASP B 242 15.06 18.52 -35.64
N ARG B 243 15.14 18.81 -36.93
CA ARG B 243 14.76 20.13 -37.43
C ARG B 243 14.42 20.06 -38.92
N VAL B 244 13.90 21.15 -39.46
CA VAL B 244 13.71 21.27 -40.90
C VAL B 244 14.77 22.19 -41.43
N PRO B 245 15.61 21.72 -42.35
CA PRO B 245 16.72 22.58 -42.83
C PRO B 245 16.26 23.53 -43.93
N SER B 246 16.93 24.67 -44.07
CA SER B 246 16.53 25.70 -45.08
C SER B 246 16.49 25.21 -46.53
N SER B 247 17.22 24.12 -46.84
CA SER B 247 17.22 23.51 -48.19
C SER B 247 15.97 22.66 -48.51
N ARG B 248 15.13 22.41 -47.51
CA ARG B 248 13.93 21.62 -47.71
C ARG B 248 13.07 22.22 -48.81
N THR B 249 12.59 21.39 -49.73
CA THR B 249 11.85 21.88 -50.89
C THR B 249 10.37 21.91 -50.64
N ARG B 250 9.70 22.79 -51.38
CA ARG B 250 8.26 22.81 -51.43
C ARG B 250 7.70 21.41 -51.74
N THR B 251 8.12 20.88 -52.88
CA THR B 251 7.62 19.60 -53.36
C THR B 251 7.73 18.48 -52.33
N ARG B 252 8.89 18.40 -51.71
CA ARG B 252 9.21 17.35 -50.74
C ARG B 252 8.30 17.40 -49.50
N SER B 253 8.18 18.58 -48.87
CA SER B 253 7.35 18.71 -47.68
C SER B 253 5.90 18.48 -48.06
N VAL B 254 5.49 19.05 -49.18
CA VAL B 254 4.15 18.82 -49.67
C VAL B 254 3.92 17.30 -49.81
N GLU B 255 4.85 16.58 -50.42
CA GLU B 255 4.66 15.12 -50.58
C GLU B 255 4.66 14.35 -49.24
N LEU B 256 5.55 14.70 -48.32
CA LEU B 256 5.64 14.05 -47.02
C LEU B 256 4.39 14.25 -46.21
N GLY B 257 3.86 15.47 -46.27
CA GLY B 257 2.65 15.82 -45.53
C GLY B 257 1.43 15.12 -46.05
N GLY B 258 1.41 14.90 -47.35
CA GLY B 258 0.35 14.14 -47.96
C GLY B 258 0.49 12.65 -47.77
N ALA B 259 1.67 12.14 -47.45
CA ALA B 259 1.88 10.69 -47.33
C ALA B 259 1.90 10.20 -45.89
N TYR B 260 1.98 11.14 -44.94
CA TYR B 260 2.09 10.80 -43.52
C TYR B 260 0.90 10.00 -42.95
N GLY B 261 1.25 8.85 -42.36
CA GLY B 261 0.27 7.91 -41.79
C GLY B 261 -0.63 7.24 -42.80
N GLN B 262 -0.31 7.36 -44.08
CA GLN B 262 -1.23 6.98 -45.15
C GLN B 262 -0.54 6.00 -46.07
N ASP B 263 -1.29 5.04 -46.61
CA ASP B 263 -0.71 4.01 -47.47
C ASP B 263 -1.51 3.75 -48.74
N PRO B 264 -1.57 4.73 -49.64
CA PRO B 264 -2.27 4.54 -50.91
C PRO B 264 -1.68 3.43 -51.77
N ALA B 265 -0.39 3.18 -51.64
CA ALA B 265 0.23 2.07 -52.35
C ALA B 265 -0.39 0.73 -51.91
N LEU B 266 -0.54 0.55 -50.60
CA LEU B 266 -1.15 -0.65 -50.06
C LEU B 266 -2.60 -0.80 -50.51
N VAL B 267 -3.32 0.30 -50.49
CA VAL B 267 -4.73 0.29 -50.89
C VAL B 267 -4.87 -0.11 -52.35
N GLN B 268 -4.02 0.45 -53.21
CA GLN B 268 -4.01 0.08 -54.63
C GLN B 268 -3.67 -1.40 -54.82
N GLN B 269 -2.71 -1.90 -54.06
CA GLN B 269 -2.36 -3.32 -54.11
C GLN B 269 -3.60 -4.17 -53.80
N ILE B 270 -4.36 -3.76 -52.79
CA ILE B 270 -5.58 -4.48 -52.43
C ILE B 270 -6.58 -4.39 -53.56
N VAL B 271 -6.79 -3.18 -54.06
CA VAL B 271 -7.71 -2.95 -55.17
C VAL B 271 -7.38 -3.83 -56.41
N ASP B 272 -6.15 -3.75 -56.91
CA ASP B 272 -5.80 -4.44 -58.17
C ASP B 272 -5.53 -5.92 -57.95
N GLY B 273 -5.43 -6.35 -56.68
CA GLY B 273 -5.01 -7.72 -56.36
C GLY B 273 -3.58 -8.04 -56.78
N SER B 274 -2.70 -7.04 -56.71
CA SER B 274 -1.34 -7.11 -57.26
C SER B 274 -0.29 -7.53 -56.21
N TRP B 275 -0.57 -8.64 -55.54
CA TRP B 275 0.27 -9.15 -54.46
C TRP B 275 1.58 -9.73 -55.00
N ARG B 276 2.67 -9.61 -54.26
CA ARG B 276 3.99 -9.92 -54.79
C ARG B 276 4.18 -11.43 -55.04
N THR B 277 4.60 -11.78 -56.25
CA THR B 277 4.73 -13.19 -56.64
C THR B 277 6.17 -13.68 -56.61
N ASP B 278 7.11 -12.83 -56.20
CA ASP B 278 8.51 -13.19 -56.34
C ASP B 278 9.36 -12.99 -55.07
N TYR B 279 8.73 -13.00 -53.90
CA TYR B 279 9.50 -12.99 -52.66
C TYR B 279 10.47 -14.15 -52.70
N ASP B 280 11.71 -13.94 -52.29
CA ASP B 280 12.69 -15.01 -52.27
C ASP B 280 12.58 -15.79 -50.97
N TRP B 281 11.70 -16.79 -50.96
CA TRP B 281 11.42 -17.54 -49.74
C TRP B 281 12.61 -18.41 -49.25
N SER B 282 13.57 -18.67 -50.13
CA SER B 282 14.78 -19.40 -49.74
C SER B 282 15.57 -18.72 -48.60
N LYS B 283 15.34 -17.44 -48.35
CA LYS B 283 16.02 -16.72 -47.26
C LYS B 283 15.36 -16.88 -45.89
N CYS B 284 14.24 -17.62 -45.86
CA CYS B 284 13.60 -17.98 -44.59
C CYS B 284 14.54 -18.96 -43.88
N THR B 285 14.45 -18.99 -42.56
CA THR B 285 15.25 -19.86 -41.76
C THR B 285 14.33 -20.60 -40.80
N SER B 286 14.80 -21.76 -40.35
CA SER B 286 14.01 -22.60 -39.47
C SER B 286 14.79 -22.85 -38.19
N TYR B 287 14.11 -22.77 -37.06
CA TYR B 287 14.70 -22.95 -35.74
C TYR B 287 13.77 -23.82 -34.90
N VAL B 288 14.22 -25.04 -34.59
CA VAL B 288 13.43 -26.02 -33.86
C VAL B 288 12.01 -26.12 -34.41
N GLY B 289 11.88 -26.23 -35.73
CA GLY B 289 10.60 -26.48 -36.38
C GLY B 289 9.78 -25.26 -36.78
N ARG B 290 10.16 -24.09 -36.26
CA ARG B 290 9.43 -22.85 -36.55
C ARG B 290 10.15 -22.07 -37.65
N THR B 291 9.47 -21.86 -38.79
CA THR B 291 10.01 -21.03 -39.87
C THR B 291 9.76 -19.54 -39.60
N THR B 292 10.76 -18.68 -39.84
CA THR B 292 10.60 -17.21 -39.86
C THR B 292 11.30 -16.70 -41.11
N CYS B 293 10.96 -15.49 -41.53
CA CYS B 293 11.39 -14.95 -42.82
C CYS B 293 11.79 -13.47 -42.72
N ASP B 294 12.42 -13.12 -41.60
CA ASP B 294 12.85 -11.74 -41.32
C ASP B 294 13.74 -11.12 -42.42
N ASP B 295 14.55 -11.95 -43.08
CA ASP B 295 15.54 -11.49 -44.05
C ASP B 295 15.16 -11.75 -45.50
N VAL B 296 13.91 -12.11 -45.77
CA VAL B 296 13.42 -12.14 -47.14
C VAL B 296 13.23 -10.68 -47.57
N PRO B 297 13.95 -10.24 -48.62
CA PRO B 297 13.91 -8.84 -49.07
C PRO B 297 12.52 -8.29 -49.23
N GLY B 298 12.29 -7.11 -48.66
CA GLY B 298 11.00 -6.42 -48.80
C GLY B 298 9.90 -6.86 -47.85
N LEU B 299 10.02 -8.07 -47.31
CA LEU B 299 8.99 -8.60 -46.42
C LEU B 299 8.86 -7.83 -45.11
N SER B 300 9.98 -7.40 -44.55
CA SER B 300 9.95 -6.71 -43.27
C SER B 300 9.35 -5.27 -43.35
N ASP B 301 9.55 -4.62 -44.50
CA ASP B 301 9.01 -3.29 -44.70
C ASP B 301 7.51 -3.37 -44.93
N PHE B 302 7.08 -4.36 -45.73
CA PHE B 302 5.66 -4.62 -45.92
C PHE B 302 5.02 -4.82 -44.56
N SER B 303 5.59 -5.69 -43.74
CA SER B 303 4.98 -6.02 -42.46
C SER B 303 4.92 -4.82 -41.52
N LYS B 304 5.95 -3.98 -41.53
CA LYS B 304 5.94 -2.75 -40.72
C LYS B 304 4.85 -1.77 -41.14
N ARG B 305 4.57 -1.70 -42.44
CA ARG B 305 3.43 -0.93 -42.97
C ARG B 305 2.08 -1.49 -42.51
N VAL B 306 1.98 -2.81 -42.38
CA VAL B 306 0.77 -3.38 -41.82
C VAL B 306 0.63 -3.07 -40.32
N ASP B 307 1.74 -3.13 -39.57
CA ASP B 307 1.77 -2.74 -38.13
C ASP B 307 1.23 -1.33 -37.90
N VAL B 308 1.46 -0.42 -38.84
CA VAL B 308 0.97 0.94 -38.68
C VAL B 308 -0.54 0.92 -38.59
N LEU B 309 -1.19 0.13 -39.44
CA LEU B 309 -2.63 0.05 -39.44
C LEU B 309 -3.15 -0.62 -38.19
N LYS B 310 -2.46 -1.69 -37.77
CA LYS B 310 -2.84 -2.42 -36.56
C LYS B 310 -2.72 -1.51 -35.33
N GLY B 311 -1.55 -0.88 -35.18
CA GLY B 311 -1.32 0.12 -34.13
C GLY B 311 -2.40 1.19 -34.15
N ALA B 312 -2.75 1.67 -35.33
CA ALA B 312 -3.78 2.68 -35.45
C ALA B 312 -5.13 2.24 -34.89
N LEU B 313 -5.59 1.05 -35.26
CA LEU B 313 -6.88 0.60 -34.75
C LEU B 313 -6.79 0.09 -33.30
N ASP B 314 -5.71 -0.58 -32.94
CA ASP B 314 -5.58 -1.09 -31.57
C ASP B 314 -5.56 0.02 -30.48
N ALA B 315 -5.08 1.20 -30.86
CA ALA B 315 -5.16 2.36 -29.98
C ALA B 315 -6.58 2.58 -29.53
N TYR B 316 -7.56 2.39 -30.44
CA TYR B 316 -8.98 2.46 -30.09
C TYR B 316 -9.42 1.26 -29.26
N ASN B 317 -9.05 0.05 -29.66
CA ASN B 317 -9.35 -1.14 -28.84
C ASN B 317 -8.85 -0.99 -27.40
N GLN B 318 -7.60 -0.54 -27.24
CA GLN B 318 -7.02 -0.40 -25.89
C GLN B 318 -7.75 0.60 -25.02
N LYS B 319 -8.31 1.64 -25.63
CA LYS B 319 -9.02 2.68 -24.88
C LYS B 319 -10.52 2.40 -24.78
N ALA B 320 -10.95 1.28 -25.33
CA ALA B 320 -12.34 0.84 -25.29
C ALA B 320 -13.24 1.82 -26.03
N GLN B 321 -12.75 2.35 -27.13
CA GLN B 321 -13.50 3.32 -27.91
C GLN B 321 -14.14 2.66 -29.11
N ASN B 322 -15.39 3.01 -29.37
CA ASN B 322 -16.05 2.53 -30.54
C ASN B 322 -15.84 3.52 -31.66
N LEU B 323 -15.12 3.07 -32.66
CA LEU B 323 -14.76 3.90 -33.79
C LEU B 323 -16.00 4.51 -34.47
N PHE B 324 -17.03 3.69 -34.64
CA PHE B 324 -18.26 4.12 -35.29
C PHE B 324 -19.04 5.16 -34.49
N ALA B 325 -18.68 5.34 -33.22
CA ALA B 325 -19.24 6.41 -32.39
C ALA B 325 -18.37 7.67 -32.40
N LEU B 326 -17.25 7.66 -33.10
CA LEU B 326 -16.35 8.81 -33.09
C LEU B 326 -16.33 9.51 -34.44
N PRO B 327 -16.41 10.84 -34.44
CA PRO B 327 -16.62 11.51 -35.73
C PRO B 327 -15.30 11.73 -36.47
N GLY B 328 -15.39 11.81 -37.79
CA GLY B 328 -14.22 11.99 -38.63
C GLY B 328 -13.29 10.79 -38.56
N THR B 329 -13.84 9.57 -38.57
CA THR B 329 -13.01 8.38 -38.57
C THR B 329 -13.19 7.52 -39.83
N THR B 330 -13.68 8.11 -40.92
CA THR B 330 -14.08 7.39 -42.12
C THR B 330 -13.02 6.46 -42.72
N SER B 331 -11.77 6.93 -42.82
CA SER B 331 -10.66 6.05 -43.32
C SER B 331 -10.60 4.72 -42.57
N LEU B 332 -10.54 4.84 -41.25
CA LEU B 332 -10.26 3.70 -40.43
C LEU B 332 -11.48 2.79 -40.35
N ARG B 333 -12.68 3.37 -40.49
CA ARG B 333 -13.91 2.60 -40.59
C ARG B 333 -13.90 1.72 -41.84
N LEU B 334 -13.46 2.30 -42.96
CA LEU B 334 -13.37 1.56 -44.21
C LEU B 334 -12.33 0.44 -44.15
N TRP B 335 -11.20 0.72 -43.51
CA TRP B 335 -10.17 -0.32 -43.32
C TRP B 335 -10.76 -1.51 -42.59
N LEU B 336 -11.51 -1.21 -41.54
CA LEU B 336 -12.05 -2.24 -40.66
C LEU B 336 -13.13 -3.03 -41.37
N LEU B 337 -13.99 -2.34 -42.08
CA LEU B 337 -15.08 -2.99 -42.78
C LEU B 337 -14.52 -3.81 -43.95
N TRP B 338 -13.50 -3.27 -44.61
CA TRP B 338 -12.79 -4.05 -45.59
C TRP B 338 -12.33 -5.38 -44.92
N ALA B 339 -11.63 -5.27 -43.79
CA ALA B 339 -11.07 -6.46 -43.13
C ALA B 339 -12.18 -7.45 -42.75
N ASP B 340 -13.29 -6.96 -42.22
CA ASP B 340 -14.40 -7.85 -41.83
C ASP B 340 -15.01 -8.54 -43.06
N ALA B 341 -14.97 -7.85 -44.20
CA ALA B 341 -15.46 -8.41 -45.45
C ALA B 341 -14.53 -9.49 -45.98
N VAL B 342 -13.23 -9.30 -45.82
CA VAL B 342 -12.29 -10.36 -46.17
C VAL B 342 -12.53 -11.63 -45.34
N ARG B 343 -12.83 -11.43 -44.06
CA ARG B 343 -13.06 -12.54 -43.13
C ARG B 343 -14.18 -13.51 -43.52
N GLN B 344 -15.15 -13.04 -44.30
CA GLN B 344 -16.23 -13.91 -44.81
C GLN B 344 -15.71 -14.89 -45.88
N ASN B 345 -14.60 -14.53 -46.52
CA ASN B 345 -14.00 -15.27 -47.64
C ASN B 345 -12.79 -16.13 -47.30
N ILE B 346 -12.16 -15.88 -46.15
CA ILE B 346 -10.90 -16.53 -45.83
C ILE B 346 -11.04 -18.08 -45.91
N ARG B 347 -10.08 -18.73 -46.53
CA ARG B 347 -10.09 -20.17 -46.54
C ARG B 347 -8.72 -20.70 -46.20
N TYR B 348 -8.71 -21.78 -45.43
CA TYR B 348 -7.49 -22.34 -44.84
C TYR B 348 -7.28 -23.76 -45.34
N PRO B 349 -6.03 -24.22 -45.44
CA PRO B 349 -4.83 -23.46 -45.09
C PRO B 349 -4.24 -22.78 -46.30
N MET B 350 -3.44 -21.77 -46.07
CA MET B 350 -2.77 -21.07 -47.14
C MET B 350 -1.29 -21.31 -47.02
N ASP B 351 -0.60 -21.18 -48.14
CA ASP B 351 0.84 -21.32 -48.18
C ASP B 351 1.43 -20.08 -48.84
N LYS B 352 2.50 -19.64 -48.20
CA LYS B 352 3.44 -18.65 -48.67
C LYS B 352 3.66 -18.55 -50.21
N ALA B 353 3.94 -19.69 -50.85
CA ALA B 353 4.25 -19.71 -52.30
C ALA B 353 3.07 -20.11 -53.16
N ALA B 354 2.33 -21.13 -52.73
CA ALA B 354 1.27 -21.66 -53.56
C ALA B 354 0.07 -20.73 -53.65
N ASP B 355 -0.11 -19.84 -52.67
CA ASP B 355 -1.31 -18.98 -52.61
C ASP B 355 -0.96 -17.51 -52.28
N THR B 356 -0.08 -16.91 -53.07
CA THR B 356 0.45 -15.56 -52.76
C THR B 356 -0.64 -14.53 -52.49
N ALA B 357 -1.69 -14.54 -53.32
CA ALA B 357 -2.68 -13.48 -53.29
C ALA B 357 -3.55 -13.54 -52.04
N ARG B 358 -4.03 -14.74 -51.69
CA ARG B 358 -4.89 -14.87 -50.50
C ARG B 358 -4.09 -14.66 -49.21
N PHE B 359 -2.90 -15.26 -49.16
CA PHE B 359 -1.95 -15.15 -48.07
C PHE B 359 -1.68 -13.69 -47.70
N GLN B 360 -1.26 -12.91 -48.68
CA GLN B 360 -0.85 -11.55 -48.38
C GLN B 360 -2.05 -10.69 -48.02
N GLU B 361 -3.15 -10.81 -48.75
CA GLU B 361 -4.35 -10.08 -48.38
C GLU B 361 -4.79 -10.45 -46.96
N THR B 362 -4.77 -11.75 -46.63
CA THR B 362 -5.18 -12.21 -45.32
C THR B 362 -4.24 -11.69 -44.23
N PHE B 363 -2.93 -11.66 -44.54
CA PHE B 363 -1.91 -11.12 -43.65
C PHE B 363 -2.30 -9.71 -43.20
N VAL B 364 -2.79 -8.92 -44.15
CA VAL B 364 -3.17 -7.54 -43.85
C VAL B 364 -4.46 -7.50 -43.04
N ALA B 365 -5.43 -8.30 -43.41
CA ALA B 365 -6.72 -8.22 -42.76
C ALA B 365 -6.68 -8.75 -41.32
N ASP B 366 -5.82 -9.74 -41.04
CA ASP B 366 -5.67 -10.28 -39.68
C ASP B 366 -5.25 -9.19 -38.71
N ALA B 367 -4.52 -8.21 -39.22
CA ALA B 367 -3.96 -7.13 -38.40
C ALA B 367 -4.94 -6.01 -38.11
N ILE B 368 -6.14 -6.09 -38.68
CA ILE B 368 -7.14 -5.04 -38.57
C ILE B 368 -8.44 -5.63 -38.03
N VAL B 369 -8.64 -5.53 -36.72
CA VAL B 369 -9.84 -6.06 -36.06
C VAL B 369 -10.27 -5.11 -34.97
N GLY B 370 -11.53 -4.73 -35.03
CA GLY B 370 -12.10 -3.75 -34.12
C GLY B 370 -13.08 -4.48 -33.22
N TYR B 371 -12.76 -4.48 -31.93
CA TYR B 371 -13.51 -5.29 -30.96
C TYR B 371 -14.65 -4.52 -30.26
N VAL B 372 -14.57 -3.20 -30.16
CA VAL B 372 -15.56 -2.42 -29.40
C VAL B 372 -16.68 -2.01 -30.34
N ARG B 373 -17.80 -2.70 -30.26
CA ARG B 373 -18.93 -2.36 -31.11
C ARG B 373 -20.21 -3.03 -30.69
N GLU B 374 -21.29 -2.56 -31.28
CA GLU B 374 -22.62 -3.03 -30.97
C GLU B 374 -23.00 -4.22 -31.89
N ALA B 375 -22.29 -4.36 -33.00
CA ALA B 375 -22.53 -5.45 -33.93
C ALA B 375 -21.38 -5.60 -34.92
N GLY B 376 -21.34 -6.74 -35.58
CA GLY B 376 -20.29 -7.07 -36.53
C GLY B 376 -20.38 -8.51 -36.95
N ALA B 377 -19.45 -8.93 -37.80
CA ALA B 377 -19.50 -10.26 -38.42
C ALA B 377 -18.55 -11.27 -37.80
N ALA B 378 -18.98 -12.53 -37.80
CA ALA B 378 -18.06 -13.62 -37.47
C ALA B 378 -17.17 -13.93 -38.67
N GLN B 379 -15.90 -14.21 -38.41
CA GLN B 379 -15.07 -14.85 -39.42
C GLN B 379 -15.68 -16.23 -39.70
N LYS B 380 -15.73 -16.58 -40.97
CA LYS B 380 -16.48 -17.76 -41.41
C LYS B 380 -15.76 -19.06 -41.07
N GLU B 381 -14.48 -19.13 -41.41
CA GLU B 381 -13.67 -20.31 -41.16
C GLU B 381 -12.67 -19.96 -40.09
N LEU B 382 -12.55 -20.82 -39.07
CA LEU B 382 -11.56 -20.60 -38.03
C LEU B 382 -10.43 -21.64 -38.09
N GLY B 383 -10.47 -22.55 -39.06
CA GLY B 383 -9.36 -23.47 -39.34
C GLY B 383 -8.86 -24.23 -38.13
N SER B 384 -7.56 -24.12 -37.83
CA SER B 384 -6.91 -24.84 -36.71
C SER B 384 -7.13 -24.25 -35.31
N TYR B 385 -7.86 -23.14 -35.22
CA TYR B 385 -8.21 -22.55 -33.93
C TYR B 385 -9.48 -23.17 -33.36
N ALA B 386 -10.52 -23.26 -34.17
CA ALA B 386 -11.84 -23.69 -33.70
C ALA B 386 -12.71 -24.07 -34.87
N GLY B 387 -13.96 -24.47 -34.61
CA GLY B 387 -14.85 -25.00 -35.65
C GLY B 387 -16.32 -24.66 -35.49
N GLN B 388 -17.17 -25.53 -36.03
CA GLN B 388 -18.62 -25.34 -35.98
C GLN B 388 -19.19 -25.30 -34.53
N ARG B 389 -18.53 -25.99 -33.59
CA ARG B 389 -18.93 -25.90 -32.18
C ARG B 389 -18.84 -24.47 -31.64
N GLN B 390 -17.70 -23.83 -31.87
CA GLN B 390 -17.48 -22.48 -31.38
C GLN B 390 -18.49 -21.54 -32.03
N GLN B 391 -18.70 -21.71 -33.33
CA GLN B 391 -19.64 -20.87 -34.06
C GLN B 391 -21.01 -20.94 -33.42
N SER B 392 -21.40 -22.12 -32.97
CA SER B 392 -22.80 -22.38 -32.59
C SER B 392 -23.08 -22.27 -31.08
N MET B 393 -22.07 -21.96 -30.27
CA MET B 393 -22.26 -21.89 -28.82
C MET B 393 -23.40 -20.95 -28.46
N PRO B 394 -24.34 -21.41 -27.61
CA PRO B 394 -25.40 -20.49 -27.18
C PRO B 394 -24.87 -19.39 -26.24
N VAL B 395 -25.62 -18.30 -26.15
CA VAL B 395 -25.20 -17.15 -25.36
C VAL B 395 -26.25 -16.82 -24.31
N SER B 396 -25.85 -16.19 -23.20
CA SER B 396 -26.79 -15.74 -22.18
C SER B 396 -27.47 -14.38 -22.52
N GLY B 397 -28.80 -14.41 -22.59
CA GLY B 397 -29.58 -13.19 -22.70
C GLY B 397 -29.57 -12.36 -21.42
N SER B 398 -29.31 -13.00 -20.28
CA SER B 398 -29.34 -12.31 -18.98
C SER B 398 -27.98 -11.99 -18.47
N GLU B 399 -27.94 -11.06 -17.50
CA GLU B 399 -26.68 -10.65 -16.92
C GLU B 399 -26.17 -11.68 -15.89
N GLU B 400 -24.92 -12.10 -16.08
CA GLU B 400 -24.30 -13.06 -15.17
C GLU B 400 -23.27 -12.32 -14.35
N THR B 401 -23.24 -12.65 -13.07
CA THR B 401 -22.36 -11.99 -12.11
C THR B 401 -21.34 -13.03 -11.66
N LEU B 402 -20.07 -12.66 -11.69
CA LEU B 402 -18.99 -13.57 -11.34
C LEU B 402 -18.05 -12.86 -10.39
N THR B 403 -17.61 -13.53 -9.34
CA THR B 403 -16.61 -12.98 -8.41
C THR B 403 -15.28 -13.68 -8.65
N LEU B 404 -14.20 -12.89 -8.76
CA LEU B 404 -12.86 -13.43 -9.03
C LEU B 404 -11.85 -12.95 -8.00
N THR B 405 -10.89 -13.82 -7.68
CA THR B 405 -9.82 -13.49 -6.74
C THR B 405 -8.52 -13.23 -7.48
N LEU B 406 -7.81 -12.17 -7.15
CA LEU B 406 -6.55 -11.84 -7.80
C LEU B 406 -5.35 -12.26 -6.93
N PRO B 407 -4.76 -13.43 -7.20
CA PRO B 407 -3.74 -14.03 -6.34
C PRO B 407 -2.45 -13.22 -6.19
N SER B 408 -2.19 -12.29 -7.10
CA SER B 408 -1.04 -11.39 -6.95
C SER B 408 -1.42 -9.99 -7.45
N ALA B 409 -0.48 -9.05 -7.37
CA ALA B 409 -0.74 -7.67 -7.72
C ALA B 409 -0.94 -7.41 -9.21
N GLN B 410 -0.28 -8.18 -10.08
CA GLN B 410 -0.44 -7.98 -11.54
C GLN B 410 -0.42 -9.28 -12.35
N GLY B 411 -1.22 -9.28 -13.41
CA GLY B 411 -1.39 -10.48 -14.25
C GLY B 411 -2.73 -10.52 -14.96
N PHE B 412 -3.16 -11.73 -15.30
CA PHE B 412 -4.50 -11.93 -15.82
C PHE B 412 -5.07 -13.24 -15.30
N THR B 413 -6.39 -13.33 -15.22
CA THR B 413 -7.08 -14.53 -14.74
C THR B 413 -8.30 -14.81 -15.59
N ALA B 414 -8.63 -16.07 -15.85
CA ALA B 414 -9.76 -16.39 -16.71
C ALA B 414 -11.04 -15.99 -16.04
N ILE B 415 -11.97 -15.40 -16.80
CA ILE B 415 -13.22 -14.94 -16.23
C ILE B 415 -14.22 -16.10 -16.08
N GLY B 416 -14.15 -17.06 -17.01
CA GLY B 416 -15.05 -18.22 -17.00
C GLY B 416 -16.11 -18.23 -18.10
N ARG B 417 -15.99 -17.32 -19.06
CA ARG B 417 -16.98 -17.13 -20.11
C ARG B 417 -16.28 -16.85 -21.43
N MET B 418 -16.99 -17.04 -22.55
CA MET B 418 -16.46 -16.75 -23.87
C MET B 418 -17.27 -15.68 -24.61
N ALA B 419 -16.60 -14.89 -25.43
CA ALA B 419 -17.30 -14.21 -26.52
C ALA B 419 -17.60 -15.28 -27.56
N ALA B 420 -18.81 -15.27 -28.09
CA ALA B 420 -19.13 -16.11 -29.25
C ALA B 420 -18.85 -15.32 -30.54
N PRO B 421 -18.40 -16.00 -31.62
CA PRO B 421 -18.09 -15.28 -32.87
C PRO B 421 -19.28 -14.49 -33.46
N GLY B 422 -19.09 -13.17 -33.65
CA GLY B 422 -20.14 -12.30 -34.24
C GLY B 422 -21.31 -11.93 -33.32
N LYS B 423 -21.15 -12.19 -32.02
CA LYS B 423 -22.20 -11.95 -31.03
C LYS B 423 -21.79 -10.89 -30.05
N ARG B 424 -22.60 -9.85 -29.97
CA ARG B 424 -22.38 -8.79 -29.02
C ARG B 424 -22.44 -9.33 -27.60
N LEU B 425 -21.50 -8.90 -26.78
CA LEU B 425 -21.56 -9.08 -25.33
C LEU B 425 -21.17 -7.78 -24.64
N SER B 426 -21.80 -7.55 -23.48
CA SER B 426 -21.56 -6.34 -22.70
C SER B 426 -20.93 -6.77 -21.39
N ILE B 427 -19.99 -5.95 -20.90
CA ILE B 427 -19.25 -6.31 -19.72
C ILE B 427 -18.93 -5.09 -18.89
N ARG B 428 -18.94 -5.28 -17.58
CA ARG B 428 -18.71 -4.21 -16.60
C ARG B 428 -17.96 -4.84 -15.45
N ILE B 429 -17.20 -4.05 -14.72
CA ILE B 429 -16.59 -4.53 -13.51
C ILE B 429 -16.87 -3.62 -12.32
N GLU B 430 -17.11 -4.23 -11.15
CA GLU B 430 -17.45 -3.53 -9.92
C GLU B 430 -16.59 -4.02 -8.77
N ASP B 431 -16.60 -3.26 -7.68
CA ASP B 431 -15.95 -3.63 -6.42
C ASP B 431 -14.47 -3.97 -6.60
N ALA B 432 -13.76 -3.07 -7.29
CA ALA B 432 -12.40 -3.31 -7.74
C ALA B 432 -11.29 -2.75 -6.83
N GLY B 433 -11.66 -2.03 -5.77
CA GLY B 433 -10.66 -1.43 -4.89
C GLY B 433 -9.76 -0.54 -5.73
N GLN B 434 -8.45 -0.68 -5.53
CA GLN B 434 -7.48 0.19 -6.20
C GLN B 434 -6.91 -0.43 -7.46
N ALA B 435 -7.53 -1.49 -7.96
CA ALA B 435 -6.95 -2.28 -9.05
C ALA B 435 -7.22 -1.70 -10.42
N SER B 436 -6.18 -1.56 -11.21
CA SER B 436 -6.33 -1.08 -12.58
C SER B 436 -6.62 -2.27 -13.50
N LEU B 437 -7.66 -2.14 -14.31
CA LEU B 437 -8.27 -3.27 -14.98
C LEU B 437 -8.52 -3.11 -16.45
N ALA B 438 -8.52 -4.26 -17.13
CA ALA B 438 -8.87 -4.37 -18.52
C ALA B 438 -9.43 -5.77 -18.82
N VAL B 439 -10.20 -5.87 -19.89
CA VAL B 439 -10.66 -7.17 -20.39
C VAL B 439 -9.87 -7.56 -21.64
N GLY B 440 -9.69 -8.86 -21.83
CA GLY B 440 -9.02 -9.39 -22.99
C GLY B 440 -9.57 -10.72 -23.45
N LEU B 441 -9.30 -11.07 -24.69
CA LEU B 441 -9.74 -12.33 -25.23
C LEU B 441 -8.55 -13.19 -25.67
N ASN B 442 -8.59 -14.47 -25.28
CA ASN B 442 -7.61 -15.49 -25.68
C ASN B 442 -6.19 -15.32 -25.17
N THR B 443 -5.42 -16.40 -25.25
CA THR B 443 -4.10 -16.47 -24.63
C THR B 443 -2.98 -16.85 -25.58
N GLN B 444 -3.31 -17.12 -26.84
CA GLN B 444 -2.28 -17.47 -27.84
C GLN B 444 -1.14 -16.43 -27.88
N ARG B 445 0.09 -16.93 -27.93
CA ARG B 445 1.25 -16.11 -28.24
C ARG B 445 1.49 -16.12 -29.76
N ILE B 446 2.04 -15.05 -30.30
CA ILE B 446 1.94 -14.83 -31.76
C ILE B 446 2.60 -15.91 -32.63
N GLY B 447 3.63 -16.57 -32.09
CA GLY B 447 4.32 -17.62 -32.80
C GLY B 447 3.51 -18.91 -32.94
N SER B 448 2.37 -19.01 -32.25
CA SER B 448 1.51 -20.16 -32.41
C SER B 448 0.76 -20.15 -33.74
N THR B 449 0.77 -19.04 -34.47
CA THR B 449 0.31 -19.04 -35.87
C THR B 449 1.54 -19.19 -36.77
N ARG B 450 1.64 -20.35 -37.42
CA ARG B 450 2.87 -20.73 -38.12
C ARG B 450 2.84 -20.38 -39.62
N LEU B 451 2.26 -19.22 -39.94
CA LEU B 451 2.03 -18.78 -41.33
C LEU B 451 3.23 -18.89 -42.26
N TRP B 452 4.44 -18.83 -41.71
CA TRP B 452 5.65 -19.00 -42.53
C TRP B 452 6.05 -20.47 -42.75
N ASN B 453 5.55 -21.38 -41.91
CA ASN B 453 5.72 -22.81 -42.17
C ASN B 453 4.90 -23.23 -43.37
N THR B 454 5.48 -24.07 -44.22
CA THR B 454 4.81 -24.49 -45.42
C THR B 454 3.38 -25.02 -45.20
N ARG B 455 2.44 -24.36 -45.87
CA ARG B 455 1.02 -24.69 -45.84
C ARG B 455 0.44 -24.65 -44.42
N GLN B 456 0.96 -23.76 -43.58
CA GLN B 456 0.52 -23.64 -42.15
C GLN B 456 -0.07 -22.27 -41.76
N TYR B 457 -0.37 -21.40 -42.72
CA TYR B 457 -1.19 -20.24 -42.41
C TYR B 457 -2.61 -20.76 -42.31
N ASP B 458 -2.98 -21.29 -41.15
CA ASP B 458 -4.26 -21.98 -41.03
C ASP B 458 -5.10 -21.52 -39.86
N ARG B 459 -4.89 -20.28 -39.44
CA ARG B 459 -5.64 -19.62 -38.36
C ARG B 459 -5.23 -18.12 -38.33
N PRO B 460 -5.95 -17.27 -37.57
CA PRO B 460 -5.52 -15.86 -37.59
C PRO B 460 -4.16 -15.63 -36.90
N ARG B 461 -3.49 -14.57 -37.31
CA ARG B 461 -2.21 -14.19 -36.70
C ARG B 461 -2.38 -13.74 -35.25
N PHE B 462 -3.48 -13.05 -34.98
CA PHE B 462 -3.64 -12.35 -33.74
C PHE B 462 -4.88 -12.82 -33.00
N LEU B 463 -4.86 -14.06 -32.55
CA LEU B 463 -6.00 -14.65 -31.85
C LEU B 463 -6.21 -14.01 -30.48
N LYS B 464 -5.12 -13.60 -29.83
CA LYS B 464 -5.21 -12.84 -28.59
C LYS B 464 -5.49 -11.38 -28.91
N SER B 465 -6.53 -10.81 -28.32
CA SER B 465 -6.87 -9.42 -28.55
C SER B 465 -5.93 -8.53 -27.74
N PRO B 466 -5.84 -7.24 -28.09
CA PRO B 466 -5.17 -6.34 -27.18
C PRO B 466 -5.99 -6.15 -25.89
N ASP B 467 -5.32 -5.70 -24.82
CA ASP B 467 -5.99 -5.46 -23.55
C ASP B 467 -6.88 -4.24 -23.67
N ILE B 468 -8.15 -4.40 -23.35
CA ILE B 468 -9.14 -3.34 -23.47
C ILE B 468 -9.45 -2.74 -22.10
N LYS B 469 -9.01 -1.50 -21.91
CA LYS B 469 -9.09 -0.80 -20.62
C LYS B 469 -10.52 -0.58 -20.19
N LEU B 470 -10.77 -0.74 -18.88
CA LEU B 470 -12.09 -0.55 -18.28
C LEU B 470 -12.03 0.42 -17.10
N GLN B 471 -13.11 1.17 -16.87
CA GLN B 471 -13.31 1.88 -15.58
C GLN B 471 -14.40 1.22 -14.78
N ALA B 472 -14.32 1.42 -13.47
CA ALA B 472 -15.29 0.88 -12.53
C ALA B 472 -16.69 1.32 -12.95
N ASN B 473 -17.59 0.36 -13.05
CA ASN B 473 -19.01 0.62 -13.32
C ASN B 473 -19.33 1.12 -14.72
N GLN B 474 -18.35 1.04 -15.62
CA GLN B 474 -18.56 1.49 -16.99
C GLN B 474 -18.67 0.28 -17.94
N SER B 475 -19.87 0.09 -18.48
CA SER B 475 -20.11 -1.01 -19.41
C SER B 475 -19.35 -0.80 -20.69
N VAL B 476 -18.94 -1.90 -21.31
CA VAL B 476 -18.32 -1.84 -22.62
C VAL B 476 -18.88 -2.97 -23.46
N ALA B 477 -19.28 -2.62 -24.69
CA ALA B 477 -19.83 -3.59 -25.64
C ALA B 477 -18.74 -4.12 -26.58
N LEU B 478 -18.65 -5.45 -26.74
CA LEU B 478 -17.66 -6.08 -27.64
C LEU B 478 -18.27 -7.01 -28.71
N VAL B 479 -17.63 -7.08 -29.88
CA VAL B 479 -17.89 -8.14 -30.85
C VAL B 479 -16.59 -8.65 -31.43
N SER B 480 -16.35 -9.95 -31.29
CA SER B 480 -15.17 -10.62 -31.83
C SER B 480 -15.49 -11.49 -33.04
N PRO B 481 -14.64 -11.43 -34.09
CA PRO B 481 -14.94 -12.29 -35.22
C PRO B 481 -14.55 -13.76 -34.97
N TYR B 482 -13.74 -14.00 -33.93
CA TYR B 482 -13.22 -15.33 -33.67
C TYR B 482 -13.87 -16.07 -32.50
N GLY B 483 -14.50 -15.33 -31.59
CA GLY B 483 -14.83 -15.87 -30.29
C GLY B 483 -13.56 -15.90 -29.48
N GLY B 484 -13.68 -15.93 -28.17
CA GLY B 484 -12.50 -16.00 -27.36
C GLY B 484 -12.81 -16.24 -25.89
N LEU B 485 -11.83 -16.82 -25.23
CA LEU B 485 -11.85 -17.04 -23.80
C LEU B 485 -11.65 -15.72 -23.10
N LEU B 486 -12.60 -15.34 -22.26
CA LEU B 486 -12.52 -14.02 -21.64
C LEU B 486 -11.55 -14.01 -20.47
N GLN B 487 -10.71 -12.96 -20.43
CA GLN B 487 -9.67 -12.76 -19.41
C GLN B 487 -9.75 -11.37 -18.79
N LEU B 488 -9.68 -11.32 -17.46
CA LEU B 488 -9.56 -10.08 -16.72
C LEU B 488 -8.10 -9.80 -16.48
N VAL B 489 -7.63 -8.68 -17.06
CA VAL B 489 -6.25 -8.25 -16.91
C VAL B 489 -6.19 -7.20 -15.79
N TYR B 490 -5.21 -7.35 -14.89
CA TYR B 490 -5.12 -6.50 -13.70
C TYR B 490 -3.71 -6.08 -13.33
N SER B 491 -3.63 -4.95 -12.62
CA SER B 491 -2.38 -4.51 -11.98
C SER B 491 -2.74 -3.54 -10.85
N GLY B 492 -1.77 -3.34 -9.96
CA GLY B 492 -2.00 -2.62 -8.70
C GLY B 492 -3.07 -3.25 -7.82
N ALA B 493 -3.25 -4.57 -7.95
CA ALA B 493 -4.18 -5.28 -7.11
C ALA B 493 -3.52 -5.60 -5.75
N THR B 494 -4.35 -5.95 -4.77
CA THR B 494 -3.87 -6.41 -3.47
C THR B 494 -4.01 -7.93 -3.43
N PRO B 495 -2.88 -8.66 -3.29
CA PRO B 495 -2.99 -10.11 -3.32
C PRO B 495 -4.14 -10.58 -2.44
N GLY B 496 -5.00 -11.43 -2.98
CA GLY B 496 -6.14 -11.95 -2.23
C GLY B 496 -7.42 -11.18 -2.42
N GLN B 497 -7.36 -9.97 -2.97
CA GLN B 497 -8.57 -9.16 -3.16
C GLN B 497 -9.50 -9.82 -4.17
N THR B 498 -10.77 -9.38 -4.19
CA THR B 498 -11.72 -9.88 -5.18
C THR B 498 -12.19 -8.77 -6.09
N VAL B 499 -12.76 -9.18 -7.22
CA VAL B 499 -13.36 -8.28 -8.22
C VAL B 499 -14.63 -8.95 -8.73
N THR B 500 -15.66 -8.13 -8.96
CA THR B 500 -16.96 -8.58 -9.48
C THR B 500 -17.06 -8.28 -10.99
N VAL B 501 -17.43 -9.28 -11.79
CA VAL B 501 -17.59 -9.11 -13.24
C VAL B 501 -19.02 -9.39 -13.63
N LYS B 502 -19.66 -8.41 -14.25
CA LYS B 502 -21.00 -8.58 -14.79
C LYS B 502 -20.87 -8.73 -16.29
N VAL B 503 -21.53 -9.73 -16.87
CA VAL B 503 -21.47 -9.90 -18.30
C VAL B 503 -22.78 -10.48 -18.87
N THR B 504 -23.19 -9.91 -20.00
CA THR B 504 -24.43 -10.27 -20.70
C THR B 504 -24.02 -10.65 -22.11
N GLY B 505 -24.57 -11.73 -22.64
CA GLY B 505 -24.31 -12.09 -24.03
C GLY B 505 -23.20 -13.12 -24.26
N ALA B 506 -22.66 -13.66 -23.18
CA ALA B 506 -21.51 -14.54 -23.28
C ALA B 506 -21.90 -15.99 -23.26
N ALA B 507 -21.00 -16.83 -23.77
CA ALA B 507 -21.18 -18.27 -23.78
C ALA B 507 -20.48 -18.86 -22.58
N SER B 508 -20.71 -20.16 -22.38
CA SER B 508 -20.08 -20.86 -21.27
C SER B 508 -19.27 -22.06 -21.74
N GLN B 509 -17.95 -21.87 -21.86
CA GLN B 509 -17.02 -22.99 -22.11
C GLN B 509 -17.08 -23.97 -20.95
N PRO B 510 -16.73 -25.24 -21.21
CA PRO B 510 -16.53 -26.07 -20.03
C PRO B 510 -15.38 -25.46 -19.21
N PHE B 511 -15.57 -25.42 -17.89
CA PHE B 511 -14.67 -24.68 -17.03
C PHE B 511 -14.55 -25.38 -15.69
N LEU B 512 -13.32 -25.74 -15.32
CA LEU B 512 -13.09 -26.44 -14.08
C LEU B 512 -12.52 -25.49 -13.05
N ASP B 513 -13.32 -25.16 -12.06
CA ASP B 513 -13.02 -24.06 -11.15
C ASP B 513 -12.90 -24.61 -9.74
N ILE B 514 -11.68 -24.97 -9.38
CA ILE B 514 -11.40 -25.54 -8.10
C ILE B 514 -11.36 -24.40 -7.10
N GLN B 515 -12.19 -24.50 -6.06
CA GLN B 515 -12.24 -23.49 -5.00
C GLN B 515 -11.28 -23.85 -3.90
N PRO B 516 -10.33 -22.94 -3.60
CA PRO B 516 -9.34 -23.19 -2.56
C PRO B 516 -9.95 -23.81 -1.33
N GLY B 517 -9.39 -24.92 -0.89
CA GLY B 517 -9.76 -25.54 0.38
C GLY B 517 -11.07 -26.32 0.37
N GLU B 518 -12.07 -25.83 -0.36
CA GLU B 518 -13.42 -26.39 -0.33
C GLU B 518 -13.58 -27.70 -1.11
N ASP B 519 -14.76 -28.31 -0.97
CA ASP B 519 -15.12 -29.52 -1.70
C ASP B 519 -15.35 -29.17 -3.16
N SER B 520 -14.78 -30.00 -4.04
CA SER B 520 -14.79 -29.75 -5.48
C SER B 520 -15.67 -30.73 -6.22
N SER B 521 -16.30 -31.63 -5.48
CA SER B 521 -17.06 -32.69 -6.08
C SER B 521 -18.03 -32.14 -7.14
N GLN B 522 -18.81 -31.13 -6.77
CA GLN B 522 -19.89 -30.64 -7.63
C GLN B 522 -19.36 -29.94 -8.88
N ALA B 523 -18.27 -29.20 -8.73
CA ALA B 523 -17.64 -28.54 -9.87
C ALA B 523 -17.17 -29.57 -10.90
N ILE B 524 -16.53 -30.63 -10.42
CA ILE B 524 -15.93 -31.65 -11.29
C ILE B 524 -17.03 -32.36 -12.07
N ALA B 525 -18.11 -32.66 -11.38
CA ALA B 525 -19.26 -33.21 -12.03
C ALA B 525 -19.76 -32.27 -13.14
N ASP B 526 -19.83 -30.97 -12.87
CA ASP B 526 -20.37 -30.03 -13.86
C ASP B 526 -19.47 -29.91 -15.09
N PHE B 527 -18.17 -29.87 -14.86
CA PHE B 527 -17.18 -29.90 -15.92
C PHE B 527 -17.26 -31.15 -16.78
N ILE B 528 -17.41 -32.31 -16.14
CA ILE B 528 -17.45 -33.56 -16.88
C ILE B 528 -18.63 -33.49 -17.82
N GLN B 529 -19.77 -33.09 -17.27
CA GLN B 529 -21.02 -32.99 -18.03
C GLN B 529 -20.92 -32.07 -19.24
N ALA B 530 -20.24 -30.94 -19.06
CA ALA B 530 -20.05 -29.99 -20.14
C ALA B 530 -19.13 -30.56 -21.21
N LEU B 531 -18.05 -31.21 -20.76
CA LEU B 531 -17.24 -32.00 -21.64
C LEU B 531 -18.11 -32.96 -22.44
N ASP B 532 -18.81 -33.86 -21.77
CA ASP B 532 -19.61 -34.86 -22.48
C ASP B 532 -20.63 -34.24 -23.41
N ALA B 533 -21.15 -33.07 -23.07
CA ALA B 533 -22.05 -32.38 -24.01
C ALA B 533 -21.36 -32.06 -25.34
N ASP B 534 -20.07 -31.75 -25.31
CA ASP B 534 -19.27 -31.60 -26.53
C ASP B 534 -19.70 -30.45 -27.43
N LYS B 535 -19.91 -29.28 -26.82
CA LYS B 535 -20.43 -28.06 -27.49
C LYS B 535 -19.38 -26.96 -27.62
N ALA B 536 -18.18 -27.18 -27.09
CA ALA B 536 -17.11 -26.21 -27.18
C ALA B 536 -15.82 -26.77 -27.81
N ASP B 537 -15.02 -25.90 -28.42
CA ASP B 537 -13.70 -26.26 -28.94
C ASP B 537 -12.59 -25.92 -27.92
N TRP B 538 -12.91 -25.07 -26.95
CA TRP B 538 -11.96 -24.61 -25.94
C TRP B 538 -12.55 -24.78 -24.54
N LEU B 539 -11.68 -25.05 -23.58
CA LEU B 539 -12.06 -25.11 -22.17
C LEU B 539 -10.94 -24.50 -21.37
N GLU B 540 -11.23 -24.25 -20.09
CA GLU B 540 -10.21 -23.83 -19.15
C GLU B 540 -10.34 -24.55 -17.81
N ILE B 541 -9.25 -24.52 -17.06
CA ILE B 541 -9.16 -25.09 -15.75
C ILE B 541 -8.43 -24.11 -14.83
N ARG B 542 -9.02 -23.83 -13.67
CA ARG B 542 -8.38 -23.05 -12.61
C ARG B 542 -8.23 -23.92 -11.37
N SER B 543 -6.99 -24.20 -10.99
CA SER B 543 -6.67 -25.04 -9.82
C SER B 543 -5.42 -24.48 -9.15
N GLY B 544 -5.52 -24.12 -7.88
CA GLY B 544 -4.38 -23.50 -7.17
C GLY B 544 -3.94 -22.29 -7.92
N SER B 545 -2.63 -22.15 -8.14
CA SER B 545 -2.07 -21.03 -8.89
C SER B 545 -1.83 -21.33 -10.38
N VAL B 546 -2.43 -22.39 -10.89
CA VAL B 546 -2.29 -22.75 -12.28
C VAL B 546 -3.62 -22.58 -13.03
N GLU B 547 -3.53 -22.02 -14.22
CA GLU B 547 -4.66 -21.88 -15.10
C GLU B 547 -4.26 -22.46 -16.43
N VAL B 548 -5.14 -23.29 -17.00
CA VAL B 548 -4.89 -23.97 -18.24
C VAL B 548 -5.91 -23.47 -19.25
N HIS B 549 -5.41 -23.11 -20.44
CA HIS B 549 -6.27 -22.65 -21.53
C HIS B 549 -6.02 -23.57 -22.70
N ALA B 550 -7.04 -24.38 -23.00
CA ALA B 550 -6.82 -25.61 -23.77
C ALA B 550 -7.83 -25.92 -24.87
N LYS B 551 -7.30 -26.33 -26.01
CA LYS B 551 -8.12 -26.87 -27.07
C LYS B 551 -8.75 -28.18 -26.57
N VAL B 552 -10.06 -28.31 -26.72
CA VAL B 552 -10.79 -29.39 -26.08
C VAL B 552 -10.31 -30.78 -26.53
N GLU B 553 -10.10 -30.97 -27.83
CA GLU B 553 -9.76 -32.30 -28.36
C GLU B 553 -8.39 -32.77 -27.87
N LYS B 554 -7.53 -31.83 -27.53
CA LYS B 554 -6.22 -32.16 -26.97
C LYS B 554 -6.31 -32.79 -25.58
N VAL B 555 -7.25 -32.30 -24.77
CA VAL B 555 -7.42 -32.75 -23.38
C VAL B 555 -8.14 -34.11 -23.30
N ARG B 556 -9.20 -34.27 -24.09
CA ARG B 556 -9.79 -35.59 -24.34
C ARG B 556 -8.72 -36.55 -24.83
N GLY B 557 -7.91 -36.10 -25.78
CA GLY B 557 -6.77 -36.87 -26.24
C GLY B 557 -6.00 -37.45 -25.05
N SER B 558 -5.55 -36.56 -24.16
CA SER B 558 -4.81 -36.99 -22.97
C SER B 558 -5.62 -37.88 -22.04
N ILE B 559 -6.88 -37.50 -21.81
CA ILE B 559 -7.76 -38.30 -20.96
C ILE B 559 -7.91 -39.78 -21.44
N ASP B 560 -7.68 -40.04 -22.74
CA ASP B 560 -7.79 -41.41 -23.28
C ASP B 560 -6.46 -42.08 -23.61
N LYS B 561 -5.55 -41.35 -24.23
CA LYS B 561 -4.23 -41.89 -24.44
C LYS B 561 -3.59 -42.17 -23.08
N ASP B 562 -3.43 -41.15 -22.26
CA ASP B 562 -2.69 -41.33 -21.03
C ASP B 562 -3.51 -42.05 -19.94
N TYR B 563 -4.83 -41.85 -19.90
CA TYR B 563 -5.62 -42.32 -18.75
C TYR B 563 -6.71 -43.33 -19.08
N GLY B 564 -6.79 -43.73 -20.35
CA GLY B 564 -7.75 -44.74 -20.79
C GLY B 564 -9.20 -44.46 -20.43
N GLY B 565 -9.56 -43.18 -20.35
CA GLY B 565 -10.94 -42.74 -20.09
C GLY B 565 -11.21 -42.39 -18.64
N ASP B 566 -10.20 -42.43 -17.78
CA ASP B 566 -10.38 -42.24 -16.35
C ASP B 566 -10.44 -40.75 -16.02
N VAL B 567 -11.56 -40.12 -16.35
CA VAL B 567 -11.67 -38.66 -16.26
C VAL B 567 -11.43 -38.14 -14.85
N GLN B 568 -11.92 -38.85 -13.83
CA GLN B 568 -11.77 -38.46 -12.43
C GLN B 568 -10.34 -38.60 -11.94
N ARG B 569 -9.71 -39.73 -12.25
CA ARG B 569 -8.32 -39.95 -11.88
C ARG B 569 -7.42 -38.90 -12.57
N PHE B 570 -7.79 -38.49 -13.77
CA PHE B 570 -7.04 -37.44 -14.48
C PHE B 570 -7.04 -36.12 -13.70
N ILE B 571 -8.23 -35.67 -13.34
CA ILE B 571 -8.39 -34.44 -12.60
C ILE B 571 -7.71 -34.47 -11.24
N ARG B 572 -7.88 -35.58 -10.54
CA ARG B 572 -7.33 -35.76 -9.20
C ARG B 572 -5.83 -35.73 -9.27
N GLU B 573 -5.25 -36.46 -10.22
CA GLU B 573 -3.79 -36.43 -10.41
C GLU B 573 -3.31 -35.06 -10.90
N LEU B 574 -4.11 -34.40 -11.73
CA LEU B 574 -3.76 -33.04 -12.10
C LEU B 574 -3.60 -32.14 -10.85
N ASN B 575 -4.59 -32.21 -9.96
CA ASN B 575 -4.60 -31.34 -8.80
C ASN B 575 -3.55 -31.69 -7.76
N GLU B 576 -3.31 -32.97 -7.59
CA GLU B 576 -2.51 -33.48 -6.48
C GLU B 576 -1.10 -33.86 -6.89
N VAL B 577 -0.97 -34.71 -7.90
CA VAL B 577 0.33 -35.23 -8.34
C VAL B 577 1.14 -34.21 -9.13
N PHE B 578 0.46 -33.36 -9.89
CA PHE B 578 1.11 -32.33 -10.66
C PHE B 578 1.17 -31.05 -9.83
N ILE B 579 0.00 -30.44 -9.61
CA ILE B 579 -0.06 -29.08 -9.05
C ILE B 579 0.38 -29.04 -7.57
N ASP B 580 -0.32 -29.77 -6.70
CA ASP B 580 -0.02 -29.77 -5.26
C ASP B 580 1.40 -30.19 -4.98
N ASP B 581 1.88 -31.16 -5.75
CA ASP B 581 3.20 -31.72 -5.52
C ASP B 581 4.27 -30.64 -5.66
N ALA B 582 4.13 -29.80 -6.67
CA ALA B 582 5.10 -28.73 -6.90
C ALA B 582 5.05 -27.70 -5.79
N TYR B 583 3.89 -27.10 -5.59
CA TYR B 583 3.80 -26.01 -4.62
C TYR B 583 3.95 -26.48 -3.16
N THR B 584 3.64 -27.74 -2.88
CA THR B 584 3.94 -28.32 -1.58
C THR B 584 5.45 -28.49 -1.40
N LEU B 585 6.14 -28.95 -2.45
CA LEU B 585 7.62 -29.09 -2.41
C LEU B 585 8.36 -27.79 -2.11
N ALA B 586 7.84 -26.70 -2.65
CA ALA B 586 8.37 -25.36 -2.43
C ALA B 586 7.94 -24.69 -1.12
N GLY B 587 7.15 -25.38 -0.29
CA GLY B 587 6.79 -24.87 1.05
C GLY B 587 5.86 -23.67 1.09
N PHE B 588 4.99 -23.56 0.10
CA PHE B 588 4.10 -22.42 0.08
C PHE B 588 2.99 -22.65 1.08
N ALA B 589 2.41 -21.55 1.55
CA ALA B 589 1.24 -21.61 2.44
C ALA B 589 0.00 -21.88 1.60
N ILE B 590 -0.43 -23.14 1.57
CA ILE B 590 -1.58 -23.55 0.80
C ILE B 590 -2.80 -23.66 1.73
N PRO B 591 -3.94 -23.10 1.31
CA PRO B 591 -5.18 -23.08 2.09
C PRO B 591 -5.68 -24.43 2.59
N ASN B 592 -5.96 -24.47 3.89
CA ASN B 592 -6.45 -25.65 4.58
C ASN B 592 -5.52 -26.85 4.51
N GLN B 593 -4.22 -26.59 4.44
CA GLN B 593 -3.23 -27.62 4.19
C GLN B 593 -2.05 -27.39 5.10
N ALA B 594 -1.93 -28.23 6.11
CA ALA B 594 -0.86 -28.11 7.08
C ALA B 594 0.43 -28.69 6.52
N LYS B 595 1.54 -28.15 6.97
CA LYS B 595 2.83 -28.72 6.65
C LYS B 595 2.87 -30.12 7.22
N THR B 596 3.70 -30.99 6.64
CA THR B 596 3.87 -32.35 7.18
C THR B 596 4.51 -32.26 8.56
N PRO B 597 4.30 -33.29 9.40
CA PRO B 597 4.84 -33.23 10.76
C PRO B 597 6.35 -32.96 10.78
N ALA B 598 7.09 -33.69 9.95
CA ALA B 598 8.53 -33.55 9.95
C ALA B 598 8.94 -32.12 9.61
N ILE B 599 8.22 -31.49 8.69
CA ILE B 599 8.52 -30.09 8.37
C ILE B 599 8.13 -29.15 9.50
N GLN B 600 6.98 -29.36 10.14
CA GLN B 600 6.52 -28.47 11.24
C GLN B 600 7.50 -28.54 12.41
N GLN B 601 7.89 -29.75 12.77
CA GLN B 601 8.84 -29.95 13.86
C GLN B 601 10.17 -29.29 13.55
N GLU B 602 10.66 -29.42 12.32
CA GLU B 602 11.92 -28.77 11.99
C GLU B 602 11.86 -27.25 12.07
N CYS B 603 10.73 -26.66 11.65
CA CYS B 603 10.50 -25.21 11.74
C CYS B 603 10.35 -24.71 13.19
N ALA B 604 9.84 -25.58 14.07
CA ALA B 604 9.72 -25.26 15.51
C ALA B 604 11.12 -25.22 16.14
N ALA B 605 11.88 -26.30 16.00
CA ALA B 605 13.24 -26.35 16.48
C ALA B 605 14.08 -25.18 15.96
N ARG B 606 13.78 -24.73 14.75
CA ARG B 606 14.47 -23.56 14.17
C ARG B 606 13.99 -22.20 14.67
N GLY B 607 12.80 -22.17 15.26
CA GLY B 607 12.15 -20.93 15.63
C GLY B 607 11.82 -20.08 14.41
N TRP B 608 11.52 -20.75 13.30
CA TRP B 608 11.21 -20.06 12.04
C TRP B 608 9.72 -19.81 11.86
N ASP B 609 9.43 -18.78 11.07
CA ASP B 609 8.09 -18.55 10.51
C ASP B 609 8.01 -19.34 9.21
N CYS B 610 7.32 -20.47 9.24
CA CYS B 610 7.19 -21.31 8.06
C CYS B 610 5.78 -21.28 7.46
N ASP B 611 4.97 -20.33 7.91
CA ASP B 611 3.55 -20.35 7.58
C ASP B 611 2.87 -19.04 7.22
N SER B 612 3.47 -17.89 7.54
CA SER B 612 2.82 -16.61 7.29
C SER B 612 2.58 -16.37 5.80
N GLU B 613 1.47 -15.70 5.48
CA GLU B 613 1.20 -15.26 4.11
C GLU B 613 2.23 -14.22 3.66
N THR B 614 2.68 -13.37 4.59
CA THR B 614 3.70 -12.34 4.28
C THR B 614 4.86 -12.95 3.49
N LEU B 615 5.40 -14.06 3.99
CA LEU B 615 6.57 -14.63 3.37
C LEU B 615 6.25 -15.73 2.40
N HIS B 616 5.22 -16.52 2.67
CA HIS B 616 5.03 -17.77 1.94
C HIS B 616 3.71 -17.91 1.21
N LYS B 617 3.06 -16.79 0.89
CA LYS B 617 1.85 -16.90 0.11
C LYS B 617 2.17 -17.46 -1.25
N LEU B 618 1.14 -18.06 -1.84
CA LEU B 618 1.28 -18.66 -3.15
C LEU B 618 1.63 -17.58 -4.16
N PRO B 619 2.48 -17.93 -5.13
CA PRO B 619 2.79 -16.94 -6.12
C PRO B 619 1.64 -16.75 -7.11
N GLY B 620 1.81 -15.75 -7.97
CA GLY B 620 0.90 -15.50 -9.05
C GLY B 620 0.67 -16.68 -9.99
N THR B 621 -0.42 -16.55 -10.73
CA THR B 621 -0.88 -17.59 -11.58
C THR B 621 0.26 -18.05 -12.50
N GLN B 622 0.41 -19.35 -12.72
CA GLN B 622 1.13 -19.78 -13.90
C GLN B 622 0.13 -20.31 -14.90
N HIS B 623 0.19 -19.74 -16.10
CA HIS B 623 -0.70 -20.14 -17.17
C HIS B 623 -0.10 -21.19 -18.07
N ILE B 624 -0.96 -22.02 -18.63
CA ILE B 624 -0.59 -23.07 -19.55
C ILE B 624 -1.51 -23.05 -20.77
N ASN B 625 -0.92 -22.97 -21.96
CA ASN B 625 -1.63 -23.10 -23.23
C ASN B 625 -1.46 -24.54 -23.76
N VAL B 626 -2.57 -25.12 -24.20
CA VAL B 626 -2.54 -26.43 -24.79
C VAL B 626 -3.28 -26.27 -26.11
N ASP B 627 -2.53 -26.35 -27.21
CA ASP B 627 -3.02 -25.95 -28.53
C ASP B 627 -2.36 -26.81 -29.61
N GLN B 628 -2.89 -26.74 -30.82
CA GLN B 628 -2.23 -27.40 -31.95
C GLN B 628 -0.79 -26.92 -32.14
N TYR B 629 -0.55 -25.63 -31.90
CA TYR B 629 0.75 -25.03 -32.09
C TYR B 629 1.28 -24.30 -30.86
N ALA B 630 2.59 -24.13 -30.80
CA ALA B 630 3.24 -23.33 -29.77
C ALA B 630 4.03 -22.16 -30.33
N GLN B 631 4.37 -21.23 -29.45
CA GLN B 631 5.20 -20.07 -29.77
C GLN B 631 6.54 -20.49 -30.29
N CYS B 632 7.12 -21.55 -29.72
CA CYS B 632 8.40 -22.07 -30.20
C CYS B 632 8.45 -23.57 -30.00
N GLY B 633 9.12 -24.25 -30.92
CA GLY B 633 9.16 -25.72 -30.88
C GLY B 633 7.75 -26.30 -30.87
N GLY B 634 7.64 -27.50 -30.29
CA GLY B 634 6.34 -28.12 -29.98
C GLY B 634 5.95 -27.88 -28.52
N GLY B 635 6.75 -27.09 -27.82
CA GLY B 635 6.50 -26.70 -26.46
C GLY B 635 7.45 -25.57 -26.11
N CYS B 636 6.95 -24.53 -25.44
CA CYS B 636 7.74 -23.31 -25.25
C CYS B 636 7.58 -22.71 -23.87
N SER B 637 8.71 -22.48 -23.20
CA SER B 637 8.76 -21.83 -21.86
C SER B 637 8.15 -20.44 -21.83
N GLY B 638 7.71 -20.01 -20.66
CA GLY B 638 7.13 -18.67 -20.47
C GLY B 638 5.92 -18.66 -19.54
N ASN B 639 5.11 -17.60 -19.66
CA ASN B 639 3.83 -17.53 -18.94
C ASN B 639 2.82 -16.83 -19.81
N PRO B 640 1.89 -17.58 -20.41
CA PRO B 640 1.79 -19.04 -20.29
C PRO B 640 2.91 -19.77 -20.97
N TYR B 641 3.21 -20.96 -20.49
CA TYR B 641 4.01 -21.85 -21.30
C TYR B 641 3.08 -22.64 -22.22
N ASP B 642 3.59 -23.02 -23.39
CA ASP B 642 2.80 -23.69 -24.43
C ASP B 642 3.11 -25.20 -24.53
N GLN B 643 2.07 -25.99 -24.83
CA GLN B 643 2.19 -27.44 -24.98
C GLN B 643 1.34 -27.80 -26.18
N THR B 644 1.81 -28.78 -26.97
CA THR B 644 1.06 -29.23 -28.15
C THR B 644 0.61 -30.70 -28.10
N TRP B 645 1.11 -31.45 -27.12
CA TRP B 645 0.88 -32.89 -27.07
C TRP B 645 -0.40 -33.21 -26.32
N GLY B 646 -0.87 -32.30 -25.47
CA GLY B 646 -2.02 -32.54 -24.64
C GLY B 646 -1.70 -31.96 -23.26
N LEU B 647 -2.17 -32.65 -22.22
CA LEU B 647 -1.93 -32.24 -20.85
C LEU B 647 -1.90 -33.49 -19.99
N ASN B 648 -0.72 -33.78 -19.46
CA ASN B 648 -0.47 -34.98 -18.72
C ASN B 648 0.01 -34.63 -17.32
N PRO B 649 -0.77 -34.97 -16.27
CA PRO B 649 -0.30 -34.76 -14.91
C PRO B 649 1.04 -35.40 -14.59
N ARG B 650 1.29 -36.61 -15.10
CA ARG B 650 2.57 -37.28 -14.89
C ARG B 650 3.67 -36.77 -15.83
N GLY B 651 3.32 -35.90 -16.77
CA GLY B 651 4.25 -35.50 -17.83
C GLY B 651 5.47 -34.82 -17.25
N TRP B 652 6.63 -35.11 -17.83
CA TRP B 652 7.87 -34.47 -17.43
C TRP B 652 7.90 -32.96 -17.76
N GLY B 653 7.49 -32.60 -18.98
CA GLY B 653 7.56 -31.22 -19.46
C GLY B 653 6.69 -30.28 -18.64
N GLU B 654 5.52 -30.78 -18.26
CA GLU B 654 4.58 -30.06 -17.41
C GLU B 654 5.26 -29.51 -16.16
N SER B 655 5.90 -30.39 -15.39
CA SER B 655 6.57 -30.03 -14.11
C SER B 655 7.92 -29.31 -14.29
N HIS B 656 8.68 -29.72 -15.31
CA HIS B 656 9.89 -28.98 -15.72
C HIS B 656 9.63 -27.47 -15.93
N GLU B 657 8.68 -27.15 -16.81
CA GLU B 657 8.32 -25.74 -17.08
C GLU B 657 7.72 -25.07 -15.83
N LEU B 658 6.89 -25.80 -15.08
CA LEU B 658 6.30 -25.26 -13.85
C LEU B 658 7.43 -24.95 -12.90
N GLY B 659 8.39 -25.88 -12.84
CA GLY B 659 9.65 -25.66 -12.14
C GLY B 659 10.36 -24.34 -12.44
N HIS B 660 10.39 -23.90 -13.69
CA HIS B 660 11.02 -22.62 -14.00
C HIS B 660 10.39 -21.45 -13.25
N ASN B 661 9.06 -21.38 -13.24
CA ASN B 661 8.29 -20.40 -12.45
C ASN B 661 8.69 -20.33 -10.98
N LEU B 662 9.15 -21.46 -10.42
CA LEU B 662 9.44 -21.55 -8.99
C LEU B 662 10.91 -21.50 -8.65
N GLN B 663 11.75 -21.32 -9.66
CA GLN B 663 13.18 -21.14 -9.41
C GLN B 663 13.46 -19.84 -8.66
N VAL B 664 14.55 -19.82 -7.89
CA VAL B 664 15.03 -18.60 -7.23
C VAL B 664 16.53 -18.59 -7.28
N ASN B 665 17.11 -17.41 -7.43
CA ASN B 665 18.54 -17.37 -7.71
C ASN B 665 19.43 -17.86 -6.58
N ARG B 666 18.94 -17.82 -5.34
CA ARG B 666 19.79 -18.15 -4.18
C ARG B 666 19.94 -19.66 -3.96
N LEU B 667 19.29 -20.45 -4.82
CA LEU B 667 19.41 -21.92 -4.84
C LEU B 667 19.92 -22.43 -6.19
N LYS B 668 20.56 -21.56 -6.95
CA LYS B 668 21.17 -21.94 -8.23
C LYS B 668 22.65 -22.07 -8.05
N VAL B 669 23.21 -23.19 -8.46
CA VAL B 669 24.67 -23.33 -8.44
C VAL B 669 25.22 -22.61 -9.66
N TYR B 670 26.14 -21.68 -9.43
CA TYR B 670 26.75 -20.90 -10.50
C TYR B 670 25.66 -20.30 -11.40
N GLY B 671 24.64 -19.76 -10.75
CA GLY B 671 23.54 -19.10 -11.45
C GLY B 671 23.07 -19.80 -12.71
N GLY B 672 23.22 -19.12 -13.84
CA GLY B 672 22.79 -19.60 -15.16
C GLY B 672 23.16 -21.03 -15.49
N ARG B 673 24.27 -21.50 -14.96
CA ARG B 673 24.68 -22.88 -15.12
C ARG B 673 23.66 -23.86 -14.56
N SER B 674 22.89 -23.41 -13.56
CA SER B 674 21.78 -24.18 -13.01
C SER B 674 20.41 -23.73 -13.54
N GLY B 675 20.43 -22.90 -14.59
CA GLY B 675 19.22 -22.41 -15.25
C GLY B 675 18.27 -23.48 -15.73
N GLU B 676 18.83 -24.65 -16.07
CA GLU B 676 18.03 -25.78 -16.52
C GLU B 676 18.22 -26.97 -15.60
N ILE B 677 18.67 -26.68 -14.38
CA ILE B 677 18.92 -27.70 -13.35
C ILE B 677 18.11 -27.50 -12.09
N SER B 678 18.08 -26.29 -11.53
CA SER B 678 17.44 -26.10 -10.23
C SER B 678 15.90 -26.26 -10.28
N ASN B 679 15.32 -26.13 -11.47
CA ASN B 679 13.89 -26.44 -11.68
C ASN B 679 13.59 -27.96 -11.75
N GLN B 680 14.61 -28.77 -11.96
CA GLN B 680 14.38 -30.22 -12.14
C GLN B 680 13.95 -30.93 -10.87
N ILE B 681 14.16 -30.33 -9.70
CA ILE B 681 13.69 -30.96 -8.45
C ILE B 681 12.20 -31.27 -8.48
N PHE B 682 11.44 -30.43 -9.18
CA PHE B 682 10.00 -30.64 -9.29
C PHE B 682 9.61 -31.90 -10.10
N PRO B 683 10.12 -32.07 -11.34
CA PRO B 683 9.79 -33.32 -12.07
C PRO B 683 10.43 -34.60 -11.49
N LEU B 684 11.60 -34.44 -10.90
CA LEU B 684 12.26 -35.52 -10.16
C LEU B 684 11.50 -35.94 -8.92
N HIS B 685 11.00 -34.98 -8.15
CA HIS B 685 10.16 -35.34 -6.99
C HIS B 685 8.94 -36.11 -7.46
N LYS B 686 8.24 -35.58 -8.45
CA LYS B 686 7.04 -36.20 -8.92
C LYS B 686 7.26 -37.66 -9.39
N ASP B 687 8.34 -37.92 -10.10
CA ASP B 687 8.64 -39.29 -10.59
C ASP B 687 9.02 -40.25 -9.45
N TRP B 688 9.64 -39.72 -8.41
CA TRP B 688 9.93 -40.49 -7.21
C TRP B 688 8.62 -40.85 -6.52
N ARG B 689 7.71 -39.90 -6.45
CA ARG B 689 6.37 -40.14 -5.92
C ARG B 689 5.55 -41.11 -6.79
N VAL B 690 5.59 -40.94 -8.10
CA VAL B 690 4.78 -41.79 -8.97
C VAL B 690 5.21 -43.26 -8.89
N LEU B 691 6.52 -43.50 -8.90
CA LEU B 691 7.06 -44.83 -8.72
C LEU B 691 6.55 -45.46 -7.43
N ARG B 692 6.67 -44.73 -6.34
CA ARG B 692 6.35 -45.26 -5.03
C ARG B 692 4.85 -45.56 -4.90
N GLU B 693 4.00 -44.62 -5.29
CA GLU B 693 2.56 -44.76 -5.07
C GLU B 693 1.87 -45.59 -6.14
N PHE B 694 2.31 -45.45 -7.40
CA PHE B 694 1.57 -46.05 -8.52
C PHE B 694 2.33 -47.19 -9.21
N GLY B 695 3.66 -47.22 -9.08
CA GLY B 695 4.50 -48.28 -9.66
C GLY B 695 5.03 -48.03 -11.08
N GLN B 696 4.55 -46.99 -11.73
CA GLN B 696 5.01 -46.68 -13.07
C GLN B 696 6.34 -45.99 -12.93
N ASN B 697 7.25 -46.28 -13.84
CA ASN B 697 8.63 -45.82 -13.70
C ASN B 697 9.03 -44.82 -14.80
N LEU B 698 8.88 -43.53 -14.53
CA LEU B 698 9.04 -42.46 -15.52
C LEU B 698 10.43 -41.78 -15.50
N ASP B 699 11.07 -41.75 -16.67
CA ASP B 699 12.27 -40.94 -16.88
C ASP B 699 13.34 -41.33 -15.89
N ASP B 700 13.59 -42.63 -15.85
CA ASP B 700 14.40 -43.24 -14.83
C ASP B 700 15.89 -43.09 -15.09
N THR B 701 16.27 -42.42 -16.18
CA THR B 701 17.70 -42.24 -16.51
C THR B 701 18.15 -40.78 -16.54
N ARG B 702 17.38 -39.86 -15.97
CA ARG B 702 17.72 -38.42 -16.03
C ARG B 702 18.97 -38.06 -15.24
N VAL B 703 19.05 -38.56 -14.01
CA VAL B 703 20.12 -38.15 -13.11
C VAL B 703 21.34 -39.05 -13.33
N ASN B 704 22.38 -38.44 -13.88
CA ASN B 704 23.59 -39.16 -14.31
C ASN B 704 24.68 -39.15 -13.22
N TYR B 705 24.45 -39.95 -12.19
CA TYR B 705 25.36 -40.06 -11.07
C TYR B 705 26.70 -40.61 -11.59
N ARG B 706 26.61 -41.59 -12.47
CA ARG B 706 27.77 -42.32 -12.89
C ARG B 706 28.75 -41.41 -13.57
N ASN B 707 28.28 -40.57 -14.48
CA ASN B 707 29.19 -39.72 -15.23
C ASN B 707 29.53 -38.41 -14.49
N ALA B 708 28.64 -38.00 -13.60
CA ALA B 708 28.99 -36.92 -12.69
C ALA B 708 30.21 -37.38 -11.92
N TYR B 709 30.22 -38.65 -11.50
CA TYR B 709 31.34 -39.24 -10.74
C TYR B 709 32.61 -39.27 -11.55
N ASN B 710 32.53 -39.78 -12.77
CA ASN B 710 33.71 -39.77 -13.67
C ASN B 710 34.30 -38.36 -13.70
N LEU B 711 33.45 -37.37 -13.84
CA LEU B 711 33.94 -36.03 -13.96
C LEU B 711 34.57 -35.52 -12.66
N ILE B 712 33.99 -35.90 -11.52
CA ILE B 712 34.50 -35.49 -10.21
C ILE B 712 35.87 -36.12 -9.93
N VAL B 713 36.00 -37.42 -10.17
CA VAL B 713 37.25 -38.12 -9.85
C VAL B 713 38.41 -37.55 -10.66
N ALA B 714 38.15 -37.32 -11.94
CA ALA B 714 39.14 -36.75 -12.83
C ALA B 714 39.52 -35.34 -12.39
N GLY B 715 38.53 -34.49 -12.19
CA GLY B 715 38.79 -33.09 -11.82
C GLY B 715 39.55 -32.90 -10.52
N ARG B 716 39.33 -33.80 -9.55
CA ARG B 716 39.90 -33.63 -8.23
C ARG B 716 41.37 -34.03 -8.13
N ALA B 717 41.87 -34.86 -9.03
CA ALA B 717 43.28 -35.23 -9.06
C ALA B 717 44.16 -34.09 -9.61
N GLU B 718 43.55 -33.06 -10.17
CA GLU B 718 44.29 -31.90 -10.64
C GLU B 718 44.97 -31.15 -9.49
N ALA B 719 45.85 -30.23 -9.86
CA ALA B 719 46.60 -29.41 -8.92
C ALA B 719 45.67 -28.58 -8.02
N ASP B 720 44.79 -27.77 -8.61
CA ASP B 720 43.69 -27.14 -7.87
C ASP B 720 42.48 -28.06 -8.07
N PRO B 721 42.13 -28.88 -7.05
CA PRO B 721 41.04 -29.84 -7.24
C PRO B 721 39.67 -29.20 -7.46
N LEU B 722 39.42 -28.06 -6.82
CA LEU B 722 38.12 -27.40 -6.93
C LEU B 722 37.97 -26.85 -8.35
N ALA B 723 38.98 -26.12 -8.82
CA ALA B 723 39.01 -25.65 -10.19
C ALA B 723 38.84 -26.80 -11.19
N GLY B 724 39.45 -27.94 -10.88
CA GLY B 724 39.45 -29.09 -11.78
C GLY B 724 38.06 -29.60 -12.03
N VAL B 725 37.32 -29.83 -10.95
CA VAL B 725 35.95 -30.31 -11.06
C VAL B 725 35.08 -29.22 -11.67
N TYR B 726 35.31 -27.98 -11.28
CA TYR B 726 34.61 -26.87 -11.89
C TYR B 726 34.72 -26.89 -13.41
N LYS B 727 35.96 -26.99 -13.90
CA LYS B 727 36.22 -27.04 -15.34
C LYS B 727 35.39 -28.12 -16.01
N ARG B 728 35.40 -29.32 -15.44
CA ARG B 728 34.74 -30.45 -16.11
C ARG B 728 33.20 -30.47 -16.00
N LEU B 729 32.63 -29.71 -15.08
CA LEU B 729 31.22 -29.85 -14.75
C LEU B 729 30.36 -28.58 -14.95
N TRP B 730 30.80 -27.43 -14.42
CA TRP B 730 29.97 -26.21 -14.38
C TRP B 730 30.37 -25.19 -15.40
N GLU B 731 31.55 -25.35 -15.98
CA GLU B 731 32.08 -24.31 -16.85
C GLU B 731 31.36 -24.15 -18.18
N ASP B 732 31.04 -25.25 -18.85
CA ASP B 732 30.42 -25.20 -20.16
C ASP B 732 29.13 -24.39 -20.09
N PRO B 733 29.03 -23.26 -20.83
CA PRO B 733 27.89 -22.35 -20.70
C PRO B 733 26.67 -22.72 -21.54
N GLY B 734 26.76 -23.82 -22.29
CA GLY B 734 25.62 -24.31 -23.10
C GLY B 734 24.32 -24.44 -22.32
N THR B 735 23.22 -24.02 -22.93
CA THR B 735 21.94 -23.96 -22.25
C THR B 735 21.56 -25.26 -21.53
N TYR B 736 21.80 -26.41 -22.15
CA TYR B 736 21.50 -27.71 -21.56
C TYR B 736 22.76 -28.54 -21.30
N ALA B 737 23.92 -27.90 -21.27
CA ALA B 737 25.16 -28.65 -21.07
C ALA B 737 25.16 -29.37 -19.72
N LEU B 738 25.64 -30.60 -19.76
CA LEU B 738 25.85 -31.43 -18.60
C LEU B 738 24.63 -31.51 -17.71
N ASN B 739 23.47 -31.62 -18.34
CA ASN B 739 22.22 -31.54 -17.62
C ASN B 739 22.09 -32.68 -16.63
N GLY B 740 22.17 -33.95 -17.07
CA GLY B 740 22.03 -35.06 -16.13
C GLY B 740 23.11 -35.11 -15.03
N GLU B 741 24.29 -34.62 -15.38
CA GLU B 741 25.41 -34.62 -14.45
C GLU B 741 25.22 -33.57 -13.36
N ARG B 742 24.69 -32.39 -13.73
CA ARG B 742 24.55 -31.30 -12.77
C ARG B 742 23.37 -31.57 -11.84
N MET B 743 22.33 -32.21 -12.37
CA MET B 743 21.23 -32.68 -11.56
C MET B 743 21.68 -33.58 -10.42
N ALA B 744 22.76 -34.31 -10.62
CA ALA B 744 23.17 -35.25 -9.56
C ALA B 744 23.63 -34.56 -8.28
N PHE B 745 24.12 -33.32 -8.39
CA PHE B 745 24.44 -32.51 -7.20
C PHE B 745 23.22 -32.31 -6.32
N TYR B 746 22.12 -31.98 -6.99
CA TYR B 746 20.89 -31.64 -6.32
C TYR B 746 20.25 -32.83 -5.59
N THR B 747 20.41 -34.05 -6.09
CA THR B 747 19.86 -35.20 -5.36
C THR B 747 20.78 -35.67 -4.24
N GLN B 748 22.04 -35.24 -4.22
CA GLN B 748 22.94 -35.63 -3.14
C GLN B 748 22.30 -35.36 -1.78
N TRP B 749 21.71 -34.17 -1.67
CA TRP B 749 21.18 -33.62 -0.41
C TRP B 749 19.90 -34.31 -0.02
N VAL B 750 19.16 -34.81 -1.00
CA VAL B 750 17.97 -35.58 -0.75
C VAL B 750 18.41 -36.87 -0.08
N HIS B 751 19.40 -37.53 -0.64
CA HIS B 751 19.86 -38.81 -0.08
C HIS B 751 20.48 -38.63 1.31
N TYR B 752 21.22 -37.53 1.47
CA TYR B 752 21.90 -37.17 2.72
C TYR B 752 20.90 -36.93 3.85
N TRP B 753 19.83 -36.21 3.54
CA TRP B 753 18.83 -35.83 4.52
C TRP B 753 18.07 -37.05 4.99
N ALA B 754 17.69 -37.90 4.04
CA ALA B 754 17.05 -39.17 4.36
C ALA B 754 17.90 -39.99 5.33
N ASP B 755 19.20 -40.06 5.08
CA ASP B 755 20.11 -40.74 6.02
C ASP B 755 20.13 -39.97 7.38
N LEU B 756 20.21 -38.64 7.32
CA LEU B 756 20.28 -37.85 8.53
C LEU B 756 19.05 -38.10 9.40
N LYS B 757 17.89 -38.20 8.78
CA LYS B 757 16.65 -38.37 9.51
C LYS B 757 16.26 -39.83 9.66
N ASN B 758 17.10 -40.72 9.14
CA ASN B 758 16.86 -42.15 9.16
C ASN B 758 15.48 -42.58 8.66
N ASP B 759 15.07 -42.01 7.53
CA ASP B 759 13.69 -42.18 7.06
C ASP B 759 13.69 -41.86 5.57
N PRO B 760 13.72 -42.91 4.71
CA PRO B 760 13.71 -42.73 3.25
C PRO B 760 12.66 -41.75 2.74
N LEU B 761 11.54 -41.65 3.44
CA LEU B 761 10.41 -40.85 2.98
C LEU B 761 10.53 -39.35 3.26
N GLN B 762 11.54 -38.93 4.02
CA GLN B 762 11.72 -37.53 4.40
C GLN B 762 12.73 -36.80 3.52
N GLY B 763 13.44 -37.52 2.65
CA GLY B 763 14.67 -37.00 2.04
C GLY B 763 14.47 -35.71 1.27
N TRP B 764 13.31 -35.59 0.62
CA TRP B 764 13.05 -34.41 -0.20
C TRP B 764 12.75 -33.20 0.66
N ASP B 765 12.48 -33.42 1.95
CA ASP B 765 12.20 -32.31 2.85
C ASP B 765 13.29 -31.25 2.89
N ILE B 766 14.53 -31.63 2.60
CA ILE B 766 15.63 -30.64 2.62
C ILE B 766 15.37 -29.47 1.67
N TRP B 767 14.73 -29.77 0.54
CA TRP B 767 14.45 -28.75 -0.50
C TRP B 767 13.33 -27.88 -0.06
N THR B 768 12.33 -28.47 0.58
CA THR B 768 11.24 -27.69 1.17
C THR B 768 11.80 -26.76 2.26
N LEU B 769 12.71 -27.28 3.08
CA LEU B 769 13.32 -26.48 4.13
C LEU B 769 14.18 -25.33 3.59
N LEU B 770 14.98 -25.61 2.55
CA LEU B 770 15.75 -24.56 1.90
C LEU B 770 14.86 -23.51 1.26
N TYR B 771 13.74 -23.91 0.68
CA TYR B 771 12.82 -22.95 0.08
C TYR B 771 12.22 -22.05 1.15
N LEU B 772 11.89 -22.64 2.29
CA LEU B 772 11.33 -21.87 3.40
C LEU B 772 12.38 -20.94 3.96
N HIS B 773 13.58 -21.47 4.16
CA HIS B 773 14.71 -20.65 4.59
C HIS B 773 14.97 -19.49 3.61
N GLN B 774 14.97 -19.76 2.30
CA GLN B 774 15.39 -18.73 1.31
C GLN B 774 14.41 -17.57 1.25
N ARG B 775 13.10 -17.85 1.32
CA ARG B 775 12.13 -16.75 1.34
C ARG B 775 12.31 -15.86 2.59
N GLN B 776 12.73 -16.47 3.70
CA GLN B 776 12.99 -15.72 4.92
C GLN B 776 14.17 -14.83 4.67
N VAL B 777 15.19 -15.42 4.09
CA VAL B 777 16.40 -14.69 3.79
C VAL B 777 16.07 -13.52 2.84
N ASP B 778 15.21 -13.81 1.87
CA ASP B 778 14.81 -12.83 0.86
C ASP B 778 14.08 -11.62 1.45
N LYS B 779 13.09 -11.85 2.30
CA LYS B 779 12.17 -10.79 2.69
C LYS B 779 11.99 -10.56 4.16
N SER B 780 12.57 -11.38 5.05
CA SER B 780 12.44 -11.08 6.49
C SER B 780 13.25 -9.83 6.82
N ASP B 781 12.85 -9.14 7.89
CA ASP B 781 13.61 -8.00 8.42
C ASP B 781 15.04 -8.49 8.73
N TRP B 782 16.04 -7.89 8.11
CA TRP B 782 17.38 -8.43 8.22
C TRP B 782 17.89 -8.49 9.68
N ASP B 783 17.85 -7.35 10.35
CA ASP B 783 18.43 -7.24 11.69
C ASP B 783 17.78 -8.20 12.64
N ALA B 784 16.45 -8.28 12.59
CA ALA B 784 15.70 -9.11 13.54
C ALA B 784 15.73 -10.63 13.29
N ASN B 785 15.95 -11.05 12.05
CA ASN B 785 15.83 -12.48 11.72
C ASN B 785 17.11 -13.20 11.32
N LYS B 786 18.19 -12.47 11.10
CA LYS B 786 19.44 -13.05 10.61
C LYS B 786 20.06 -14.14 11.52
N ALA B 787 20.00 -13.95 12.83
CA ALA B 787 20.61 -14.93 13.73
C ALA B 787 19.89 -16.27 13.57
N ALA B 788 18.56 -16.21 13.47
CA ALA B 788 17.75 -17.40 13.32
C ALA B 788 18.02 -18.14 11.99
N LEU B 789 18.47 -17.39 10.99
CA LEU B 789 18.77 -17.93 9.67
C LEU B 789 20.24 -18.28 9.38
N GLY B 790 21.10 -18.30 10.40
CA GLY B 790 22.53 -18.61 10.20
C GLY B 790 23.29 -17.54 9.41
N TYR B 791 22.85 -16.29 9.56
CA TYR B 791 23.45 -15.17 8.86
C TYR B 791 23.81 -14.04 9.84
N GLY B 792 24.08 -14.40 11.09
CA GLY B 792 24.48 -13.43 12.14
C GLY B 792 25.64 -12.48 11.84
N THR B 793 26.61 -12.93 11.04
CA THR B 793 27.79 -12.14 10.76
C THR B 793 27.59 -11.15 9.64
N TYR B 794 26.48 -11.25 8.91
CA TYR B 794 26.24 -10.38 7.76
C TYR B 794 25.56 -9.10 8.20
N ALA B 795 26.22 -7.97 7.94
CA ALA B 795 25.68 -6.65 8.26
C ALA B 795 24.46 -6.31 7.42
N GLN B 796 24.38 -6.91 6.23
CA GLN B 796 23.24 -6.73 5.32
C GLN B 796 22.80 -8.01 4.64
N ARG B 797 21.58 -7.97 4.10
CA ARG B 797 21.03 -9.05 3.31
C ARG B 797 22.01 -9.39 2.20
N PRO B 798 22.30 -10.69 2.01
CA PRO B 798 23.16 -11.05 0.89
C PRO B 798 22.44 -10.83 -0.42
N GLY B 799 23.20 -10.67 -1.50
CA GLY B 799 22.62 -10.36 -2.80
C GLY B 799 21.90 -11.54 -3.43
N ASN B 800 21.29 -11.26 -4.59
CA ASN B 800 20.44 -12.19 -5.28
C ASN B 800 20.76 -12.29 -6.78
N SER B 801 22.04 -12.19 -7.12
CA SER B 801 22.45 -12.28 -8.52
C SER B 801 22.24 -13.67 -9.10
N GLY B 802 21.84 -13.69 -10.38
CA GLY B 802 21.81 -14.90 -11.18
C GLY B 802 22.96 -15.07 -12.18
N ASP B 803 23.97 -14.20 -12.14
CA ASP B 803 25.15 -14.34 -13.02
C ASP B 803 25.93 -15.56 -12.59
N ALA B 804 26.49 -16.26 -13.56
CA ALA B 804 27.29 -17.47 -13.29
C ALA B 804 28.60 -17.15 -12.63
N SER B 805 29.03 -15.91 -12.77
CA SER B 805 30.22 -15.40 -12.13
C SER B 805 29.99 -14.96 -10.68
N SER B 806 28.78 -15.15 -10.15
CA SER B 806 28.47 -14.73 -8.77
C SER B 806 28.43 -15.91 -7.84
N THR B 807 28.84 -15.66 -6.60
CA THR B 807 28.76 -16.63 -5.52
C THR B 807 27.44 -16.51 -4.69
N ASP B 808 26.51 -15.66 -5.11
CA ASP B 808 25.24 -15.47 -4.36
C ASP B 808 24.43 -16.78 -4.18
N GLY B 809 24.42 -17.64 -5.20
CA GLY B 809 23.66 -18.91 -5.10
C GLY B 809 24.41 -19.97 -4.33
N ASN B 810 25.62 -20.24 -4.80
CA ASN B 810 26.58 -21.04 -4.06
C ASN B 810 26.58 -20.77 -2.55
N ASP B 811 26.75 -19.51 -2.19
CA ASP B 811 26.95 -19.12 -0.79
C ASP B 811 25.76 -19.54 0.05
N ASN B 812 24.57 -19.15 -0.39
CA ASN B 812 23.32 -19.41 0.32
C ASN B 812 23.02 -20.90 0.45
N LEU B 813 23.33 -21.66 -0.60
CA LEU B 813 23.18 -23.11 -0.57
C LEU B 813 24.11 -23.66 0.48
N LEU B 814 25.36 -23.20 0.46
CA LEU B 814 26.33 -23.69 1.47
C LEU B 814 25.86 -23.39 2.90
N LEU B 815 25.46 -22.13 3.12
CA LEU B 815 25.02 -21.70 4.44
C LEU B 815 23.74 -22.44 4.85
N GLY B 816 22.80 -22.54 3.91
CA GLY B 816 21.52 -23.17 4.20
C GLY B 816 21.67 -24.64 4.49
N LEU B 817 22.38 -25.34 3.62
CA LEU B 817 22.60 -26.78 3.84
C LEU B 817 23.41 -27.02 5.13
N SER B 818 24.46 -26.24 5.34
CA SER B 818 25.26 -26.40 6.54
C SER B 818 24.37 -26.12 7.79
N TRP B 819 23.64 -25.01 7.76
CA TRP B 819 22.83 -24.60 8.91
C TRP B 819 21.76 -25.65 9.24
N LEU B 820 21.10 -26.17 8.21
CA LEU B 820 20.06 -27.20 8.38
C LEU B 820 20.58 -28.58 8.78
N THR B 821 21.71 -29.00 8.21
CA THR B 821 22.29 -30.31 8.53
C THR B 821 23.12 -30.25 9.81
N GLN B 822 23.46 -29.04 10.23
CA GLN B 822 24.34 -28.79 11.38
C GLN B 822 25.72 -29.41 11.22
N ARG B 823 26.23 -29.39 9.99
CA ARG B 823 27.57 -29.85 9.72
C ARG B 823 28.17 -28.88 8.74
N ASP B 824 29.46 -28.68 8.84
CA ASP B 824 30.16 -27.84 7.91
C ASP B 824 30.33 -28.63 6.57
N GLN B 825 29.64 -28.17 5.52
CA GLN B 825 29.60 -28.91 4.24
C GLN B 825 30.57 -28.39 3.21
N ARG B 826 31.59 -27.68 3.61
CA ARG B 826 32.53 -27.15 2.64
C ARG B 826 33.27 -28.22 1.83
N PRO B 827 33.66 -29.34 2.47
CA PRO B 827 34.38 -30.33 1.67
C PRO B 827 33.56 -30.94 0.51
N THR B 828 32.28 -31.22 0.75
CA THR B 828 31.41 -31.69 -0.33
C THR B 828 31.20 -30.60 -1.40
N PHE B 829 31.14 -29.33 -1.02
CA PHE B 829 31.07 -28.26 -2.03
C PHE B 829 32.32 -28.20 -2.88
N ALA B 830 33.48 -28.22 -2.25
CA ALA B 830 34.76 -28.33 -2.96
C ALA B 830 34.82 -29.57 -3.88
N LEU B 831 34.34 -30.70 -3.39
CA LEU B 831 34.28 -31.90 -4.20
C LEU B 831 33.52 -31.64 -5.49
N TRP B 832 32.46 -30.85 -5.42
CA TRP B 832 31.66 -30.56 -6.61
C TRP B 832 32.12 -29.34 -7.41
N GLY B 833 33.31 -28.82 -7.13
CA GLY B 833 33.83 -27.66 -7.85
C GLY B 833 33.09 -26.35 -7.67
N ILE B 834 32.48 -26.18 -6.50
CA ILE B 834 31.63 -25.03 -6.21
C ILE B 834 32.31 -24.06 -5.24
N ARG B 835 32.65 -22.88 -5.77
CA ARG B 835 33.34 -21.85 -5.02
C ARG B 835 32.38 -21.00 -4.18
N THR B 836 32.84 -20.54 -3.03
CA THR B 836 32.07 -19.62 -2.16
C THR B 836 32.91 -18.46 -1.66
N SER B 837 32.23 -17.44 -1.16
CA SER B 837 32.88 -16.20 -0.79
C SER B 837 33.56 -16.29 0.57
N ALA B 838 34.42 -15.32 0.85
CA ALA B 838 35.14 -15.28 2.13
C ALA B 838 34.13 -15.10 3.24
N ALA B 839 33.16 -14.21 3.00
CA ALA B 839 32.09 -13.94 3.95
C ALA B 839 31.35 -15.19 4.38
N ALA B 840 30.97 -16.02 3.40
CA ALA B 840 30.17 -17.20 3.67
C ALA B 840 30.99 -18.27 4.34
N GLN B 841 32.27 -18.34 4.01
CA GLN B 841 33.15 -19.28 4.71
C GLN B 841 33.33 -18.91 6.17
N ALA B 842 33.46 -17.62 6.47
CA ALA B 842 33.63 -17.17 7.86
C ALA B 842 32.37 -17.46 8.67
N GLN B 843 31.23 -17.20 8.04
CA GLN B 843 29.94 -17.49 8.63
C GLN B 843 29.84 -18.99 8.94
N VAL B 844 30.27 -19.84 8.02
CA VAL B 844 30.24 -21.29 8.24
C VAL B 844 31.09 -21.67 9.45
N ALA B 845 32.32 -21.16 9.49
CA ALA B 845 33.22 -21.42 10.63
C ALA B 845 32.58 -20.98 11.95
N ALA B 846 31.91 -19.83 11.92
CA ALA B 846 31.27 -19.27 13.12
C ALA B 846 30.16 -20.16 13.69
N TYR B 847 29.57 -21.02 12.85
CA TYR B 847 28.61 -22.02 13.32
C TYR B 847 29.23 -23.02 14.31
N GLY B 848 30.51 -23.35 14.13
CA GLY B 848 31.21 -24.29 15.03
C GLY B 848 30.73 -25.73 14.92
N PHE B 849 30.25 -26.14 13.75
CA PHE B 849 29.85 -27.52 13.52
C PHE B 849 31.07 -28.33 13.12
N ALA B 850 31.03 -29.64 13.40
CA ALA B 850 32.02 -30.57 12.87
C ALA B 850 31.97 -30.57 11.35
N GLU B 851 33.07 -30.85 10.71
CA GLU B 851 33.05 -31.03 9.28
C GLU B 851 32.25 -32.27 8.95
N GLN B 852 31.50 -32.20 7.85
CA GLN B 852 31.09 -33.41 7.14
C GLN B 852 32.19 -33.66 6.12
N PRO B 853 32.92 -34.78 6.28
CA PRO B 853 33.89 -35.10 5.24
C PRO B 853 33.21 -35.31 3.88
N ALA B 854 33.88 -34.92 2.82
CA ALA B 854 33.42 -35.14 1.48
C ALA B 854 32.78 -36.53 1.33
N PHE B 855 31.61 -36.55 0.70
CA PHE B 855 30.90 -37.78 0.40
C PHE B 855 30.33 -37.70 -1.02
N PHE B 856 29.76 -38.79 -1.49
CA PHE B 856 29.06 -38.82 -2.78
C PHE B 856 28.11 -40.01 -2.74
N TYR B 857 26.85 -39.75 -3.10
CA TYR B 857 25.84 -40.80 -3.24
C TYR B 857 25.71 -41.21 -4.70
N ALA B 858 25.76 -42.52 -4.92
CA ALA B 858 25.78 -43.12 -6.25
C ALA B 858 24.58 -44.02 -6.42
N ASN B 859 23.97 -43.96 -7.61
CA ASN B 859 22.91 -44.88 -7.96
C ASN B 859 22.94 -45.14 -9.45
N ASN B 860 22.39 -46.28 -9.85
CA ASN B 860 22.30 -46.63 -11.27
C ASN B 860 20.87 -46.52 -11.81
N ARG B 861 20.01 -45.83 -11.06
CA ARG B 861 18.64 -45.48 -11.44
C ARG B 861 18.31 -44.09 -10.83
N THR B 862 17.40 -43.35 -11.46
CA THR B 862 16.98 -42.06 -10.96
C THR B 862 15.94 -42.14 -9.84
N ASN B 863 14.88 -42.88 -10.09
CA ASN B 863 13.68 -42.85 -9.25
C ASN B 863 13.66 -43.78 -8.04
N GLU B 864 14.55 -44.77 -8.00
CA GLU B 864 14.48 -45.81 -6.97
C GLU B 864 15.67 -45.72 -6.02
N TYR B 865 15.41 -45.26 -4.80
CA TYR B 865 16.46 -44.85 -3.87
C TYR B 865 16.99 -46.01 -3.02
N SER B 866 16.20 -47.07 -2.85
CA SER B 866 16.67 -48.21 -2.05
C SER B 866 18.07 -48.74 -2.42
N THR B 867 18.51 -48.54 -3.67
CA THR B 867 19.82 -49.04 -4.11
C THR B 867 20.99 -48.08 -3.97
N VAL B 868 20.74 -46.85 -3.54
CA VAL B 868 21.78 -45.82 -3.49
C VAL B 868 22.95 -46.22 -2.58
N LYS B 869 24.16 -45.84 -2.97
CA LYS B 869 25.36 -46.19 -2.20
C LYS B 869 26.16 -44.96 -1.79
N LEU B 870 26.51 -44.91 -0.50
CA LEU B 870 27.31 -43.82 0.04
C LEU B 870 28.81 -44.13 -0.11
N LEU B 871 29.53 -43.21 -0.74
CA LEU B 871 30.98 -43.31 -0.86
C LEU B 871 31.65 -42.25 0.01
N ASP B 872 32.65 -42.66 0.79
CA ASP B 872 33.53 -41.71 1.49
C ASP B 872 34.52 -41.23 0.46
N MET B 873 34.56 -39.91 0.27
CA MET B 873 35.45 -39.29 -0.70
C MET B 873 36.61 -38.55 -0.02
N SER B 874 36.78 -38.72 1.29
CA SER B 874 37.78 -37.93 2.02
C SER B 874 39.17 -38.53 1.93
N GLN B 875 39.25 -39.86 1.94
CA GLN B 875 40.53 -40.55 1.82
C GLN B 875 40.97 -40.66 0.36
N GLY B 876 40.02 -40.84 -0.56
CA GLY B 876 40.38 -41.02 -1.95
C GLY B 876 39.16 -41.10 -2.82
N SER B 877 39.21 -41.95 -3.83
CA SER B 877 38.10 -42.05 -4.77
C SER B 877 37.78 -43.50 -5.01
N PRO B 878 36.82 -44.07 -4.25
CA PRO B 878 36.47 -45.45 -4.49
C PRO B 878 35.99 -45.71 -5.90
N ALA B 879 35.99 -46.97 -6.30
CA ALA B 879 35.57 -47.33 -7.63
C ALA B 879 34.05 -47.11 -7.73
N TRP B 880 33.57 -46.84 -8.93
CA TRP B 880 32.13 -46.76 -9.15
C TRP B 880 31.49 -48.06 -8.71
N PRO B 881 30.59 -48.02 -7.71
CA PRO B 881 30.16 -49.27 -7.05
C PRO B 881 29.10 -50.16 -7.73
N PHE B 882 28.81 -49.97 -9.02
CA PHE B 882 27.85 -50.84 -9.73
C PHE B 882 28.50 -51.45 -10.96
N PRO B 883 28.10 -52.68 -11.34
CA PRO B 883 28.57 -53.33 -12.57
C PRO B 883 28.19 -52.57 -13.84
N LEU B 884 28.99 -52.71 -14.90
CA LEU B 884 28.69 -52.09 -16.21
C LEU B 884 28.18 -53.12 -17.24
O5 A2G C . -19.17 25.71 22.56
C1 A2G C . -18.16 26.60 22.05
C2 A2G C . -18.70 28.05 21.95
N2 A2G C . -17.68 28.94 21.41
C3 A2G C . -19.21 28.51 23.32
O3 A2G C . -19.75 29.84 23.30
C4 A2G C . -20.22 27.49 23.84
O4 A2G C . -21.38 27.50 22.98
C5 A2G C . -19.55 26.10 23.89
C6 A2G C . -20.36 25.00 24.59
O6 A2G C . -21.33 24.45 23.70
C7 A2G C . -17.63 29.43 20.17
O7 A2G C . -18.46 29.21 19.31
C8 A2G C . -16.46 30.32 19.87
C1 GAL C . -19.40 30.60 24.47
C2 GAL C . -19.53 32.09 24.29
C3 GAL C . -18.95 32.73 25.54
C4 GAL C . -19.65 32.21 26.79
C5 GAL C . -19.80 30.67 26.80
C6 GAL C . -20.78 30.20 27.86
O2 GAL C . -18.82 32.49 23.15
O3 GAL C . -19.13 34.12 25.43
O4 GAL C . -20.93 32.79 26.89
O5 GAL C . -20.23 30.21 25.54
O6 GAL C . -20.45 28.88 28.26
O5 A2G D . 10.80 -30.82 -21.45
C1 A2G D . 12.15 -30.32 -21.29
C2 A2G D . 13.17 -31.47 -21.28
N2 A2G D . 14.50 -30.93 -21.05
C3 A2G D . 13.08 -32.17 -22.63
O3 A2G D . 14.05 -33.22 -22.75
C4 A2G D . 11.66 -32.72 -22.81
O4 A2G D . 11.45 -33.79 -21.89
C5 A2G D . 10.58 -31.62 -22.62
C6 A2G D . 9.19 -32.23 -22.55
O6 A2G D . 8.20 -31.24 -22.89
C7 A2G D . 15.15 -31.05 -19.89
O7 A2G D . 14.70 -31.62 -18.90
C8 A2G D . 16.50 -30.40 -19.89
C1 GAL D . 14.82 -33.03 -23.95
C2 GAL D . 15.93 -34.01 -23.63
C3 GAL D . 16.85 -34.03 -24.83
C4 GAL D . 16.10 -34.30 -26.14
C5 GAL D . 14.83 -33.45 -26.27
C6 GAL D . 13.96 -33.94 -27.44
O2 GAL D . 16.66 -33.60 -22.49
O3 GAL D . 17.76 -35.07 -24.59
O4 GAL D . 15.77 -35.68 -26.21
O5 GAL D . 14.10 -33.51 -25.06
O6 GAL D . 13.27 -32.87 -28.05
P PO4 E . -24.53 27.93 23.68
O1 PO4 E . -23.32 28.21 24.57
O2 PO4 E . -24.16 28.31 22.25
O3 PO4 E . -25.70 28.77 24.15
O4 PO4 E . -24.95 26.48 23.75
P PO4 F . 11.28 -13.62 42.82
O1 PO4 F . 12.00 -12.75 43.84
O2 PO4 F . 10.50 -12.74 41.86
O3 PO4 F . 12.29 -14.47 42.08
O4 PO4 F . 10.33 -14.52 43.58
ZN ZN G . -13.59 25.61 19.20
C1 EDO H . -26.16 30.85 9.41
O1 EDO H . -25.54 32.03 8.91
C2 EDO H . -27.39 31.15 10.26
O2 EDO H . -27.74 30.02 11.07
C1 EDO I . -13.42 12.26 29.66
O1 EDO I . -12.52 12.30 28.53
C2 EDO I . -14.88 12.24 29.24
O2 EDO I . -15.61 11.20 29.92
C1 EDO J . -24.08 20.54 10.72
O1 EDO J . -23.19 21.35 9.95
C2 EDO J . -23.62 20.39 12.17
O2 EDO J . -23.68 19.06 12.69
C1 EDO K . -11.20 -1.25 32.24
O1 EDO K . -12.61 -1.51 32.12
C2 EDO K . -10.85 0.17 31.87
O2 EDO K . -9.47 0.41 32.12
C1 EDO L . 3.05 24.63 -16.82
O1 EDO L . 1.71 24.15 -17.07
C2 EDO L . 3.14 26.04 -16.21
O2 EDO L . 2.45 26.13 -14.95
C1 EDO M . -7.16 1.48 25.42
O1 EDO M . -6.40 2.64 25.77
C2 EDO M . -8.13 1.84 24.27
O2 EDO M . -9.47 2.14 24.72
C1 EDO N . -27.16 38.89 14.49
O1 EDO N . -26.09 37.95 14.68
C2 EDO N . -27.19 39.99 15.57
O2 EDO N . -26.08 40.88 15.45
C1 EDO O . -12.29 24.36 43.53
O1 EDO O . -13.56 23.87 43.05
C2 EDO O . -11.52 23.19 44.11
O2 EDO O . -10.13 23.50 44.24
C1 EDO P . -6.55 21.01 27.37
O1 EDO P . -6.58 19.72 26.73
C2 EDO P . -5.60 20.95 28.55
O2 EDO P . -5.83 19.68 29.18
C1 EDO Q . -28.44 19.10 27.39
O1 EDO Q . -28.92 18.25 26.32
C2 EDO Q . -28.42 20.58 27.00
O2 EDO Q . -29.67 20.95 26.39
C1 EDO R . -1.31 0.37 17.14
O1 EDO R . -2.38 1.31 16.98
C2 EDO R . -1.88 -1.03 16.98
O2 EDO R . -1.47 -1.85 18.08
C1 EDO S . 8.03 0.00 61.30
O1 EDO S . 6.96 -0.37 60.42
C2 EDO S . 8.42 1.45 61.13
O2 EDO S . 7.31 2.28 61.46
C1 EDO T . -12.31 -15.64 21.84
O1 EDO T . -13.58 -16.20 22.23
C2 EDO T . -11.14 -16.55 22.19
O2 EDO T . -11.46 -17.41 23.30
C1 EDO U . -30.46 40.22 -0.60
O1 EDO U . -30.25 38.90 -1.13
C2 EDO U . -30.94 41.14 -1.71
O2 EDO U . -29.86 41.39 -2.59
C1 EDO V . 21.43 10.77 16.18
O1 EDO V . 22.71 11.20 15.70
C2 EDO V . 21.61 9.46 16.94
O2 EDO V . 22.84 8.82 16.54
N SER W . -16.10 25.07 25.43
CA SER W . -15.40 25.09 24.12
C SER W . -14.36 26.18 24.01
O SER W . -13.48 26.09 23.16
CB SER W . -16.43 25.21 22.98
OG SER W . -16.98 26.54 22.88
OXT SER W . -14.35 27.18 24.74
P PO4 X . -13.87 11.94 -42.62
O1 PO4 X . -13.92 13.21 -41.79
O2 PO4 X . -13.07 12.18 -43.91
O3 PO4 X . -15.25 11.49 -43.04
O4 PO4 X . -13.20 10.88 -41.77
P PO4 Y . 10.09 -36.77 -22.03
O1 PO4 Y . 10.89 -36.63 -20.73
O2 PO4 Y . 10.68 -35.86 -23.10
O3 PO4 Y . 10.12 -38.20 -22.51
O4 PO4 Y . 8.64 -36.38 -21.85
P PO4 Z . 20.70 24.30 -43.16
O1 PO4 Z . 21.72 25.40 -42.97
O2 PO4 Z . 19.59 24.55 -42.16
O3 PO4 Z . 21.40 23.00 -42.84
O4 PO4 Z . 20.14 24.30 -44.58
ZN ZN AA . 13.69 -25.69 -19.21
C1 EDO BA . -13.66 -0.88 -33.18
O1 EDO BA . -14.95 -0.29 -32.99
C2 EDO BA . -12.61 -0.14 -32.35
O2 EDO BA . -12.43 -0.83 -31.11
C1 EDO CA . -10.79 -12.80 -29.37
O1 EDO CA . -12.02 -13.32 -29.88
C2 EDO CA . -9.86 -12.47 -30.53
O2 EDO CA . -8.81 -11.66 -30.03
C1 EDO DA . -6.02 -10.99 -22.86
O1 EDO DA . -6.37 -12.35 -23.08
C2 EDO DA . -5.99 -10.24 -24.20
O2 EDO DA . -5.62 -8.87 -24.05
C1 EDO EA . 3.01 -33.20 1.48
O1 EDO EA . 3.71 -34.44 1.66
C2 EDO EA . 1.67 -33.22 2.22
O2 EDO EA . 1.04 -31.94 2.09
C1 EDO FA . 1.50 -29.60 -38.37
O1 EDO FA . 1.01 -28.55 -39.22
C2 EDO FA . 0.34 -30.16 -37.56
O2 EDO FA . -0.23 -29.14 -36.71
C1 EDO GA . 35.07 -24.56 -0.56
O1 EDO GA . 35.31 -25.33 0.63
C2 EDO GA . 33.61 -24.68 -0.95
O2 EDO GA . 33.15 -23.39 -1.33
C1 EDO HA . 10.94 -24.05 -44.71
O1 EDO HA . 10.17 -23.44 -45.76
C2 EDO HA . 10.07 -25.10 -44.02
O2 EDO HA . 8.70 -24.69 -43.91
C1 EDO IA . -4.06 -4.18 -17.13
O1 EDO IA . -2.76 -4.49 -16.58
C2 EDO IA . -4.60 -2.92 -16.47
O2 EDO IA . -4.65 -1.86 -17.43
C1 EDO JA . 15.38 13.91 -20.79
O1 EDO JA . 15.96 12.66 -20.39
C2 EDO JA . 13.85 13.85 -20.71
O2 EDO JA . 13.33 14.75 -19.72
C1 EDO KA . 21.45 -45.48 2.56
O1 EDO KA . 20.81 -44.23 2.27
C2 EDO KA . 22.85 -45.55 1.95
O2 EDO KA . 23.79 -44.80 2.72
C1 EDO LA . 4.22 -1.95 -52.70
O1 EDO LA . 4.45 -0.62 -52.19
C2 EDO LA . 2.72 -2.18 -52.70
O2 EDO LA . 2.25 -2.35 -51.36
N SER MA . 11.51 -28.47 -24.70
CA SER MA . 11.80 -27.49 -23.62
C SER MA . 13.18 -26.94 -23.79
O SER MA . 13.93 -27.40 -24.66
CB SER MA . 11.69 -28.21 -22.27
OG SER MA . 12.49 -29.39 -22.31
OXT SER MA . 13.56 -26.03 -23.05
#